data_1O48
# 
_entry.id   1O48 
# 
_audit_conform.dict_name       mmcif_pdbx.dic 
_audit_conform.dict_version    5.376 
_audit_conform.dict_location   http://mmcif.pdb.org/dictionaries/ascii/mmcif_pdbx.dic 
# 
loop_
_database_2.database_id 
_database_2.database_code 
_database_2.pdbx_database_accession 
_database_2.pdbx_DOI 
PDB   1O48         pdb_00001o48 10.2210/pdb1o48/pdb 
RCSB  RCSB001783   ?            ?                   
WWPDB D_1000001783 ?            ?                   
# 
_pdbx_database_status.status_code                     REL 
_pdbx_database_status.entry_id                        1O48 
_pdbx_database_status.recvd_initial_deposition_date   2003-06-15 
_pdbx_database_status.deposit_site                    RCSB 
_pdbx_database_status.process_site                    RCSB 
_pdbx_database_status.SG_entry                        . 
_pdbx_database_status.pdb_format_compatible           Y 
_pdbx_database_status.status_code_mr                  ? 
_pdbx_database_status.status_code_sf                  ? 
_pdbx_database_status.status_code_cs                  ? 
_pdbx_database_status.status_code_nmr_data            ? 
_pdbx_database_status.methods_development_category    ? 
# 
loop_
_audit_author.name 
_audit_author.pdbx_ordinal 
'Lange, G.'  1 
'Loenze, P.' 2 
'Liesum, A.' 3 
# 
_citation.id                        primary 
_citation.title                     
;Requirements for specific binding of low affinity inhibitor fragments to the SH2 domain of (pp60)Src are identical to those for high affinity binding of full length inhibitors.
;
_citation.journal_abbrev            J.Med.Chem. 
_citation.journal_volume            46 
_citation.page_first                5184 
_citation.page_last                 5195 
_citation.year                      2003 
_citation.journal_id_ASTM           JMCMAR 
_citation.country                   US 
_citation.journal_id_ISSN           0022-2623 
_citation.journal_id_CSD            0151 
_citation.book_publisher            ? 
_citation.pdbx_database_id_PubMed   14613321 
_citation.pdbx_database_id_DOI      10.1021/jm020970s 
# 
loop_
_citation_author.citation_id 
_citation_author.name 
_citation_author.ordinal 
_citation_author.identifier_ORCID 
primary 'Lange, G.'       1  ? 
primary 'Lesuisse, D.'    2  ? 
primary 'Deprez, P.'      3  ? 
primary 'Schoot, B.'      4  ? 
primary 'Loenze, P.'      5  ? 
primary 'Benard, D.'      6  ? 
primary 'Marquette, J.P.' 7  ? 
primary 'Broto, P.'       8  ? 
primary 'Sarubbi, E.'     9  ? 
primary 'Mandine, E.'     10 ? 
# 
_cell.entry_id           1O48 
_cell.length_a           26.515 
_cell.length_b           58.964 
_cell.length_c           64.236 
_cell.angle_alpha        90.00 
_cell.angle_beta         90.00 
_cell.angle_gamma        90.00 
_cell.Z_PDB              4 
_cell.pdbx_unique_axis   ? 
# 
_symmetry.entry_id                         1O48 
_symmetry.space_group_name_H-M             'P 21 21 21' 
_symmetry.pdbx_full_space_group_name_H-M   ? 
_symmetry.cell_setting                     ? 
_symmetry.Int_Tables_number                19 
# 
loop_
_entity.id 
_entity.type 
_entity.src_method 
_entity.pdbx_description 
_entity.formula_weight 
_entity.pdbx_number_of_molecules 
_entity.pdbx_ec 
_entity.pdbx_mutation 
_entity.pdbx_fragment 
_entity.details 
1 polymer     man 'PROTO-ONCOGENE TYROSINE-PROTEIN KINASE SRC'                                                                
12374.964 1   2.7.1.112 ? 'SH2 DOMAIN' ? 
2 non-polymer syn '5-[2-ACETYLAMINO-2-(1-BIPHENYL-4-YLMETHYL-2-OXO-AZEPAN-3-YLCARBAMOYL)-ETHYL]-2-CARBOXYMETHYL-BENZOIC ACID' 
585.647   1   ?         ? ?            ? 
3 water       nat water                                                                                                       
18.015    186 ?         ? ?            ? 
# 
_entity_name_com.entity_id   1 
_entity_name_com.name        'P60-SRC, C-SRC' 
# 
_entity_poly.entity_id                      1 
_entity_poly.type                           'polypeptide(L)' 
_entity_poly.nstd_linkage                   no 
_entity_poly.nstd_monomer                   no 
_entity_poly.pdbx_seq_one_letter_code       
;SIQAEEWYFGKITRRESERLLLNAENPRGTFLVRESETTKGAYCLSVSDFDNAKGLNVKHYKIRKLDSGGFYITSRTQFN
SLQQLVAYYSKHADGLCHRLTTVCPTSK
;
_entity_poly.pdbx_seq_one_letter_code_can   
;SIQAEEWYFGKITRRESERLLLNAENPRGTFLVRESETTKGAYCLSVSDFDNAKGLNVKHYKIRKLDSGGFYITSRTQFN
SLQQLVAYYSKHADGLCHRLTTVCPTSK
;
_entity_poly.pdbx_strand_id                 A 
_entity_poly.pdbx_target_identifier         ? 
# 
loop_
_entity_poly_seq.entity_id 
_entity_poly_seq.num 
_entity_poly_seq.mon_id 
_entity_poly_seq.hetero 
1 1   SER n 
1 2   ILE n 
1 3   GLN n 
1 4   ALA n 
1 5   GLU n 
1 6   GLU n 
1 7   TRP n 
1 8   TYR n 
1 9   PHE n 
1 10  GLY n 
1 11  LYS n 
1 12  ILE n 
1 13  THR n 
1 14  ARG n 
1 15  ARG n 
1 16  GLU n 
1 17  SER n 
1 18  GLU n 
1 19  ARG n 
1 20  LEU n 
1 21  LEU n 
1 22  LEU n 
1 23  ASN n 
1 24  ALA n 
1 25  GLU n 
1 26  ASN n 
1 27  PRO n 
1 28  ARG n 
1 29  GLY n 
1 30  THR n 
1 31  PHE n 
1 32  LEU n 
1 33  VAL n 
1 34  ARG n 
1 35  GLU n 
1 36  SER n 
1 37  GLU n 
1 38  THR n 
1 39  THR n 
1 40  LYS n 
1 41  GLY n 
1 42  ALA n 
1 43  TYR n 
1 44  CYS n 
1 45  LEU n 
1 46  SER n 
1 47  VAL n 
1 48  SER n 
1 49  ASP n 
1 50  PHE n 
1 51  ASP n 
1 52  ASN n 
1 53  ALA n 
1 54  LYS n 
1 55  GLY n 
1 56  LEU n 
1 57  ASN n 
1 58  VAL n 
1 59  LYS n 
1 60  HIS n 
1 61  TYR n 
1 62  LYS n 
1 63  ILE n 
1 64  ARG n 
1 65  LYS n 
1 66  LEU n 
1 67  ASP n 
1 68  SER n 
1 69  GLY n 
1 70  GLY n 
1 71  PHE n 
1 72  TYR n 
1 73  ILE n 
1 74  THR n 
1 75  SER n 
1 76  ARG n 
1 77  THR n 
1 78  GLN n 
1 79  PHE n 
1 80  ASN n 
1 81  SER n 
1 82  LEU n 
1 83  GLN n 
1 84  GLN n 
1 85  LEU n 
1 86  VAL n 
1 87  ALA n 
1 88  TYR n 
1 89  TYR n 
1 90  SER n 
1 91  LYS n 
1 92  HIS n 
1 93  ALA n 
1 94  ASP n 
1 95  GLY n 
1 96  LEU n 
1 97  CYS n 
1 98  HIS n 
1 99  ARG n 
1 100 LEU n 
1 101 THR n 
1 102 THR n 
1 103 VAL n 
1 104 CYS n 
1 105 PRO n 
1 106 THR n 
1 107 SER n 
1 108 LYS n 
# 
_entity_src_gen.entity_id                          1 
_entity_src_gen.pdbx_src_id                        1 
_entity_src_gen.pdbx_alt_source_flag               sample 
_entity_src_gen.pdbx_seq_type                      ? 
_entity_src_gen.pdbx_beg_seq_num                   ? 
_entity_src_gen.pdbx_end_seq_num                   ? 
_entity_src_gen.gene_src_common_name               human 
_entity_src_gen.gene_src_genus                     Homo 
_entity_src_gen.pdbx_gene_src_gene                 SRC 
_entity_src_gen.gene_src_species                   ? 
_entity_src_gen.gene_src_strain                    ? 
_entity_src_gen.gene_src_tissue                    ? 
_entity_src_gen.gene_src_tissue_fraction           ? 
_entity_src_gen.gene_src_details                   ? 
_entity_src_gen.pdbx_gene_src_fragment             ? 
_entity_src_gen.pdbx_gene_src_scientific_name      'Homo sapiens' 
_entity_src_gen.pdbx_gene_src_ncbi_taxonomy_id     9606 
_entity_src_gen.pdbx_gene_src_variant              ? 
_entity_src_gen.pdbx_gene_src_cell_line            ? 
_entity_src_gen.pdbx_gene_src_atcc                 ? 
_entity_src_gen.pdbx_gene_src_organ                ? 
_entity_src_gen.pdbx_gene_src_organelle            ? 
_entity_src_gen.pdbx_gene_src_cell                 ? 
_entity_src_gen.pdbx_gene_src_cellular_location    ? 
_entity_src_gen.host_org_common_name               ? 
_entity_src_gen.pdbx_host_org_scientific_name      'Escherichia coli' 
_entity_src_gen.pdbx_host_org_ncbi_taxonomy_id     562 
_entity_src_gen.host_org_genus                     Escherichia 
_entity_src_gen.pdbx_host_org_gene                 ? 
_entity_src_gen.pdbx_host_org_organ                ? 
_entity_src_gen.host_org_species                   ? 
_entity_src_gen.pdbx_host_org_tissue               ? 
_entity_src_gen.pdbx_host_org_tissue_fraction      ? 
_entity_src_gen.pdbx_host_org_strain               ? 
_entity_src_gen.pdbx_host_org_variant              ? 
_entity_src_gen.pdbx_host_org_cell_line            ? 
_entity_src_gen.pdbx_host_org_atcc                 ? 
_entity_src_gen.pdbx_host_org_culture_collection   ? 
_entity_src_gen.pdbx_host_org_cell                 ? 
_entity_src_gen.pdbx_host_org_organelle            ? 
_entity_src_gen.pdbx_host_org_cellular_location    ? 
_entity_src_gen.pdbx_host_org_vector_type          ? 
_entity_src_gen.pdbx_host_org_vector               ? 
_entity_src_gen.host_org_details                   ? 
_entity_src_gen.expression_system_id               ? 
_entity_src_gen.plasmid_name                       'BL21 (DE3)' 
_entity_src_gen.plasmid_details                    ? 
_entity_src_gen.pdbx_description                   ? 
# 
_struct_ref.id                         1 
_struct_ref.db_name                    UNP 
_struct_ref.db_code                    SRC_HUMAN 
_struct_ref.pdbx_db_accession          P12931 
_struct_ref.entity_id                  1 
_struct_ref.pdbx_seq_one_letter_code   
;SIQAEEWYFGKITRRESERLLLNAENPRGTFLVRESETTKGAYCLSVSDFDNAKGLNVKHYKIRKLDSGGFYITSRTQFN
SLQQLVAYYSKHADGLCHRLTTVCPTSK
;
_struct_ref.pdbx_align_begin           144 
_struct_ref.pdbx_db_isoform            ? 
# 
_struct_ref_seq.align_id                      1 
_struct_ref_seq.ref_id                        1 
_struct_ref_seq.pdbx_PDB_id_code              1O48 
_struct_ref_seq.pdbx_strand_id                A 
_struct_ref_seq.seq_align_beg                 1 
_struct_ref_seq.pdbx_seq_align_beg_ins_code   ? 
_struct_ref_seq.seq_align_end                 108 
_struct_ref_seq.pdbx_seq_align_end_ins_code   ? 
_struct_ref_seq.pdbx_db_accession             P12931 
_struct_ref_seq.db_align_beg                  144 
_struct_ref_seq.pdbx_db_align_beg_ins_code    ? 
_struct_ref_seq.db_align_end                  251 
_struct_ref_seq.pdbx_db_align_end_ins_code    ? 
_struct_ref_seq.pdbx_auth_seq_align_beg       1 
_struct_ref_seq.pdbx_auth_seq_align_end       108 
# 
loop_
_chem_comp.id 
_chem_comp.type 
_chem_comp.mon_nstd_flag 
_chem_comp.name 
_chem_comp.pdbx_synonyms 
_chem_comp.formula 
_chem_comp.formula_weight 
853 non-polymer         . 
'5-[2-ACETYLAMINO-2-(1-BIPHENYL-4-YLMETHYL-2-OXO-AZEPAN-3-YLCARBAMOYL)-ETHYL]-2-CARBOXYMETHYL-BENZOIC ACID' RU85053 
'C33 H35 N3 O7'  585.647 
ALA 'L-peptide linking' y ALANINE ?       'C3 H7 N O2'     89.093  
ARG 'L-peptide linking' y ARGININE ?       'C6 H15 N4 O2 1' 175.209 
ASN 'L-peptide linking' y ASPARAGINE ?       'C4 H8 N2 O3'    132.118 
ASP 'L-peptide linking' y 'ASPARTIC ACID' ?       'C4 H7 N O4'     133.103 
CYS 'L-peptide linking' y CYSTEINE ?       'C3 H7 N O2 S'   121.158 
GLN 'L-peptide linking' y GLUTAMINE ?       'C5 H10 N2 O3'   146.144 
GLU 'L-peptide linking' y 'GLUTAMIC ACID' ?       'C5 H9 N O4'     147.129 
GLY 'peptide linking'   y GLYCINE ?       'C2 H5 N O2'     75.067  
HIS 'L-peptide linking' y HISTIDINE ?       'C6 H10 N3 O2 1' 156.162 
HOH non-polymer         . WATER ?       'H2 O'           18.015  
ILE 'L-peptide linking' y ISOLEUCINE ?       'C6 H13 N O2'    131.173 
LEU 'L-peptide linking' y LEUCINE ?       'C6 H13 N O2'    131.173 
LYS 'L-peptide linking' y LYSINE ?       'C6 H15 N2 O2 1' 147.195 
PHE 'L-peptide linking' y PHENYLALANINE ?       'C9 H11 N O2'    165.189 
PRO 'L-peptide linking' y PROLINE ?       'C5 H9 N O2'     115.130 
SER 'L-peptide linking' y SERINE ?       'C3 H7 N O3'     105.093 
THR 'L-peptide linking' y THREONINE ?       'C4 H9 N O3'     119.119 
TRP 'L-peptide linking' y TRYPTOPHAN ?       'C11 H12 N2 O2'  204.225 
TYR 'L-peptide linking' y TYROSINE ?       'C9 H11 N O3'    181.189 
VAL 'L-peptide linking' y VALINE ?       'C5 H11 N O2'    117.146 
# 
_exptl.entry_id          1O48 
_exptl.method            'X-RAY DIFFRACTION' 
_exptl.crystals_number   1 
# 
_exptl_crystal.id                    1 
_exptl_crystal.density_meas          ? 
_exptl_crystal.density_Matthews      2.2 
_exptl_crystal.density_percent_sol   41.9 
_exptl_crystal.description           ? 
# 
_exptl_crystal_grow.crystal_id      1 
_exptl_crystal_grow.method          ? 
_exptl_crystal_grow.temp            ? 
_exptl_crystal_grow.temp_details    ? 
_exptl_crystal_grow.pH              5.50 
_exptl_crystal_grow.pdbx_pH_range   ? 
_exptl_crystal_grow.pdbx_details    'pH 5.50' 
# 
_diffrn.id                     1 
_diffrn.ambient_temp           100.0 
_diffrn.ambient_temp_details   ? 
_diffrn.crystal_id             1 
# 
_diffrn_detector.diffrn_id              1 
_diffrn_detector.detector               'IMAGE PLATE' 
_diffrn_detector.type                   'MAR scanner 345 mm plate' 
_diffrn_detector.pdbx_collection_date   1999-04-21 
_diffrn_detector.details                ? 
# 
_diffrn_radiation.diffrn_id                        1 
_diffrn_radiation.wavelength_id                    1 
_diffrn_radiation.pdbx_monochromatic_or_laue_m_l   M 
_diffrn_radiation.monochromator                    GRAPHITE 
_diffrn_radiation.pdbx_diffrn_protocol             'SINGLE WAVELENGTH' 
_diffrn_radiation.pdbx_scattering_type             x-ray 
# 
_diffrn_radiation_wavelength.id           1 
_diffrn_radiation_wavelength.wavelength   1.5418 
_diffrn_radiation_wavelength.wt           1.0 
# 
_diffrn_source.diffrn_id                   1 
_diffrn_source.source                      'ROTATING ANODE' 
_diffrn_source.type                        'ELLIOTT GX-21' 
_diffrn_source.pdbx_synchrotron_site       ? 
_diffrn_source.pdbx_synchrotron_beamline   ? 
_diffrn_source.pdbx_wavelength             1.5418 
_diffrn_source.pdbx_wavelength_list        ? 
# 
_reflns.entry_id                     1O48 
_reflns.observed_criterion_sigma_I   -3.000 
_reflns.observed_criterion_sigma_F   ? 
_reflns.d_resolution_low             40.000 
_reflns.d_resolution_high            1.55 
_reflns.number_obs                   14680 
_reflns.number_all                   ? 
_reflns.percent_possible_obs         96.3 
_reflns.pdbx_Rmerge_I_obs            0.059 
_reflns.pdbx_Rsym_value              ? 
_reflns.pdbx_netI_over_sigmaI        16 
_reflns.B_iso_Wilson_estimate        ? 
_reflns.pdbx_redundancy              ? 
_reflns.pdbx_diffrn_id               1 
_reflns.pdbx_ordinal                 1 
# 
_reflns_shell.d_res_high             1.55 
_reflns_shell.d_res_low              1.60 
_reflns_shell.percent_possible_all   83.9 
_reflns_shell.Rmerge_I_obs           0.185 
_reflns_shell.pdbx_Rsym_value        ? 
_reflns_shell.meanI_over_sigI_obs    6 
_reflns_shell.pdbx_redundancy        ? 
_reflns_shell.pdbx_diffrn_id         ? 
_reflns_shell.pdbx_ordinal           1 
# 
_refine.entry_id                                 1O48 
_refine.ls_number_reflns_obs                     14680 
_refine.ls_number_reflns_all                     ? 
_refine.pdbx_ls_sigma_I                          ? 
_refine.pdbx_ls_sigma_F                          ? 
_refine.pdbx_data_cutoff_high_absF               1000000.000 
_refine.pdbx_data_cutoff_low_absF                0.1000 
_refine.pdbx_data_cutoff_high_rms_absF           ? 
_refine.ls_d_res_low                             8.00 
_refine.ls_d_res_high                            1.55 
_refine.ls_percent_reflns_obs                    96.3 
_refine.ls_R_factor_obs                          0.194 
_refine.ls_R_factor_all                          ? 
_refine.ls_R_factor_R_work                       0.194 
_refine.ls_R_factor_R_free                       ? 
_refine.ls_R_factor_R_free_error                 ? 
_refine.ls_R_factor_R_free_error_details         ? 
_refine.ls_percent_reflns_R_free                 ? 
_refine.ls_number_reflns_R_free                  ? 
_refine.ls_number_parameters                     ? 
_refine.ls_number_restraints                     ? 
_refine.occupancy_min                            ? 
_refine.occupancy_max                            ? 
_refine.correlation_coeff_Fo_to_Fc               ? 
_refine.correlation_coeff_Fo_to_Fc_free          ? 
_refine.B_iso_mean                               15.5 
_refine.aniso_B[1][1]                            ? 
_refine.aniso_B[2][2]                            ? 
_refine.aniso_B[3][3]                            ? 
_refine.aniso_B[1][2]                            ? 
_refine.aniso_B[1][3]                            ? 
_refine.aniso_B[2][3]                            ? 
_refine.solvent_model_details                    ? 
_refine.solvent_model_param_ksol                 ? 
_refine.solvent_model_param_bsol                 ? 
_refine.pdbx_solvent_vdw_probe_radii             ? 
_refine.pdbx_solvent_ion_probe_radii             ? 
_refine.pdbx_solvent_shrinkage_radii             ? 
_refine.pdbx_ls_cross_valid_method               ? 
_refine.details                                  ? 
_refine.pdbx_starting_model                      1SHD 
_refine.pdbx_method_to_determine_struct          MR 
_refine.pdbx_isotropic_thermal_model             ? 
_refine.pdbx_stereochemistry_target_values       ? 
_refine.pdbx_stereochem_target_val_spec_case     ? 
_refine.pdbx_R_Free_selection_details            ? 
_refine.pdbx_overall_ESU_R                       ? 
_refine.pdbx_overall_ESU_R_Free                  ? 
_refine.overall_SU_ML                            ? 
_refine.overall_SU_B                             ? 
_refine.pdbx_refine_id                           'X-RAY DIFFRACTION' 
_refine.pdbx_diffrn_id                           1 
_refine.pdbx_TLS_residual_ADP_flag               ? 
_refine.pdbx_overall_phase_error                 ? 
_refine.overall_SU_R_Cruickshank_DPI             ? 
_refine.pdbx_overall_SU_R_free_Cruickshank_DPI   ? 
_refine.pdbx_overall_SU_R_Blow_DPI               ? 
_refine.pdbx_overall_SU_R_free_Blow_DPI          ? 
# 
_refine_hist.pdbx_refine_id                   'X-RAY DIFFRACTION' 
_refine_hist.cycle_id                         LAST 
_refine_hist.pdbx_number_atoms_protein        856 
_refine_hist.pdbx_number_atoms_nucleic_acid   0 
_refine_hist.pdbx_number_atoms_ligand         86 
_refine_hist.number_atoms_solvent             186 
_refine_hist.number_atoms_total               1128 
_refine_hist.d_res_high                       1.55 
_refine_hist.d_res_low                        8.00 
# 
loop_
_refine_ls_restr.type 
_refine_ls_restr.dev_ideal 
_refine_ls_restr.dev_ideal_target 
_refine_ls_restr.weight 
_refine_ls_restr.number 
_refine_ls_restr.pdbx_refine_id 
_refine_ls_restr.pdbx_restraint_function 
x_bond_d                0.015 ? ? ? 'X-RAY DIFFRACTION' ? 
x_bond_d_na             ?     ? ? ? 'X-RAY DIFFRACTION' ? 
x_bond_d_prot           ?     ? ? ? 'X-RAY DIFFRACTION' ? 
x_angle_d               ?     ? ? ? 'X-RAY DIFFRACTION' ? 
x_angle_d_na            ?     ? ? ? 'X-RAY DIFFRACTION' ? 
x_angle_d_prot          ?     ? ? ? 'X-RAY DIFFRACTION' ? 
x_angle_deg             1.4   ? ? ? 'X-RAY DIFFRACTION' ? 
x_angle_deg_na          ?     ? ? ? 'X-RAY DIFFRACTION' ? 
x_angle_deg_prot        ?     ? ? ? 'X-RAY DIFFRACTION' ? 
x_dihedral_angle_d      ?     ? ? ? 'X-RAY DIFFRACTION' ? 
x_dihedral_angle_d_na   ?     ? ? ? 'X-RAY DIFFRACTION' ? 
x_dihedral_angle_d_prot ?     ? ? ? 'X-RAY DIFFRACTION' ? 
x_improper_angle_d      ?     ? ? ? 'X-RAY DIFFRACTION' ? 
x_improper_angle_d_na   ?     ? ? ? 'X-RAY DIFFRACTION' ? 
x_improper_angle_d_prot ?     ? ? ? 'X-RAY DIFFRACTION' ? 
x_mcbond_it             ?     ? ? ? 'X-RAY DIFFRACTION' ? 
x_mcangle_it            ?     ? ? ? 'X-RAY DIFFRACTION' ? 
x_scbond_it             ?     ? ? ? 'X-RAY DIFFRACTION' ? 
x_scangle_it            ?     ? ? ? 'X-RAY DIFFRACTION' ? 
# 
_struct.entry_id                  1O48 
_struct.title                     'CRYSTAL STRUCTURE OF SH2 IN COMPLEX WITH RU85053.' 
_struct.pdbx_model_details        ? 
_struct.pdbx_CASP_flag            ? 
_struct.pdbx_model_type_details   ? 
# 
_struct_keywords.entry_id        1O48 
_struct_keywords.pdbx_keywords   'SIGNALING PROTEIN' 
_struct_keywords.text            'SH2 DOMAIN FRAGMENT APPROACH, SIGNALING PROTEIN' 
# 
loop_
_struct_asym.id 
_struct_asym.pdbx_blank_PDB_chainid_flag 
_struct_asym.pdbx_modified 
_struct_asym.entity_id 
_struct_asym.details 
A N N 1 ? 
B N N 2 ? 
C N N 3 ? 
# 
_struct_biol.id   1 
# 
loop_
_struct_conf.conf_type_id 
_struct_conf.id 
_struct_conf.pdbx_PDB_helix_id 
_struct_conf.beg_label_comp_id 
_struct_conf.beg_label_asym_id 
_struct_conf.beg_label_seq_id 
_struct_conf.pdbx_beg_PDB_ins_code 
_struct_conf.end_label_comp_id 
_struct_conf.end_label_asym_id 
_struct_conf.end_label_seq_id 
_struct_conf.pdbx_end_PDB_ins_code 
_struct_conf.beg_auth_comp_id 
_struct_conf.beg_auth_asym_id 
_struct_conf.beg_auth_seq_id 
_struct_conf.end_auth_comp_id 
_struct_conf.end_auth_asym_id 
_struct_conf.end_auth_seq_id 
_struct_conf.pdbx_PDB_helix_class 
_struct_conf.details 
_struct_conf.pdbx_PDB_helix_length 
HELX_P HELX_P1 1 SER A 1  ? GLU A 5  ? SER A 1  GLU A 5  5 ? 5  
HELX_P HELX_P2 2 THR A 13 ? LEU A 22 ? THR A 13 LEU A 22 1 ? 10 
HELX_P HELX_P3 3 SER A 81 ? SER A 90 ? SER A 81 SER A 90 1 ? 10 
# 
_struct_conf_type.id          HELX_P 
_struct_conf_type.criteria    ? 
_struct_conf_type.reference   ? 
# 
_struct_sheet.id               A 
_struct_sheet.type             ? 
_struct_sheet.number_strands   6 
_struct_sheet.details          ? 
# 
loop_
_struct_sheet_order.sheet_id 
_struct_sheet_order.range_id_1 
_struct_sheet_order.range_id_2 
_struct_sheet_order.offset 
_struct_sheet_order.sense 
A 1 2 ? parallel      
A 2 3 ? anti-parallel 
A 3 4 ? anti-parallel 
A 4 5 ? anti-parallel 
A 5 6 ? anti-parallel 
# 
loop_
_struct_sheet_range.sheet_id 
_struct_sheet_range.id 
_struct_sheet_range.beg_label_comp_id 
_struct_sheet_range.beg_label_asym_id 
_struct_sheet_range.beg_label_seq_id 
_struct_sheet_range.pdbx_beg_PDB_ins_code 
_struct_sheet_range.end_label_comp_id 
_struct_sheet_range.end_label_asym_id 
_struct_sheet_range.end_label_seq_id 
_struct_sheet_range.pdbx_end_PDB_ins_code 
_struct_sheet_range.beg_auth_comp_id 
_struct_sheet_range.beg_auth_asym_id 
_struct_sheet_range.beg_auth_seq_id 
_struct_sheet_range.end_auth_comp_id 
_struct_sheet_range.end_auth_asym_id 
_struct_sheet_range.end_auth_seq_id 
A 1 TYR A 8  ? GLY A 10 ? TYR A 8  GLY A 10 
A 2 PHE A 31 ? GLU A 35 ? PHE A 31 GLU A 35 
A 3 TYR A 43 ? ASP A 51 ? TYR A 43 ASP A 51 
A 4 GLY A 55 ? LYS A 65 ? GLY A 55 LYS A 65 
A 5 PHE A 71 ? TYR A 72 ? PHE A 71 TYR A 72 
A 6 GLN A 78 ? PHE A 79 ? GLN A 78 PHE A 79 
# 
loop_
_pdbx_struct_sheet_hbond.sheet_id 
_pdbx_struct_sheet_hbond.range_id_1 
_pdbx_struct_sheet_hbond.range_id_2 
_pdbx_struct_sheet_hbond.range_1_label_atom_id 
_pdbx_struct_sheet_hbond.range_1_label_comp_id 
_pdbx_struct_sheet_hbond.range_1_label_asym_id 
_pdbx_struct_sheet_hbond.range_1_label_seq_id 
_pdbx_struct_sheet_hbond.range_1_PDB_ins_code 
_pdbx_struct_sheet_hbond.range_1_auth_atom_id 
_pdbx_struct_sheet_hbond.range_1_auth_comp_id 
_pdbx_struct_sheet_hbond.range_1_auth_asym_id 
_pdbx_struct_sheet_hbond.range_1_auth_seq_id 
_pdbx_struct_sheet_hbond.range_2_label_atom_id 
_pdbx_struct_sheet_hbond.range_2_label_comp_id 
_pdbx_struct_sheet_hbond.range_2_label_asym_id 
_pdbx_struct_sheet_hbond.range_2_label_seq_id 
_pdbx_struct_sheet_hbond.range_2_PDB_ins_code 
_pdbx_struct_sheet_hbond.range_2_auth_atom_id 
_pdbx_struct_sheet_hbond.range_2_auth_comp_id 
_pdbx_struct_sheet_hbond.range_2_auth_asym_id 
_pdbx_struct_sheet_hbond.range_2_auth_seq_id 
A 1 2 N GLY A 10 ? N GLY A 10 O GLU A 35 ? O GLU A 35 
A 2 3 N ARG A 34 ? N ARG A 34 O CYS A 44 ? O CYS A 44 
A 3 4 N TYR A 43 ? N TYR A 43 O ILE A 63 ? O ILE A 63 
A 4 5 N ARG A 64 ? N ARG A 64 O TYR A 72 ? O TYR A 72 
A 5 6 N PHE A 71 ? N PHE A 71 O PHE A 79 ? O PHE A 79 
# 
_struct_site.id                   AC1 
_struct_site.pdbx_evidence_code   Software 
_struct_site.pdbx_auth_asym_id    A 
_struct_site.pdbx_auth_comp_id    853 
_struct_site.pdbx_auth_seq_id     300 
_struct_site.pdbx_auth_ins_code   ? 
_struct_site.pdbx_num_residues    25 
_struct_site.details              'BINDING SITE FOR RESIDUE 853 A 300' 
# 
loop_
_struct_site_gen.id 
_struct_site_gen.site_id 
_struct_site_gen.pdbx_num_res 
_struct_site_gen.label_comp_id 
_struct_site_gen.label_asym_id 
_struct_site_gen.label_seq_id 
_struct_site_gen.pdbx_auth_ins_code 
_struct_site_gen.auth_comp_id 
_struct_site_gen.auth_asym_id 
_struct_site_gen.auth_seq_id 
_struct_site_gen.label_atom_id 
_struct_site_gen.label_alt_id 
_struct_site_gen.symmetry 
_struct_site_gen.details 
1  AC1 25 ARG A 14  ? ARG A 14  . ? 1_555 ? 
2  AC1 25 ARG A 34  ? ARG A 34  . ? 1_555 ? 
3  AC1 25 SER A 36  ? SER A 36  . ? 1_555 ? 
4  AC1 25 GLU A 37  ? GLU A 37  . ? 1_555 ? 
5  AC1 25 THR A 38  ? THR A 38  . ? 1_555 ? 
6  AC1 25 CYS A 44  ? CYS A 44  . ? 1_555 ? 
7  AC1 25 HIS A 60  ? HIS A 60  . ? 1_555 ? 
8  AC1 25 TYR A 61  ? TYR A 61  . ? 1_555 ? 
9  AC1 25 LYS A 62  ? LYS A 62  . ? 1_555 ? 
10 AC1 25 ILE A 73  ? ILE A 73  . ? 1_555 ? 
11 AC1 25 TYR A 89  ? TYR A 89  . ? 1_555 ? 
12 AC1 25 GLY A 95  ? GLY A 95  . ? 1_555 ? 
13 AC1 25 LEU A 96  ? LEU A 96  . ? 1_555 ? 
14 AC1 25 VAL A 103 ? VAL A 103 . ? 1_655 ? 
15 AC1 25 PRO A 105 ? PRO A 105 . ? 1_655 ? 
16 AC1 25 THR A 106 ? THR A 106 . ? 1_655 ? 
17 AC1 25 HOH C .   ? HOH A 303 . ? 1_555 ? 
18 AC1 25 HOH C .   ? HOH A 338 . ? 1_655 ? 
19 AC1 25 HOH C .   ? HOH A 346 . ? 1_655 ? 
20 AC1 25 HOH C .   ? HOH A 379 . ? 1_555 ? 
21 AC1 25 HOH C .   ? HOH A 389 . ? 1_555 ? 
22 AC1 25 HOH C .   ? HOH A 431 . ? 1_555 ? 
23 AC1 25 HOH C .   ? HOH A 457 . ? 1_555 ? 
24 AC1 25 HOH C .   ? HOH A 460 . ? 1_555 ? 
25 AC1 25 HOH C .   ? HOH A 470 . ? 1_555 ? 
# 
_atom_sites.entry_id                    1O48 
_atom_sites.fract_transf_matrix[1][1]   -0.02528942 
_atom_sites.fract_transf_matrix[1][2]   0.02250094 
_atom_sites.fract_transf_matrix[1][3]   0.01663052 
_atom_sites.fract_transf_matrix[2][1]   -0.01131094 
_atom_sites.fract_transf_matrix[2][2]   -0.00380598 
_atom_sites.fract_transf_matrix[2][3]   -0.01205068 
_atom_sites.fract_transf_matrix[3][1]   -0.00505890 
_atom_sites.fract_transf_matrix[3][2]   -0.01199548 
_atom_sites.fract_transf_matrix[3][3]   0.00853690 
_atom_sites.fract_transf_vector[1]      0.390411 
_atom_sites.fract_transf_vector[2]      0.323714 
_atom_sites.fract_transf_vector[3]      0.312126 
# 
loop_
_atom_type.symbol 
C 
N 
O 
S 
# 
loop_
_atom_site.group_PDB 
_atom_site.id 
_atom_site.type_symbol 
_atom_site.label_atom_id 
_atom_site.label_alt_id 
_atom_site.label_comp_id 
_atom_site.label_asym_id 
_atom_site.label_entity_id 
_atom_site.label_seq_id 
_atom_site.pdbx_PDB_ins_code 
_atom_site.Cartn_x 
_atom_site.Cartn_y 
_atom_site.Cartn_z 
_atom_site.occupancy 
_atom_site.B_iso_or_equiv 
_atom_site.pdbx_formal_charge 
_atom_site.auth_seq_id 
_atom_site.auth_comp_id 
_atom_site.auth_asym_id 
_atom_site.auth_atom_id 
_atom_site.pdbx_PDB_model_num 
ATOM   1    N N   . SER A 1 1   ? 13.429  7.606   -7.539  1.00 41.93 ? 1   SER A N   1 
ATOM   2    C CA  . SER A 1 1   ? 12.160  7.474   -8.326  1.00 41.59 ? 1   SER A CA  1 
ATOM   3    C C   . SER A 1 1   ? 11.351  6.263   -7.846  1.00 41.08 ? 1   SER A C   1 
ATOM   4    O O   . SER A 1 1   ? 11.904  5.164   -7.654  1.00 41.36 ? 1   SER A O   1 
ATOM   5    C CB  . SER A 1 1   ? 12.472  7.318   -9.823  1.00 42.02 ? 1   SER A CB  1 
ATOM   6    O OG  . SER A 1 1   ? 11.293  7.252   -10.622 1.00 41.89 ? 1   SER A OG  1 
ATOM   7    N N   . ILE A 1 2   ? 10.038  6.453   -7.694  1.00 39.30 ? 2   ILE A N   1 
ATOM   8    C CA  . ILE A 1 2   ? 9.189   5.360   -7.233  1.00 37.40 ? 2   ILE A CA  1 
ATOM   9    C C   . ILE A 1 2   ? 8.946   4.315   -8.348  1.00 35.70 ? 2   ILE A C   1 
ATOM   10   O O   . ILE A 1 2   ? 8.743   3.140   -8.060  1.00 35.32 ? 2   ILE A O   1 
ATOM   11   C CB  . ILE A 1 2   ? 7.842   5.866   -6.651  1.00 37.56 ? 2   ILE A CB  1 
ATOM   12   C CG1 . ILE A 1 2   ? 6.966   6.420   -7.769  1.00 37.37 ? 2   ILE A CG1 1 
ATOM   13   C CG2 . ILE A 1 2   ? 8.101   6.919   -5.568  1.00 36.52 ? 2   ILE A CG2 1 
ATOM   14   C CD1 . ILE A 1 2   ? 5.603   6.775   -7.315  1.00 39.19 ? 2   ILE A CD1 1 
ATOM   15   N N   . GLN A 1 3   ? 9.012   4.744   -9.604  1.00 33.96 ? 3   GLN A N   1 
ATOM   16   C CA  . GLN A 1 3   ? 8.803   3.829   -10.729 1.00 33.03 ? 3   GLN A CA  1 
ATOM   17   C C   . GLN A 1 3   ? 9.856   2.701   -10.669 1.00 30.95 ? 3   GLN A C   1 
ATOM   18   O O   . GLN A 1 3   ? 9.625   1.590   -11.152 1.00 31.66 ? 3   GLN A O   1 
ATOM   19   C CB  . GLN A 1 3   ? 8.890   4.572   -12.079 1.00 34.81 ? 3   GLN A CB  1 
ATOM   20   C CG  . GLN A 1 3   ? 7.884   5.734   -12.268 1.00 37.00 ? 3   GLN A CG  1 
ATOM   21   C CD  . GLN A 1 3   ? 6.496   5.309   -12.764 1.00 38.41 ? 3   GLN A CD  1 
ATOM   22   O OE1 . GLN A 1 3   ? 5.662   6.169   -13.059 1.00 39.27 ? 3   GLN A OE1 1 
ATOM   23   N NE2 . GLN A 1 3   ? 6.241   4.001   -12.849 1.00 39.05 ? 3   GLN A NE2 1 
ATOM   24   N N   . ALA A 1 4   ? 11.001  3.011   -10.068 1.00 27.45 ? 4   ALA A N   1 
ATOM   25   C CA  . ALA A 1 4   ? 12.082  2.039   -9.924  1.00 23.85 ? 4   ALA A CA  1 
ATOM   26   C C   . ALA A 1 4   ? 11.889  1.124   -8.690  1.00 20.94 ? 4   ALA A C   1 
ATOM   27   O O   . ALA A 1 4   ? 12.659  0.189   -8.475  1.00 20.30 ? 4   ALA A O   1 
ATOM   28   C CB  . ALA A 1 4   ? 13.413  2.768   -9.823  1.00 24.18 ? 4   ALA A CB  1 
ATOM   29   N N   . GLU A 1 5   ? 10.894  1.416   -7.867  1.00 17.14 ? 5   GLU A N   1 
ATOM   30   C CA  . GLU A 1 5   ? 10.664  0.624   -6.675  1.00 14.63 ? 5   GLU A CA  1 
ATOM   31   C C   . GLU A 1 5   ? 9.963   -0.622  -7.057  1.00 11.73 ? 5   GLU A C   1 
ATOM   32   O O   . GLU A 1 5   ? 8.964   -0.581  -7.756  1.00 11.48 ? 5   GLU A O   1 
ATOM   33   C CB  . GLU A 1 5   ? 9.838   1.429   -5.668  1.00 15.17 ? 5   GLU A CB  1 
ATOM   34   C CG  . GLU A 1 5   ? 10.515  2.716   -5.195  1.00 16.44 ? 5   GLU A CG  1 
ATOM   35   C CD  . GLU A 1 5   ? 11.830  2.471   -4.459  1.00 17.97 ? 5   GLU A CD  1 
ATOM   36   O OE1 . GLU A 1 5   ? 12.757  3.310   -4.596  1.00 19.18 ? 5   GLU A OE1 1 
ATOM   37   O OE2 . GLU A 1 5   ? 11.949  1.460   -3.735  1.00 17.65 ? 5   GLU A OE2 1 
ATOM   38   N N   . GLU A 1 6   ? 10.438  -1.766  -6.581  1.00 9.41  ? 6   GLU A N   1 
ATOM   39   C CA  . GLU A 1 6   ? 9.804   -3.022  -6.950  1.00 8.45  ? 6   GLU A CA  1 
ATOM   40   C C   . GLU A 1 6   ? 8.351   -3.198  -6.443  1.00 8.06  ? 6   GLU A C   1 
ATOM   41   O O   . GLU A 1 6   ? 7.600   -4.016  -6.987  1.00 7.72  ? 6   GLU A O   1 
ATOM   42   C CB  . GLU A 1 6   ? 10.659  -4.237  -6.564  1.00 9.26  ? 6   GLU A CB  1 
ATOM   43   C CG  . GLU A 1 6   ? 10.660  -4.623  -5.070  1.00 7.89  ? 6   GLU A CG  1 
ATOM   44   C CD  . GLU A 1 6   ? 11.576  -3.792  -4.217  1.00 7.28  ? 6   GLU A CD  1 
ATOM   45   O OE1 . GLU A 1 6   ? 11.610  -4.035  -3.001  1.00 9.11  ? 6   GLU A OE1 1 
ATOM   46   O OE2 . GLU A 1 6   ? 12.254  -2.886  -4.742  1.00 8.07  ? 6   GLU A OE2 1 
ATOM   47   N N   . TRP A 1 7   ? 8.018   -2.493  -5.362  1.00 7.31  ? 7   TRP A N   1 
ATOM   48   C CA  . TRP A 1 7   ? 6.657   -2.541  -4.827  1.00 7.39  ? 7   TRP A CA  1 
ATOM   49   C C   . TRP A 1 7   ? 5.731   -1.542  -5.515  1.00 7.50  ? 7   TRP A C   1 
ATOM   50   O O   . TRP A 1 7   ? 4.535   -1.468  -5.195  1.00 7.04  ? 7   TRP A O   1 
ATOM   51   C CB  . TRP A 1 7   ? 6.643   -2.309  -3.315  1.00 7.65  ? 7   TRP A CB  1 
ATOM   52   C CG  . TRP A 1 7   ? 7.621   -1.281  -2.803  1.00 7.83  ? 7   TRP A CG  1 
ATOM   53   C CD1 . TRP A 1 7   ? 8.805   -1.537  -2.182  1.00 7.96  ? 7   TRP A CD1 1 
ATOM   54   C CD2 . TRP A 1 7   ? 7.500   0.157   -2.861  1.00 8.08  ? 7   TRP A CD2 1 
ATOM   55   N NE1 . TRP A 1 7   ? 9.429   -0.376  -1.854  1.00 8.02  ? 7   TRP A NE1 1 
ATOM   56   C CE2 . TRP A 1 7   ? 8.666   0.689   -2.254  1.00 8.43  ? 7   TRP A CE2 1 
ATOM   57   C CE3 . TRP A 1 7   ? 6.535   1.043   -3.369  1.00 9.10  ? 7   TRP A CE3 1 
ATOM   58   C CZ2 . TRP A 1 7   ? 8.899   2.068   -2.150  1.00 8.65  ? 7   TRP A CZ2 1 
ATOM   59   C CZ3 . TRP A 1 7   ? 6.760   2.416   -3.268  1.00 9.30  ? 7   TRP A CZ3 1 
ATOM   60   C CH2 . TRP A 1 7   ? 7.942   2.920   -2.660  1.00 9.42  ? 7   TRP A CH2 1 
ATOM   61   N N   . TYR A 1 8   ? 6.260   -0.788  -6.473  1.00 7.67  ? 8   TYR A N   1 
ATOM   62   C CA  . TYR A 1 8   ? 5.417   0.161   -7.181  1.00 8.82  ? 8   TYR A CA  1 
ATOM   63   C C   . TYR A 1 8   ? 4.923   -0.506  -8.434  1.00 9.07  ? 8   TYR A C   1 
ATOM   64   O O   . TYR A 1 8   ? 5.692   -0.709  -9.379  1.00 9.39  ? 8   TYR A O   1 
ATOM   65   C CB  . TYR A 1 8   ? 6.154   1.446   -7.551  1.00 8.26  ? 8   TYR A CB  1 
ATOM   66   C CG  . TYR A 1 8   ? 5.217   2.424   -8.183  1.00 10.50 ? 8   TYR A CG  1 
ATOM   67   C CD1 . TYR A 1 8   ? 4.179   2.974   -7.438  1.00 10.69 ? 8   TYR A CD1 1 
ATOM   68   C CD2 . TYR A 1 8   ? 5.310   2.760   -9.533  1.00 10.15 ? 8   TYR A CD2 1 
ATOM   69   C CE1 . TYR A 1 8   ? 3.251   3.831   -8.022  1.00 12.53 ? 8   TYR A CE1 1 
ATOM   70   C CE2 . TYR A 1 8   ? 4.380   3.623   -10.127 1.00 12.28 ? 8   TYR A CE2 1 
ATOM   71   C CZ  . TYR A 1 8   ? 3.355   4.151   -9.356  1.00 12.56 ? 8   TYR A CZ  1 
ATOM   72   O OH  . TYR A 1 8   ? 2.419   5.020   -9.884  1.00 13.88 ? 8   TYR A OH  1 
ATOM   73   N N   . PHE A 1 9   ? 3.635   -0.846  -8.447  1.00 8.33  ? 9   PHE A N   1 
ATOM   74   C CA  . PHE A 1 9   ? 3.014   -1.534  -9.574  1.00 8.65  ? 9   PHE A CA  1 
ATOM   75   C C   . PHE A 1 9   ? 2.381   -0.561  -10.617 1.00 9.22  ? 9   PHE A C   1 
ATOM   76   O O   . PHE A 1 9   ? 1.817   -1.003  -11.611 1.00 9.89  ? 9   PHE A O   1 
ATOM   77   C CB  . PHE A 1 9   ? 1.959   -2.529  -9.068  1.00 9.51  ? 9   PHE A CB  1 
ATOM   78   C CG  . PHE A 1 9   ? 2.545   -3.797  -8.476  1.00 8.27  ? 9   PHE A CG  1 
ATOM   79   C CD1 . PHE A 1 9   ? 3.700   -3.770  -7.733  1.00 9.84  ? 9   PHE A CD1 1 
ATOM   80   C CD2 . PHE A 1 9   ? 1.917   -5.017  -8.671  1.00 10.20 ? 9   PHE A CD2 1 
ATOM   81   C CE1 . PHE A 1 9   ? 4.231   -4.960  -7.189  1.00 9.72  ? 9   PHE A CE1 1 
ATOM   82   C CE2 . PHE A 1 9   ? 2.435   -6.189  -8.135  1.00 10.17 ? 9   PHE A CE2 1 
ATOM   83   C CZ  . PHE A 1 9   ? 3.585   -6.160  -7.401  1.00 10.14 ? 9   PHE A CZ  1 
ATOM   84   N N   . GLY A 1 10  ? 2.489   0.738   -10.366 1.00 9.56  ? 10  GLY A N   1 
ATOM   85   C CA  . GLY A 1 10  ? 1.964   1.709   -11.296 1.00 10.07 ? 10  GLY A CA  1 
ATOM   86   C C   . GLY A 1 10  ? 0.494   1.593   -11.615 1.00 10.12 ? 10  GLY A C   1 
ATOM   87   O O   . GLY A 1 10  ? -0.383  1.520   -10.731 1.00 9.31  ? 10  GLY A O   1 
ATOM   88   N N   . LYS A 1 11  ? 0.220   1.586   -12.904 1.00 10.57 ? 11  LYS A N   1 
ATOM   89   C CA  . LYS A 1 11  ? -1.141  1.561   -13.368 1.00 11.93 ? 11  LYS A CA  1 
ATOM   90   C C   . LYS A 1 11  ? -1.829  0.193   -13.444 1.00 11.99 ? 11  LYS A C   1 
ATOM   91   O O   . LYS A 1 11  ? -1.877  -0.417  -14.519 1.00 12.98 ? 11  LYS A O   1 
ATOM   92   C CB  . LYS A 1 11  ? -1.249  2.288   -14.715 1.00 13.15 ? 11  LYS A CB  1 
ATOM   93   C CG  . LYS A 1 11  ? -2.682  2.603   -15.091 1.00 16.08 ? 11  LYS A CG  1 
ATOM   94   C CD  . LYS A 1 11  ? -2.780  3.164   -16.516 1.00 16.45 ? 11  LYS A CD  1 
ATOM   95   C CE  . LYS A 1 11  ? -4.229  3.548   -16.832 1.00 18.54 ? 11  LYS A CE  1 
ATOM   96   N NZ  . LYS A 1 11  ? -4.345  3.972   -18.253 1.00 19.81 ? 11  LYS A NZ  1 
ATOM   97   N N   . ILE A 1 12  ? -2.241  -0.334  -12.287 1.00 10.13 ? 12  ILE A N   1 
ATOM   98   C CA  . ILE A 1 12  ? -3.005  -1.580  -12.228 1.00 9.44  ? 12  ILE A CA  1 
ATOM   99   C C   . ILE A 1 12  ? -4.279  -1.194  -11.457 1.00 8.63  ? 12  ILE A C   1 
ATOM   100  O O   . ILE A 1 12  ? -4.273  -0.253  -10.652 1.00 9.81  ? 12  ILE A O   1 
ATOM   101  C CB  . ILE A 1 12  ? -2.280  -2.798  -11.549 1.00 9.66  ? 12  ILE A CB  1 
ATOM   102  C CG1 . ILE A 1 12  ? -1.981  -2.533  -10.073 1.00 9.83  ? 12  ILE A CG1 1 
ATOM   103  C CG2 . ILE A 1 12  ? -1.012  -3.126  -12.308 1.00 10.99 ? 12  ILE A CG2 1 
ATOM   104  C CD1 . ILE A 1 12  ? -1.638  -3.791  -9.342  1.00 10.07 ? 12  ILE A CD1 1 
ATOM   105  N N   . THR A 1 13  ? -5.374  -1.879  -11.757 1.00 7.42  ? 13  THR A N   1 
ATOM   106  C CA  . THR A 1 13  ? -6.640  -1.561  -11.126 1.00 6.50  ? 13  THR A CA  1 
ATOM   107  C C   . THR A 1 13  ? -6.742  -2.114  -9.724  1.00 6.63  ? 13  THR A C   1 
ATOM   108  O O   . THR A 1 13  ? -5.975  -2.990  -9.300  1.00 5.59  ? 13  THR A O   1 
ATOM   109  C CB  . THR A 1 13  ? -7.830  -2.147  -11.936 1.00 7.07  ? 13  THR A CB  1 
ATOM   110  O OG1 . THR A 1 13  ? -7.797  -3.588  -11.885 1.00 7.56  ? 13  THR A OG1 1 
ATOM   111  C CG2 . THR A 1 13  ? -7.799  -1.653  -13.394 1.00 6.79  ? 13  THR A CG2 1 
ATOM   112  N N   . ARG A 1 14  ? -7.745  -1.625  -9.012  1.00 6.37  ? 14  ARG A N   1 
ATOM   113  C CA  . ARG A 1 14  ? -8.034  -2.129  -7.683  1.00 7.63  ? 14  ARG A CA  1 
ATOM   114  C C   . ARG A 1 14  ? -8.340  -3.681  -7.770  1.00 6.90  ? 14  ARG A C   1 
ATOM   115  O O   . ARG A 1 14  ? -7.832  -4.457  -6.963  1.00 6.66  ? 14  ARG A O   1 
ATOM   116  C CB  . ARG A 1 14  ? -9.265  -1.423  -7.085  1.00 7.90  ? 14  ARG A CB  1 
ATOM   117  C CG  . ARG A 1 14  ? -9.882  -2.188  -5.909  1.00 9.17  ? 14  ARG A CG  1 
ATOM   118  C CD  . ARG A 1 14  ? -11.170 -1.533  -5.451  1.00 12.05 ? 14  ARG A CD  1 
ATOM   119  N NE  . ARG A 1 14  ? -10.878 -0.255  -4.829  1.00 14.19 ? 14  ARG A NE  1 
ATOM   120  C CZ  . ARG A 1 14  ? -11.243 0.061   -3.599  1.00 17.98 ? 14  ARG A CZ  1 
ATOM   121  N NH1 . ARG A 1 14  ? -10.921 1.249   -3.103  1.00 19.06 ? 14  ARG A NH1 1 
ATOM   122  N NH2 . ARG A 1 14  ? -11.950 -0.805  -2.875  1.00 18.95 ? 14  ARG A NH2 1 
ATOM   123  N N   . ARG A 1 15  ? -9.162  -4.084  -8.744  1.00 6.98  ? 15  ARG A N   1 
ATOM   124  C CA  . ARG A 1 15  ? -9.514  -5.508  -8.877  1.00 7.19  ? 15  ARG A CA  1 
ATOM   125  C C   . ARG A 1 15  ? -8.247  -6.380  -9.129  1.00 7.37  ? 15  ARG A C   1 
ATOM   126  O O   . ARG A 1 15  ? -8.095  -7.464  -8.554  1.00 7.05  ? 15  ARG A O   1 
ATOM   127  C CB  . ARG A 1 15  ? -10.552 -5.743  -9.970  1.00 7.89  ? 15  ARG A CB  1 
ATOM   128  C CG  . ARG A 1 15  ? -10.930 -7.208  -10.096 1.00 8.39  ? 15  ARG A CG  1 
ATOM   129  C CD  . ARG A 1 15  ? -12.059 -7.432  -11.083 1.00 10.04 ? 15  ARG A CD  1 
ATOM   130  N NE  . ARG A 1 15  ? -12.338 -8.854  -11.308 1.00 11.32 ? 15  ARG A NE  1 
ATOM   131  C CZ  . ARG A 1 15  ? -13.134 -9.594  -10.534 1.00 13.66 ? 15  ARG A CZ  1 
ATOM   132  N NH1 . ARG A 1 15  ? -13.746 -9.042  -9.487  1.00 11.97 ? 15  ARG A NH1 1 
ATOM   133  N NH2 . ARG A 1 15  ? -13.320 -10.893 -10.801 1.00 15.48 ? 15  ARG A NH2 1 
ATOM   134  N N   . GLU A 1 16  ? -7.345  -5.872  -9.964  1.00 7.70  ? 16  GLU A N   1 
ATOM   135  C CA  . GLU A 1 16  ? -6.108  -6.586  -10.246 1.00 9.17  ? 16  GLU A CA  1 
ATOM   136  C C   . GLU A 1 16  ? -5.288  -6.700  -8.958  1.00 7.83  ? 16  GLU A C   1 
ATOM   137  O O   . GLU A 1 16  ? -4.807  -7.794  -8.602  1.00 7.96  ? 16  GLU A O   1 
ATOM   138  C CB  . GLU A 1 16  ? -5.311  -5.852  -11.332 1.00 12.30 ? 16  GLU A CB  1 
ATOM   139  C CG  . GLU A 1 16  ? -3.926  -6.432  -11.627 1.00 15.14 ? 16  GLU A CG  1 
ATOM   140  C CD  . GLU A 1 16  ? -3.936  -7.887  -12.105 1.00 18.14 ? 16  GLU A CD  1 
ATOM   141  O OE1 . GLU A 1 16  ? -2.810  -8.404  -12.275 1.00 20.50 ? 16  GLU A OE1 1 
ATOM   142  O OE2 . GLU A 1 16  ? -5.012  -8.515  -12.307 1.00 18.08 ? 16  GLU A OE2 1 
ATOM   143  N N   . SER A 1 17  ? -5.180  -5.596  -8.219  1.00 6.10  ? 17  SER A N   1 
ATOM   144  C CA  . SER A 1 17  ? -4.430  -5.638  -6.957  1.00 6.19  ? 17  SER A CA  1 
ATOM   145  C C   . SER A 1 17  ? -5.045  -6.687  -6.029  1.00 5.39  ? 17  SER A C   1 
ATOM   146  O O   . SER A 1 17  ? -4.319  -7.396  -5.334  1.00 6.08  ? 17  SER A O   1 
ATOM   147  C CB  . SER A 1 17  ? -4.356  -4.253  -6.280  1.00 6.66  ? 17  SER A CB  1 
ATOM   148  O OG  . SER A 1 17  ? -5.576  -3.865  -5.669  1.00 8.00  ? 17  SER A OG  1 
ATOM   149  N N   . GLU A 1 18  ? -6.371  -6.813  -6.049  1.00 4.47  ? 18  GLU A N   1 
ATOM   150  C CA  . GLU A 1 18  ? -7.016  -7.790  -5.199  1.00 7.01  ? 18  GLU A CA  1 
ATOM   151  C C   . GLU A 1 18  ? -6.768  -9.231  -5.686  1.00 7.68  ? 18  GLU A C   1 
ATOM   152  O O   . GLU A 1 18  ? -6.554  -10.138 -4.871  1.00 8.05  ? 18  GLU A O   1 
ATOM   153  C CB  . GLU A 1 18  ? -8.505  -7.500  -5.075  1.00 7.83  ? 18  GLU A CB  1 
ATOM   154  C CG  . GLU A 1 18  ? -8.741  -6.157  -4.414  1.00 7.87  ? 18  GLU A CG  1 
ATOM   155  C CD  . GLU A 1 18  ? -10.191 -5.737  -4.388  1.00 10.86 ? 18  GLU A CD  1 
ATOM   156  O OE1 . GLU A 1 18  ? -10.540 -4.902  -3.517  1.00 9.82  ? 18  GLU A OE1 1 
ATOM   157  O OE2 . GLU A 1 18  ? -10.970 -6.235  -5.224  1.00 10.69 ? 18  GLU A OE2 1 
ATOM   158  N N   . ARG A 1 19  ? -6.786  -9.434  -7.004  1.00 8.06  ? 19  ARG A N   1 
ATOM   159  C CA  . ARG A 1 19  ? -6.524  -10.755 -7.557  1.00 8.96  ? 19  ARG A CA  1 
ATOM   160  C C   . ARG A 1 19  ? -5.047  -11.217 -7.062  1.00 8.30  ? 19  ARG A C   1 
ATOM   161  O O   . ARG A 1 19  ? -4.836  -12.356 -6.612  1.00 9.03  ? 19  ARG A O   1 
ATOM   162  C CB  . ARG A 1 19  ? -6.532  -10.703 -9.085  1.00 9.23  ? 19  ARG A CB  1 
ATOM   163  C CG  . ARG A 1 19  ? -6.235  -12.055 -9.716  1.00 11.46 ? 19  ARG A CG  1 
ATOM   164  C CD  . ARG A 1 19  ? -6.219  -11.979 -11.237 1.00 13.12 ? 19  ARG A CD  1 
ATOM   165  N NE  . ARG A 1 19  ? -5.005  -11.342 -11.750 1.00 15.10 ? 19  ARG A NE  1 
ATOM   166  C CZ  . ARG A 1 19  ? -3.815  -11.931 -11.851 1.00 15.17 ? 19  ARG A CZ  1 
ATOM   167  N NH1 . ARG A 1 19  ? -3.641  -13.194 -11.476 1.00 16.91 ? 19  ARG A NH1 1 
ATOM   168  N NH2 . ARG A 1 19  ? -2.803  -11.263 -12.365 1.00 16.14 ? 19  ARG A NH2 1 
ATOM   169  N N   . LEU A 1 20  ? -4.096  -10.301 -7.183  1.00 8.19  ? 20  LEU A N   1 
ATOM   170  C CA  . LEU A 1 20  ? -2.722  -10.574 -6.779  1.00 9.09  ? 20  LEU A CA  1 
ATOM   171  C C   . LEU A 1 20  ? -2.549  -10.801 -5.266  1.00 9.05  ? 20  LEU A C   1 
ATOM   172  O O   . LEU A 1 20  ? -1.799  -11.697 -4.822  1.00 9.29  ? 20  LEU A O   1 
ATOM   173  C CB  . LEU A 1 20  ? -1.831  -9.413  -7.191  1.00 10.68 ? 20  LEU A CB  1 
ATOM   174  C CG  . LEU A 1 20  ? -1.730  -9.246  -8.699  1.00 11.45 ? 20  LEU A CG  1 
ATOM   175  C CD1 . LEU A 1 20  ? -0.814  -8.088  -8.967  1.00 12.31 ? 20  LEU A CD1 1 
ATOM   176  C CD2 . LEU A 1 20  ? -1.190  -10.533 -9.310  1.00 12.91 ? 20  LEU A CD2 1 
ATOM   177  N N   . LEU A 1 21  ? -3.229  -9.975  -4.481  1.00 7.66  ? 21  LEU A N   1 
ATOM   178  C CA  . LEU A 1 21  ? -3.114  -10.052 -3.031  1.00 7.42  ? 21  LEU A CA  1 
ATOM   179  C C   . LEU A 1 21  ? -3.890  -11.202 -2.383  1.00 7.92  ? 21  LEU A C   1 
ATOM   180  O O   . LEU A 1 21  ? -3.537  -11.662 -1.296  1.00 7.89  ? 21  LEU A O   1 
ATOM   181  C CB  . LEU A 1 21  ? -3.500  -8.701  -2.416  1.00 6.42  ? 21  LEU A CB  1 
ATOM   182  C CG  . LEU A 1 21  ? -2.439  -7.607  -2.648  1.00 6.16  ? 21  LEU A CG  1 
ATOM   183  C CD1 . LEU A 1 21  ? -2.993  -6.192  -2.369  1.00 6.25  ? 21  LEU A CD1 1 
ATOM   184  C CD2 . LEU A 1 21  ? -1.220  -7.867  -1.789  1.00 5.68  ? 21  LEU A CD2 1 
ATOM   185  N N   . LEU A 1 22  ? -4.960  -11.646 -3.037  1.00 9.17  ? 22  LEU A N   1 
ATOM   186  C CA  . LEU A 1 22  ? -5.794  -12.739 -2.513  1.00 9.64  ? 22  LEU A CA  1 
ATOM   187  C C   . LEU A 1 22  ? -5.244  -14.105 -2.794  1.00 11.32 ? 22  LEU A C   1 
ATOM   188  O O   . LEU A 1 22  ? -5.992  -15.044 -3.037  1.00 14.93 ? 22  LEU A O   1 
ATOM   189  C CB  . LEU A 1 22  ? -7.233  -12.624 -3.030  1.00 10.30 ? 22  LEU A CB  1 
ATOM   190  C CG  . LEU A 1 22  ? -7.983  -11.418 -2.484  1.00 10.57 ? 22  LEU A CG  1 
ATOM   191  C CD1 . LEU A 1 22  ? -9.279  -11.226 -3.245  1.00 11.16 ? 22  LEU A CD1 1 
ATOM   192  C CD2 . LEU A 1 22  ? -8.194  -11.576 -0.984  1.00 11.56 ? 22  LEU A CD2 1 
ATOM   193  N N   . ASN A 1 23  ? -3.933  -14.236 -2.721  1.00 12.26 ? 23  ASN A N   1 
ATOM   194  C CA  . ASN A 1 23  ? -3.261  -15.509 -2.932  1.00 12.24 ? 23  ASN A CA  1 
ATOM   195  C C   . ASN A 1 23  ? -3.055  -16.098 -1.532  1.00 11.32 ? 23  ASN A C   1 
ATOM   196  O O   . ASN A 1 23  ? -2.497  -15.437 -0.637  1.00 10.30 ? 23  ASN A O   1 
ATOM   197  C CB  . ASN A 1 23  ? -1.918  -15.271 -3.607  1.00 13.96 ? 23  ASN A CB  1 
ATOM   198  C CG  . ASN A 1 23  ? -1.197  -16.554 -3.928  1.00 15.97 ? 23  ASN A CG  1 
ATOM   199  O OD1 . ASN A 1 23  ? -1.017  -17.412 -3.066  1.00 16.54 ? 23  ASN A OD1 1 
ATOM   200  N ND2 . ASN A 1 23  ? -0.805  -16.710 -5.184  1.00 17.62 ? 23  ASN A ND2 1 
ATOM   201  N N   . ALA A 1 24  ? -3.501  -17.336 -1.347  1.00 10.73 ? 24  ALA A N   1 
ATOM   202  C CA  . ALA A 1 24  ? -3.402  -18.031 -0.071  1.00 9.85  ? 24  ALA A CA  1 
ATOM   203  C C   . ALA A 1 24  ? -2.001  -18.079 0.503   1.00 9.40  ? 24  ALA A C   1 
ATOM   204  O O   . ALA A 1 24  ? -1.827  -18.243 1.704   1.00 9.70  ? 24  ALA A O   1 
ATOM   205  C CB  . ALA A 1 24  ? -3.964  -19.456 -0.196  1.00 11.64 ? 24  ALA A CB  1 
ATOM   206  N N   . GLU A 1 25  ? -1.000  -17.962 -0.356  1.00 8.36  ? 25  GLU A N   1 
ATOM   207  C CA  . GLU A 1 25  ? 0.375   -17.984 0.100   1.00 8.36  ? 25  GLU A CA  1 
ATOM   208  C C   . GLU A 1 25  ? 0.864   -16.672 0.670   1.00 7.45  ? 25  GLU A C   1 
ATOM   209  O O   . GLU A 1 25  ? 1.932   -16.612 1.255   1.00 6.49  ? 25  GLU A O   1 
ATOM   210  C CB  . GLU A 1 25  ? 1.272   -18.440 -1.038  1.00 10.88 ? 25  GLU A CB  1 
ATOM   211  C CG  . GLU A 1 25  ? 1.038   -19.922 -1.384  1.00 14.12 ? 25  GLU A CG  1 
ATOM   212  C CD  . GLU A 1 25  ? 1.953   -20.423 -2.493  1.00 16.57 ? 25  GLU A CD  1 
ATOM   213  O OE1 . GLU A 1 25  ? 1.620   -21.459 -3.092  1.00 18.13 ? 25  GLU A OE1 1 
ATOM   214  O OE2 . GLU A 1 25  ? 2.992   -19.783 -2.760  1.00 17.87 ? 25  GLU A OE2 1 
ATOM   215  N N   . ASN A 1 26  ? 0.092   -15.604 0.513   1.00 6.55  ? 26  ASN A N   1 
ATOM   216  C CA  . ASN A 1 26  ? 0.526   -14.287 1.012   1.00 6.23  ? 26  ASN A CA  1 
ATOM   217  C C   . ASN A 1 26  ? 0.313   -14.101 2.513   1.00 5.58  ? 26  ASN A C   1 
ATOM   218  O O   . ASN A 1 26  ? -0.825  -14.220 2.983   1.00 6.61  ? 26  ASN A O   1 
ATOM   219  C CB  . ASN A 1 26  ? -0.244  -13.146 0.299   1.00 5.65  ? 26  ASN A CB  1 
ATOM   220  C CG  . ASN A 1 26  ? 0.149   -12.986 -1.183  1.00 5.73  ? 26  ASN A CG  1 
ATOM   221  O OD1 . ASN A 1 26  ? 1.269   -13.295 -1.593  1.00 6.17  ? 26  ASN A OD1 1 
ATOM   222  N ND2 . ASN A 1 26  ? -0.763  -12.412 -1.968  1.00 6.41  ? 26  ASN A ND2 1 
ATOM   223  N N   . PRO A 1 27  ? 1.389   -13.848 3.285   1.00 6.05  ? 27  PRO A N   1 
ATOM   224  C CA  . PRO A 1 27  ? 1.182   -13.646 4.734   1.00 6.05  ? 27  PRO A CA  1 
ATOM   225  C C   . PRO A 1 27  ? 0.594   -12.147 4.954   1.00 6.05  ? 27  PRO A C   1 
ATOM   226  O O   . PRO A 1 27  ? 0.587   -11.308 4.011   1.00 5.76  ? 27  PRO A O   1 
ATOM   227  C CB  . PRO A 1 27  ? 2.588   -13.815 5.341   1.00 6.73  ? 27  PRO A CB  1 
ATOM   228  C CG  . PRO A 1 27  ? 3.518   -13.552 4.233   1.00 9.17  ? 27  PRO A CG  1 
ATOM   229  C CD  . PRO A 1 27  ? 2.823   -13.950 2.944   1.00 6.06  ? 27  PRO A CD  1 
ATOM   230  N N   . ARG A 1 28  ? 0.115   -11.864 6.164   1.00 4.91  ? 28  ARG A N   1 
ATOM   231  C CA  . ARG A 1 28  ? -0.426  -10.542 6.451   1.00 6.27  ? 28  ARG A CA  1 
ATOM   232  C C   . ARG A 1 28  ? 0.620   -9.450  6.113   1.00 5.62  ? 28  ARG A C   1 
ATOM   233  O O   . ARG A 1 28  ? 1.816   -9.629  6.331   1.00 5.24  ? 28  ARG A O   1 
ATOM   234  C CB  . ARG A 1 28  ? -0.802  -10.427 7.941   1.00 7.02  ? 28  ARG A CB  1 
ATOM   235  C CG  . ARG A 1 28  ? -1.866  -11.435 8.394   1.00 11.52 ? 28  ARG A CG  1 
ATOM   236  C CD  . ARG A 1 28  ? -2.164  -11.324 9.877   1.00 12.83 ? 28  ARG A CD  1 
ATOM   237  N NE  . ARG A 1 28  ? -2.959  -10.117 10.130  1.00 17.67 ? 28  ARG A NE  1 
ATOM   238  C CZ  . ARG A 1 28  ? -3.160  -9.543  11.323  1.00 18.70 ? 28  ARG A CZ  1 
ATOM   239  N NH1 . ARG A 1 28  ? -2.611  -10.055 12.426  1.00 18.52 ? 28  ARG A NH1 1 
ATOM   240  N NH2 . ARG A 1 28  ? -3.914  -8.446  11.407  1.00 18.30 ? 28  ARG A NH2 1 
ATOM   241  N N   . GLY A 1 29  ? 0.163   -8.336  5.557   1.00 4.37  ? 29  GLY A N   1 
ATOM   242  C CA  . GLY A 1 29  ? 1.082   -7.262  5.258   1.00 4.27  ? 29  GLY A CA  1 
ATOM   243  C C   . GLY A 1 29  ? 1.683   -7.313  3.878   1.00 4.22  ? 29  GLY A C   1 
ATOM   244  O O   . GLY A 1 29  ? 2.511   -6.466  3.564   1.00 4.36  ? 29  GLY A O   1 
ATOM   245  N N   . THR A 1 30  ? 1.379   -8.346  3.092   1.00 4.01  ? 30  THR A N   1 
ATOM   246  C CA  . THR A 1 30  ? 1.879   -8.381  1.711   1.00 4.01  ? 30  THR A CA  1 
ATOM   247  C C   . THR A 1 30  ? 1.275   -7.094  1.047   1.00 5.21  ? 30  THR A C   1 
ATOM   248  O O   . THR A 1 30  ? 0.100   -6.767  1.264   1.00 4.32  ? 30  THR A O   1 
ATOM   249  C CB  . THR A 1 30  ? 1.442   -9.632  0.993   1.00 4.10  ? 30  THR A CB  1 
ATOM   250  O OG1 . THR A 1 30  ? 1.984   -10.775 1.674   1.00 4.90  ? 30  THR A OG1 1 
ATOM   251  C CG2 . THR A 1 30  ? 1.953   -9.612  -0.468  1.00 5.68  ? 30  THR A CG2 1 
ATOM   252  N N   . PHE A 1 31  ? 2.049   -6.411  0.217   1.00 4.59  ? 31  PHE A N   1 
ATOM   253  C CA  . PHE A 1 31  ? 1.557   -5.149  -0.298  1.00 4.06  ? 31  PHE A CA  1 
ATOM   254  C C   . PHE A 1 31  ? 2.081   -4.737  -1.614  1.00 5.22  ? 31  PHE A C   1 
ATOM   255  O O   . PHE A 1 31  ? 3.005   -5.349  -2.173  1.00 5.04  ? 31  PHE A O   1 
ATOM   256  C CB  . PHE A 1 31  ? 1.922   -4.058  0.729   1.00 4.76  ? 31  PHE A CB  1 
ATOM   257  C CG  . PHE A 1 31  ? 3.405   -3.658  0.696   1.00 3.78  ? 31  PHE A CG  1 
ATOM   258  C CD1 . PHE A 1 31  ? 3.827   -2.523  -0.001  1.00 5.14  ? 31  PHE A CD1 1 
ATOM   259  C CD2 . PHE A 1 31  ? 4.378   -4.445  1.332   1.00 5.23  ? 31  PHE A CD2 1 
ATOM   260  C CE1 . PHE A 1 31  ? 5.209   -2.180  -0.064  1.00 4.71  ? 31  PHE A CE1 1 
ATOM   261  C CE2 . PHE A 1 31  ? 5.776   -4.103  1.275   1.00 4.49  ? 31  PHE A CE2 1 
ATOM   262  C CZ  . PHE A 1 31  ? 6.180   -2.978  0.579   1.00 4.96  ? 31  PHE A CZ  1 
ATOM   263  N N   . LEU A 1 32  ? 1.518   -3.642  -2.109  1.00 4.35  ? 32  LEU A N   1 
ATOM   264  C CA  . LEU A 1 32  ? 1.958   -3.026  -3.364  1.00 4.81  ? 32  LEU A CA  1 
ATOM   265  C C   . LEU A 1 32  ? 1.417   -1.609  -3.367  1.00 5.38  ? 32  LEU A C   1 
ATOM   266  O O   . LEU A 1 32  ? 0.454   -1.303  -2.644  1.00 5.25  ? 32  LEU A O   1 
ATOM   267  C CB  . LEU A 1 32  ? 1.416   -3.792  -4.576  1.00 5.05  ? 32  LEU A CB  1 
ATOM   268  C CG  . LEU A 1 32  ? -0.115  -3.897  -4.747  1.00 5.04  ? 32  LEU A CG  1 
ATOM   269  C CD1 . LEU A 1 32  ? -0.677  -2.646  -5.479  1.00 5.16  ? 32  LEU A CD1 1 
ATOM   270  C CD2 . LEU A 1 32  ? -0.462  -5.192  -5.511  1.00 7.48  ? 32  LEU A CD2 1 
ATOM   271  N N   . VAL A 1 33  ? 2.053   -0.730  -4.142  1.00 5.10  ? 33  VAL A N   1 
ATOM   272  C CA  . VAL A 1 33  ? 1.576   0.647   -4.254  1.00 5.12  ? 33  VAL A CA  1 
ATOM   273  C C   . VAL A 1 33  ? 1.207   0.796   -5.705  1.00 6.71  ? 33  VAL A C   1 
ATOM   274  O O   . VAL A 1 33  ? 1.916   0.307   -6.592  1.00 7.18  ? 33  VAL A O   1 
ATOM   275  C CB  . VAL A 1 33  ? 2.645   1.650   -3.852  1.00 5.55  ? 33  VAL A CB  1 
ATOM   276  C CG1 . VAL A 1 33  ? 2.175   3.095   -4.147  1.00 6.51  ? 33  VAL A CG1 1 
ATOM   277  C CG2 . VAL A 1 33  ? 2.969   1.480   -2.353  1.00 5.22  ? 33  VAL A CG2 1 
ATOM   278  N N   . ARG A 1 34  ? 0.078   1.435   -5.969  1.00 5.73  ? 34  ARG A N   1 
ATOM   279  C CA  . ARG A 1 34  ? -0.383  1.599   -7.335  1.00 6.15  ? 34  ARG A CA  1 
ATOM   280  C C   . ARG A 1 34  ? -1.017  2.985   -7.475  1.00 5.88  ? 34  ARG A C   1 
ATOM   281  O O   . ARG A 1 34  ? -1.202  3.700   -6.482  1.00 6.57  ? 34  ARG A O   1 
ATOM   282  C CB  . ARG A 1 34  ? -1.431  0.528   -7.643  1.00 5.72  ? 34  ARG A CB  1 
ATOM   283  C CG  . ARG A 1 34  ? -2.675  0.598   -6.732  1.00 6.48  ? 34  ARG A CG  1 
ATOM   284  C CD  . ARG A 1 34  ? -3.669  -0.511  -7.018  1.00 5.67  ? 34  ARG A CD  1 
ATOM   285  N NE  . ARG A 1 34  ? -4.774  -0.546  -6.050  1.00 5.88  ? 34  ARG A NE  1 
ATOM   286  C CZ  . ARG A 1 34  ? -5.876  0.208   -6.132  1.00 7.69  ? 34  ARG A CZ  1 
ATOM   287  N NH1 . ARG A 1 34  ? -6.833  0.111   -5.213  1.00 7.93  ? 34  ARG A NH1 1 
ATOM   288  N NH2 . ARG A 1 34  ? -6.056  1.028   -7.158  1.00 8.07  ? 34  ARG A NH2 1 
ATOM   289  N N   . GLU A 1 35  ? -1.293  3.381   -8.715  1.00 7.21  ? 35  GLU A N   1 
ATOM   290  C CA  . GLU A 1 35  ? -1.966  4.645   -8.940  1.00 8.13  ? 35  GLU A CA  1 
ATOM   291  C C   . GLU A 1 35  ? -3.452  4.480   -8.452  1.00 7.56  ? 35  GLU A C   1 
ATOM   292  O O   . GLU A 1 35  ? -4.013  3.394   -8.455  1.00 7.77  ? 35  GLU A O   1 
ATOM   293  C CB  . GLU A 1 35  ? -2.055  4.974   -10.417 1.00 9.79  ? 35  GLU A CB  1 
ATOM   294  C CG  . GLU A 1 35  ? -0.759  5.208   -11.112 1.00 11.48 ? 35  GLU A CG  1 
ATOM   295  C CD  . GLU A 1 35  ? -0.968  5.785   -12.500 1.00 15.22 ? 35  GLU A CD  1 
ATOM   296  O OE1 . GLU A 1 35  ? 0.052   6.265   -13.072 1.00 17.62 ? 35  GLU A OE1 1 
ATOM   297  O OE2 . GLU A 1 35  ? -2.126  5.754   -13.029 1.00 14.38 ? 35  GLU A OE2 1 
ATOM   298  N N   . SER A 1 36  ? -4.039  5.584   -8.022  1.00 7.86  ? 36  SER A N   1 
ATOM   299  C CA  . SER A 1 36  ? -5.425  5.590   -7.615  1.00 8.20  ? 36  SER A CA  1 
ATOM   300  C C   . SER A 1 36  ? -6.200  5.497   -8.945  1.00 8.91  ? 36  SER A C   1 
ATOM   301  O O   . SER A 1 36  ? -5.765  6.078   -9.943  1.00 9.66  ? 36  SER A O   1 
ATOM   302  C CB  . SER A 1 36  ? -5.750  6.946   -6.954  1.00 8.02  ? 36  SER A CB  1 
ATOM   303  O OG  . SER A 1 36  ? -7.127  7.273   -7.071  1.00 8.61  ? 36  SER A OG  1 
ATOM   304  N N   . GLU A 1 37  ? -7.356  4.840   -8.959  1.00 8.33  ? 37  GLU A N   1 
ATOM   305  C CA  . GLU A 1 37  ? -8.174  4.774   -10.181 1.00 10.50 ? 37  GLU A CA  1 
ATOM   306  C C   . GLU A 1 37  ? -8.964  6.081   -10.360 1.00 11.65 ? 37  GLU A C   1 
ATOM   307  O O   . GLU A 1 37  ? -9.348  6.436   -11.476 1.00 13.87 ? 37  GLU A O   1 
ATOM   308  C CB  . GLU A 1 37  ? -9.236  3.691   -10.083 1.00 10.21 ? 37  GLU A CB  1 
ATOM   309  C CG  . GLU A 1 37  ? -8.752  2.258   -10.228 1.00 9.50  ? 37  GLU A CG  1 
ATOM   310  C CD  . GLU A 1 37  ? -9.898  1.251   -10.186 1.00 11.00 ? 37  GLU A CD  1 
ATOM   311  O OE1 . GLU A 1 37  ? -11.082 1.663   -10.150 1.00 9.80  ? 37  GLU A OE1 1 
ATOM   312  O OE2 . GLU A 1 37  ? -9.615  0.023   -10.185 1.00 9.26  ? 37  GLU A OE2 1 
ATOM   313  N N   . THR A 1 38  ? -9.229  6.752   -9.242  1.00 13.75 ? 38  THR A N   1 
ATOM   314  C CA  . THR A 1 38  ? -10.058 7.962   -9.205  1.00 15.03 ? 38  THR A CA  1 
ATOM   315  C C   . THR A 1 38  ? -9.373  9.349   -9.067  1.00 15.24 ? 38  THR A C   1 
ATOM   316  O O   . THR A 1 38  ? -9.973  10.379  -9.425  1.00 14.54 ? 38  THR A O   1 
ATOM   317  C CB  . THR A 1 38  ? -10.989 7.914   -7.964  1.00 15.41 ? 38  THR A CB  1 
ATOM   318  O OG1 . THR A 1 38  ? -10.181 8.051   -6.784  1.00 17.13 ? 38  THR A OG1 1 
ATOM   319  C CG2 . THR A 1 38  ? -11.750 6.633   -7.871  1.00 15.84 ? 38  THR A CG2 1 
ATOM   320  N N   . THR A 1 39  ? -8.205  9.371   -8.427  1.00 14.79 ? 39  THR A N   1 
ATOM   321  C CA  . THR A 1 39  ? -7.512  10.619  -8.139  1.00 16.10 ? 39  THR A CA  1 
ATOM   322  C C   . THR A 1 39  ? -6.184  10.837  -8.767  1.00 16.52 ? 39  THR A C   1 
ATOM   323  O O   . THR A 1 39  ? -5.186  10.180  -8.435  1.00 15.09 ? 39  THR A O   1 
ATOM   324  C CB  . THR A 1 39  ? -7.398  10.815  -6.620  1.00 16.55 ? 39  THR A CB  1 
ATOM   325  O OG1 . THR A 1 39  ? -8.666  10.534  -6.028  1.00 17.24 ? 39  THR A OG1 1 
ATOM   326  C CG2 . THR A 1 39  ? -7.003  12.245  -6.277  1.00 17.65 ? 39  THR A CG2 1 
ATOM   327  N N   . LYS A 1 40  ? -6.154  11.832  -9.649  1.00 17.03 ? 40  LYS A N   1 
ATOM   328  C CA  . LYS A 1 40  ? -4.940  12.200  -10.344 1.00 18.21 ? 40  LYS A CA  1 
ATOM   329  C C   . LYS A 1 40  ? -3.881  12.560  -9.274  1.00 18.30 ? 40  LYS A C   1 
ATOM   330  O O   . LYS A 1 40  ? -4.178  13.223  -8.262  1.00 18.89 ? 40  LYS A O   1 
ATOM   331  C CB  . LYS A 1 40  ? -5.183  13.395  -11.274 1.00 20.47 ? 40  LYS A CB  1 
ATOM   332  C CG  . LYS A 1 40  ? -5.353  14.744  -10.546 1.00 25.36 ? 40  LYS A CG  1 
ATOM   333  C CD  . LYS A 1 40  ? -6.552  14.732  -9.582  1.00 28.79 ? 40  LYS A CD  1 
ATOM   334  C CE  . LYS A 1 40  ? -6.208  15.380  -8.228  1.00 30.44 ? 40  LYS A CE  1 
ATOM   335  N NZ  . LYS A 1 40  ? -7.265  15.173  -7.155  1.00 33.87 ? 40  LYS A NZ  1 
ATOM   336  N N   . GLY A 1 41  ? -2.675  12.047  -9.470  1.00 18.16 ? 41  GLY A N   1 
ATOM   337  C CA  . GLY A 1 41  ? -1.594  12.322  -8.549  1.00 17.24 ? 41  GLY A CA  1 
ATOM   338  C C   . GLY A 1 41  ? -1.639  11.614  -7.206  1.00 16.44 ? 41  GLY A C   1 
ATOM   339  O O   . GLY A 1 41  ? -0.751  11.851  -6.389  1.00 16.67 ? 41  GLY A O   1 
ATOM   340  N N   . ALA A 1 42  ? -2.669  10.793  -6.966  1.00 14.42 ? 42  ALA A N   1 
ATOM   341  C CA  . ALA A 1 42  ? -2.769  10.072  -5.712  1.00 12.28 ? 42  ALA A CA  1 
ATOM   342  C C   . ALA A 1 42  ? -2.415  8.640   -5.943  1.00 11.39 ? 42  ALA A C   1 
ATOM   343  O O   . ALA A 1 42  ? -2.471  8.149   -7.080  1.00 10.53 ? 42  ALA A O   1 
ATOM   344  C CB  . ALA A 1 42  ? -4.169  10.184  -5.132  1.00 13.09 ? 42  ALA A CB  1 
ATOM   345  N N   . TYR A 1 43  ? -2.054  7.953   -4.864  1.00 9.60  ? 43  TYR A N   1 
ATOM   346  C CA  . TYR A 1 43  ? -1.672  6.534   -4.919  1.00 8.60  ? 43  TYR A CA  1 
ATOM   347  C C   . TYR A 1 43  ? -2.486  5.766   -3.969  1.00 8.03  ? 43  TYR A C   1 
ATOM   348  O O   . TYR A 1 43  ? -3.151  6.336   -3.091  1.00 6.86  ? 43  TYR A O   1 
ATOM   349  C CB  . TYR A 1 43  ? -0.205  6.358   -4.507  1.00 10.09 ? 43  TYR A CB  1 
ATOM   350  C CG  . TYR A 1 43  ? 0.750   7.111   -5.384  1.00 12.24 ? 43  TYR A CG  1 
ATOM   351  C CD1 . TYR A 1 43  ? 1.221   8.370   -5.010  1.00 14.35 ? 43  TYR A CD1 1 
ATOM   352  C CD2 . TYR A 1 43  ? 1.161   6.584   -6.602  1.00 13.89 ? 43  TYR A CD2 1 
ATOM   353  C CE1 . TYR A 1 43  ? 2.081   9.087   -5.832  1.00 15.76 ? 43  TYR A CE1 1 
ATOM   354  C CE2 . TYR A 1 43  ? 2.027   7.291   -7.445  1.00 15.65 ? 43  TYR A CE2 1 
ATOM   355  C CZ  . TYR A 1 43  ? 2.482   8.538   -7.050  1.00 16.83 ? 43  TYR A CZ  1 
ATOM   356  O OH  . TYR A 1 43  ? 3.366   9.236   -7.844  1.00 18.89 ? 43  TYR A OH  1 
ATOM   357  N N   . CYS A 1 44  ? -2.439  4.444   -4.120  1.00 7.35  ? 44  CYS A N   1 
ATOM   358  C CA  . CYS A 1 44  ? -3.138  3.529   -3.225  1.00 8.13  ? 44  CYS A CA  1 
ATOM   359  C C   . CYS A 1 44  ? -2.167  2.476   -2.760  1.00 7.54  ? 44  CYS A C   1 
ATOM   360  O O   . CYS A 1 44  ? -1.406  1.911   -3.559  1.00 6.95  ? 44  CYS A O   1 
ATOM   361  C CB  . CYS A 1 44  ? -4.294  2.797   -3.904  1.00 10.10 ? 44  CYS A CB  1 
ATOM   362  S SG  . CYS A 1 44  ? -5.611  3.827   -4.585  1.00 18.56 ? 44  CYS A SG  1 
ATOM   363  N N   . LEU A 1 45  ? -2.169  2.254   -1.457  1.00 5.77  ? 45  LEU A N   1 
ATOM   364  C CA  . LEU A 1 45  ? -1.354  1.228   -0.832  1.00 5.71  ? 45  LEU A CA  1 
ATOM   365  C C   . LEU A 1 45  ? -2.365  0.048   -0.586  1.00 6.14  ? 45  LEU A C   1 
ATOM   366  O O   . LEU A 1 45  ? -3.309  0.175   0.223   1.00 5.66  ? 45  LEU A O   1 
ATOM   367  C CB  . LEU A 1 45  ? -0.798  1.721   0.499   1.00 5.63  ? 45  LEU A CB  1 
ATOM   368  C CG  . LEU A 1 45  ? -0.122  0.685   1.413   1.00 4.86  ? 45  LEU A CG  1 
ATOM   369  C CD1 . LEU A 1 45  ? 1.139   0.130   0.735   1.00 4.54  ? 45  LEU A CD1 1 
ATOM   370  C CD2 . LEU A 1 45  ? 0.253   1.348   2.755   1.00 5.69  ? 45  LEU A CD2 1 
ATOM   371  N N   . SER A 1 46  ? -2.172  -1.055  -1.297  1.00 5.11  ? 46  SER A N   1 
ATOM   372  C CA  . SER A 1 46  ? -3.074  -2.204  -1.181  1.00 4.44  ? 46  SER A CA  1 
ATOM   373  C C   . SER A 1 46  ? -2.379  -3.237  -0.349  1.00 4.08  ? 46  SER A C   1 
ATOM   374  O O   . SER A 1 46  ? -1.248  -3.645  -0.663  1.00 3.79  ? 46  SER A O   1 
ATOM   375  C CB  . SER A 1 46  ? -3.464  -2.697  -2.573  1.00 4.60  ? 46  SER A CB  1 
ATOM   376  O OG  . SER A 1 46  ? -4.119  -1.650  -3.291  1.00 4.74  ? 46  SER A OG  1 
ATOM   377  N N   . VAL A 1 47  ? -3.052  -3.694  0.703   1.00 3.57  ? 47  VAL A N   1 
ATOM   378  C CA  . VAL A 1 47  ? -2.409  -4.583  1.666   1.00 4.41  ? 47  VAL A CA  1 
ATOM   379  C C   . VAL A 1 47  ? -3.227  -5.819  1.981   1.00 4.97  ? 47  VAL A C   1 
ATOM   380  O O   . VAL A 1 47  ? -4.460  -5.729  2.117   1.00 5.04  ? 47  VAL A O   1 
ATOM   381  C CB  . VAL A 1 47  ? -2.144  -3.801  2.997   1.00 3.84  ? 47  VAL A CB  1 
ATOM   382  C CG1 . VAL A 1 47  ? -1.274  -4.625  3.966   1.00 6.38  ? 47  VAL A CG1 1 
ATOM   383  C CG2 . VAL A 1 47  ? -1.486  -2.450  2.718   1.00 5.06  ? 47  VAL A CG2 1 
ATOM   384  N N   . SER A 1 48  ? -2.567  -6.982  2.076   1.00 4.17  ? 48  SER A N   1 
ATOM   385  C CA  . SER A 1 48  ? -3.279  -8.207  2.427   1.00 6.21  ? 48  SER A CA  1 
ATOM   386  C C   . SER A 1 48  ? -3.347  -8.307  3.969   1.00 6.06  ? 48  SER A C   1 
ATOM   387  O O   . SER A 1 48  ? -2.468  -7.797  4.714   1.00 4.99  ? 48  SER A O   1 
ATOM   388  C CB  . SER A 1 48  ? -2.615  -9.482  1.859   1.00 5.96  ? 48  SER A CB  1 
ATOM   389  O OG  . SER A 1 48  ? -1.387  -9.784  2.495   1.00 7.36  ? 48  SER A OG  1 
ATOM   390  N N   . ASP A 1 49  ? -4.419  -8.941  4.416   1.00 7.22  ? 49  ASP A N   1 
ATOM   391  C CA  . ASP A 1 49  ? -4.642  -9.150  5.819   1.00 7.58  ? 49  ASP A CA  1 
ATOM   392  C C   . ASP A 1 49  ? -5.295  -10.533 5.962   1.00 6.93  ? 49  ASP A C   1 
ATOM   393  O O   . ASP A 1 49  ? -5.716  -11.160 4.970   1.00 6.99  ? 49  ASP A O   1 
ATOM   394  C CB  . ASP A 1 49  ? -5.559  -8.046  6.376   1.00 8.85  ? 49  ASP A CB  1 
ATOM   395  C CG  . ASP A 1 49  ? -5.599  -8.008  7.918   1.00 10.94 ? 49  ASP A CG  1 
ATOM   396  O OD1 . ASP A 1 49  ? -4.687  -8.555  8.600   1.00 8.94  ? 49  ASP A OD1 1 
ATOM   397  O OD2 . ASP A 1 49  ? -6.536  -7.365  8.442   1.00 11.67 ? 49  ASP A OD2 1 
ATOM   398  N N   . PHE A 1 50  ? -5.330  -11.021 7.194   1.00 7.17  ? 50  PHE A N   1 
ATOM   399  C CA  . PHE A 1 50  ? -5.944  -12.301 7.458   1.00 7.65  ? 50  PHE A CA  1 
ATOM   400  C C   . PHE A 1 50  ? -6.371  -12.350 8.896   1.00 8.49  ? 50  PHE A C   1 
ATOM   401  O O   . PHE A 1 50  ? -5.591  -11.985 9.773   1.00 9.65  ? 50  PHE A O   1 
ATOM   402  C CB  . PHE A 1 50  ? -4.932  -13.447 7.200   1.00 7.94  ? 50  PHE A CB  1 
ATOM   403  C CG  . PHE A 1 50  ? -5.490  -14.829 7.479   1.00 6.29  ? 50  PHE A CG  1 
ATOM   404  C CD1 . PHE A 1 50  ? -5.530  -15.340 8.779   1.00 6.32  ? 50  PHE A CD1 1 
ATOM   405  C CD2 . PHE A 1 50  ? -6.065  -15.565 6.467   1.00 7.73  ? 50  PHE A CD2 1 
ATOM   406  C CE1 . PHE A 1 50  ? -6.149  -16.563 9.059   1.00 6.78  ? 50  PHE A CE1 1 
ATOM   407  C CE2 . PHE A 1 50  ? -6.699  -16.805 6.734   1.00 7.88  ? 50  PHE A CE2 1 
ATOM   408  C CZ  . PHE A 1 50  ? -6.735  -17.294 8.045   1.00 7.70  ? 50  PHE A CZ  1 
ATOM   409  N N   . ASP A 1 51  ? -7.615  -12.758 9.149   1.00 8.55  ? 51  ASP A N   1 
ATOM   410  C CA  . ASP A 1 51  ? -8.051  -12.979 10.524  1.00 9.98  ? 51  ASP A CA  1 
ATOM   411  C C   . ASP A 1 51  ? -9.088  -14.037 10.500  1.00 10.86 ? 51  ASP A C   1 
ATOM   412  O O   . ASP A 1 51  ? -9.526  -14.468 9.411   1.00 11.36 ? 51  ASP A O   1 
ATOM   413  C CB  . ASP A 1 51  ? -8.431  -11.699 11.304  1.00 11.38 ? 51  ASP A CB  1 
ATOM   414  C CG  . ASP A 1 51  ? -9.669  -10.985 10.763  1.00 13.52 ? 51  ASP A CG  1 
ATOM   415  O OD1 . ASP A 1 51  ? -9.685  -9.732  10.757  1.00 13.47 ? 51  ASP A OD1 1 
ATOM   416  O OD2 . ASP A 1 51  ? -10.640 -11.662 10.413  1.00 13.74 ? 51  ASP A OD2 1 
ATOM   417  N N   . ASN A 1 52  ? -9.489  -14.517 11.671  1.00 11.32 ? 52  ASN A N   1 
ATOM   418  C CA  . ASN A 1 52  ? -10.454 -15.600 11.690  1.00 12.74 ? 52  ASN A CA  1 
ATOM   419  C C   . ASN A 1 52  ? -11.836 -15.195 11.311  1.00 13.11 ? 52  ASN A C   1 
ATOM   420  O O   . ASN A 1 52  ? -12.650 -16.056 10.949  1.00 14.43 ? 52  ASN A O   1 
ATOM   421  C CB  . ASN A 1 52  ? -10.429 -16.360 13.036  1.00 13.82 ? 52  ASN A CB  1 
ATOM   422  C CG  . ASN A 1 52  ? -9.159  -17.236 13.217  1.00 14.43 ? 52  ASN A CG  1 
ATOM   423  O OD1 . ASN A 1 52  ? -8.494  -17.629 12.250  1.00 16.39 ? 52  ASN A OD1 1 
ATOM   424  N ND2 . ASN A 1 52  ? -8.818  -17.508 14.461  1.00 13.96 ? 52  ASN A ND2 1 
ATOM   425  N N   . ALA A 1 53  ? -12.125 -13.901 11.395  1.00 12.93 ? 53  ALA A N   1 
ATOM   426  C CA  . ALA A 1 53  ? -13.442 -13.397 11.005  1.00 14.23 ? 53  ALA A CA  1 
ATOM   427  C C   . ALA A 1 53  ? -13.592 -13.268 9.460   1.00 14.80 ? 53  ALA A C   1 
ATOM   428  O O   . ALA A 1 53  ? -14.545 -13.785 8.870   1.00 15.72 ? 53  ALA A O   1 
ATOM   429  C CB  . ALA A 1 53  ? -13.750 -12.031 11.693  1.00 13.59 ? 53  ALA A CB  1 
ATOM   430  N N   . LYS A 1 54  ? -12.634 -12.609 8.818   1.00 14.92 ? 54  LYS A N   1 
ATOM   431  C CA  . LYS A 1 54  ? -12.700 -12.373 7.369   1.00 14.90 ? 54  LYS A CA  1 
ATOM   432  C C   . LYS A 1 54  ? -11.846 -13.266 6.528   1.00 14.44 ? 54  LYS A C   1 
ATOM   433  O O   . LYS A 1 54  ? -11.962 -13.260 5.295   1.00 14.32 ? 54  LYS A O   1 
ATOM   434  C CB  . LYS A 1 54  ? -12.281 -10.925 7.059   1.00 16.29 ? 54  LYS A CB  1 
ATOM   435  C CG  . LYS A 1 54  ? -13.020 -9.862  7.858   1.00 17.90 ? 54  LYS A CG  1 
ATOM   436  C CD  . LYS A 1 54  ? -12.713 -8.465  7.387   1.00 19.38 ? 54  LYS A CD  1 
ATOM   437  C CE  . LYS A 1 54  ? -13.940 -7.593  7.636   1.00 21.77 ? 54  LYS A CE  1 
ATOM   438  N NZ  . LYS A 1 54  ? -13.980 -6.406  6.716   1.00 24.17 ? 54  LYS A NZ  1 
ATOM   439  N N   . GLY A 1 55  ? -10.957 -14.025 7.168   1.00 13.03 ? 55  GLY A N   1 
ATOM   440  C CA  . GLY A 1 55  ? -10.032 -14.840 6.403   1.00 10.78 ? 55  GLY A CA  1 
ATOM   441  C C   . GLY A 1 55  ? -9.100  -13.878 5.641   1.00 9.63  ? 55  GLY A C   1 
ATOM   442  O O   . GLY A 1 55  ? -8.803  -12.767 6.107   1.00 8.70  ? 55  GLY A O   1 
ATOM   443  N N   . LEU A 1 56  ? -8.654  -14.319 4.467   1.00 9.20  ? 56  LEU A N   1 
ATOM   444  C CA  . LEU A 1 56  ? -7.742  -13.559 3.608   1.00 9.27  ? 56  LEU A CA  1 
ATOM   445  C C   . LEU A 1 56  ? -8.506  -12.447 2.985   1.00 8.68  ? 56  LEU A C   1 
ATOM   446  O O   . LEU A 1 56  ? -9.515  -12.682 2.321   1.00 9.28  ? 56  LEU A O   1 
ATOM   447  C CB  . LEU A 1 56  ? -7.173  -14.468 2.506   1.00 10.38 ? 56  LEU A CB  1 
ATOM   448  C CG  . LEU A 1 56  ? -6.144  -13.888 1.542   1.00 11.24 ? 56  LEU A CG  1 
ATOM   449  C CD1 . LEU A 1 56  ? -4.956  -13.410 2.331   1.00 11.47 ? 56  LEU A CD1 1 
ATOM   450  C CD2 . LEU A 1 56  ? -5.735  -14.935 0.506   1.00 13.20 ? 56  LEU A CD2 1 
ATOM   451  N N   . ASN A 1 57  ? -8.043  -11.218 3.184   1.00 7.84  ? 57  ASN A N   1 
ATOM   452  C CA  . ASN A 1 57  ? -8.755  -10.080 2.633   1.00 8.17  ? 57  ASN A CA  1 
ATOM   453  C C   . ASN A 1 57  ? -7.790  -8.941  2.333   1.00 7.72  ? 57  ASN A C   1 
ATOM   454  O O   . ASN A 1 57  ? -6.625  -8.974  2.753   1.00 8.95  ? 57  ASN A O   1 
ATOM   455  C CB  . ASN A 1 57  ? -9.923  -9.663  3.561   1.00 8.26  ? 57  ASN A CB  1 
ATOM   456  C CG  . ASN A 1 57  ? -9.448  -9.034  4.857   1.00 8.25  ? 57  ASN A CG  1 
ATOM   457  O OD1 . ASN A 1 57  ? -9.463  -7.812  5.006   1.00 9.30  ? 57  ASN A OD1 1 
ATOM   458  N ND2 . ASN A 1 57  ? -8.987  -9.862  5.795   1.00 8.31  ? 57  ASN A ND2 1 
ATOM   459  N N   . VAL A 1 58  ? -8.285  -7.922  1.625   1.00 7.45  ? 58  VAL A N   1 
ATOM   460  C CA  . VAL A 1 58  ? -7.437  -6.810  1.199   1.00 7.07  ? 58  VAL A CA  1 
ATOM   461  C C   . VAL A 1 58  ? -7.999  -5.450  1.640   1.00 7.41  ? 58  VAL A C   1 
ATOM   462  O O   . VAL A 1 58  ? -9.206  -5.222  1.549   1.00 7.59  ? 58  VAL A O   1 
ATOM   463  C CB  . VAL A 1 58  ? -7.331  -6.798  -0.384  1.00 8.07  ? 58  VAL A CB  1 
ATOM   464  C CG1 . VAL A 1 58  ? -6.489  -5.619  -0.898  1.00 6.24  ? 58  VAL A CG1 1 
ATOM   465  C CG2 . VAL A 1 58  ? -6.769  -8.158  -0.899  1.00 7.69  ? 58  VAL A CG2 1 
ATOM   466  N N   . LYS A 1 59  ? -7.109  -4.553  2.050   1.00 6.38  ? 59  LYS A N   1 
ATOM   467  C CA  . LYS A 1 59  ? -7.486  -3.185  2.413   1.00 6.96  ? 59  LYS A CA  1 
ATOM   468  C C   . LYS A 1 59  ? -6.756  -2.265  1.465   1.00 6.69  ? 59  LYS A C   1 
ATOM   469  O O   . LYS A 1 59  ? -5.647  -2.578  1.000   1.00 6.08  ? 59  LYS A O   1 
ATOM   470  C CB  . LYS A 1 59  ? -7.111  -2.848  3.852   1.00 7.66  ? 59  LYS A CB  1 
ATOM   471  C CG  . LYS A 1 59  ? -8.049  -3.480  4.926   1.00 11.73 ? 59  LYS A CG  1 
ATOM   472  C CD  . LYS A 1 59  ? -9.511  -2.972  4.793   1.00 16.14 ? 59  LYS A CD  1 
ATOM   473  C CE  . LYS A 1 59  ? -10.473 -3.740  5.719   1.00 18.98 ? 59  LYS A CE  1 
ATOM   474  N NZ  . LYS A 1 59  ? -11.924 -3.766  5.250   1.00 20.13 ? 59  LYS A NZ  1 
ATOM   475  N N   . HIS A 1 60  ? -7.363  -1.122  1.160   1.00 5.42  ? 60  HIS A N   1 
ATOM   476  C CA  . HIS A 1 60  ? -6.757  -0.141  0.259   1.00 6.09  ? 60  HIS A CA  1 
ATOM   477  C C   . HIS A 1 60  ? -6.690  1.175   1.013   1.00 6.54  ? 60  HIS A C   1 
ATOM   478  O O   . HIS A 1 60  ? -7.688  1.574   1.610   1.00 6.84  ? 60  HIS A O   1 
ATOM   479  C CB  . HIS A 1 60  ? -7.631  0.019   -0.997  1.00 6.00  ? 60  HIS A CB  1 
ATOM   480  C CG  . HIS A 1 60  ? -7.827  -1.260  -1.757  1.00 5.79  ? 60  HIS A CG  1 
ATOM   481  N ND1 . HIS A 1 60  ? -6.854  -1.822  -2.556  1.00 4.86  ? 60  HIS A ND1 1 
ATOM   482  C CD2 . HIS A 1 60  ? -8.894  -2.092  -1.822  1.00 6.52  ? 60  HIS A CD2 1 
ATOM   483  C CE1 . HIS A 1 60  ? -7.305  -2.942  -3.077  1.00 4.85  ? 60  HIS A CE1 1 
ATOM   484  N NE2 . HIS A 1 60  ? -8.544  -3.134  -2.647  1.00 7.04  ? 60  HIS A NE2 1 
ATOM   485  N N   . TYR A 1 61  ? -5.504  1.795   1.040   1.00 5.10  ? 61  TYR A N   1 
ATOM   486  C CA  . TYR A 1 61  ? -5.268  3.044   1.730   1.00 5.82  ? 61  TYR A CA  1 
ATOM   487  C C   . TYR A 1 61  ? -4.830  4.117   0.729   1.00 7.01  ? 61  TYR A C   1 
ATOM   488  O O   . TYR A 1 61  ? -3.940  3.913   -0.084  1.00 6.64  ? 61  TYR A O   1 
ATOM   489  C CB  . TYR A 1 61  ? -4.170  2.883   2.799   1.00 4.98  ? 61  TYR A CB  1 
ATOM   490  C CG  . TYR A 1 61  ? -4.487  1.838   3.840   1.00 5.86  ? 61  TYR A CG  1 
ATOM   491  C CD1 . TYR A 1 61  ? -4.008  0.517   3.707   1.00 5.67  ? 61  TYR A CD1 1 
ATOM   492  C CD2 . TYR A 1 61  ? -5.330  2.120   4.934   1.00 4.37  ? 61  TYR A CD2 1 
ATOM   493  C CE1 . TYR A 1 61  ? -4.360  -0.468  4.611   1.00 6.31  ? 61  TYR A CE1 1 
ATOM   494  C CE2 . TYR A 1 61  ? -5.685  1.112   5.844   1.00 4.55  ? 61  TYR A CE2 1 
ATOM   495  C CZ  . TYR A 1 61  ? -5.196  -0.170  5.669   1.00 5.17  ? 61  TYR A CZ  1 
ATOM   496  O OH  . TYR A 1 61  ? -5.540  -1.184  6.526   1.00 6.05  ? 61  TYR A OH  1 
ATOM   497  N N   . LYS A 1 62  ? -5.463  5.280   0.797   1.00 7.52  ? 62  LYS A N   1 
ATOM   498  C CA  . LYS A 1 62  ? -5.098  6.364   -0.102  1.00 8.93  ? 62  LYS A CA  1 
ATOM   499  C C   . LYS A 1 62  ? -3.863  7.042   0.428   1.00 8.28  ? 62  LYS A C   1 
ATOM   500  O O   . LYS A 1 62  ? -3.752  7.306   1.627   1.00 7.79  ? 62  LYS A O   1 
ATOM   501  C CB  . LYS A 1 62  ? -6.213  7.400   -0.167  1.00 11.29 ? 62  LYS A CB  1 
ATOM   502  C CG  . LYS A 1 62  ? -7.452  6.928   -0.864  1.00 15.79 ? 62  LYS A CG  1 
ATOM   503  C CD  . LYS A 1 62  ? -8.585  7.935   -0.670  1.00 21.15 ? 62  LYS A CD  1 
ATOM   504  C CE  . LYS A 1 62  ? -9.149  7.852   0.755   1.00 23.23 ? 62  LYS A CE  1 
ATOM   505  N NZ  . LYS A 1 62  ? -10.277 8.804   1.029   1.00 26.84 ? 62  LYS A NZ  1 
ATOM   506  N N   . ILE A 1 63  ? -2.921  7.322   -0.457  1.00 8.26  ? 63  ILE A N   1 
ATOM   507  C CA  . ILE A 1 63  ? -1.711  8.037   -0.074  1.00 8.61  ? 63  ILE A CA  1 
ATOM   508  C C   . ILE A 1 63  ? -1.748  9.358   -0.825  1.00 10.66 ? 63  ILE A C   1 
ATOM   509  O O   . ILE A 1 63  ? -1.934  9.379   -2.048  1.00 10.33 ? 63  ILE A O   1 
ATOM   510  C CB  . ILE A 1 63  ? -0.461  7.306   -0.523  1.00 8.19  ? 63  ILE A CB  1 
ATOM   511  C CG1 . ILE A 1 63  ? -0.284  6.001   0.253   1.00 8.03  ? 63  ILE A CG1 1 
ATOM   512  C CG2 . ILE A 1 63  ? 0.734   8.196   -0.380  1.00 8.67  ? 63  ILE A CG2 1 
ATOM   513  C CD1 . ILE A 1 63  ? 0.817   5.090   -0.328  1.00 7.58  ? 63  ILE A CD1 1 
ATOM   514  N N   . ARG A 1 64  ? -1.601  10.464  -0.107  1.00 12.34 ? 64  ARG A N   1 
ATOM   515  C CA  . ARG A 1 64  ? -1.594  11.773  -0.737  1.00 14.93 ? 64  ARG A CA  1 
ATOM   516  C C   . ARG A 1 64  ? -0.215  12.290  -0.869  1.00 15.00 ? 64  ARG A C   1 
ATOM   517  O O   . ARG A 1 64  ? 0.643   12.023  -0.033  1.00 13.06 ? 64  ARG A O   1 
ATOM   518  C CB  . ARG A 1 64  ? -2.382  12.761  0.104   1.00 17.23 ? 64  ARG A CB  1 
ATOM   519  C CG  . ARG A 1 64  ? -3.808  12.390  0.252   1.00 23.26 ? 64  ARG A CG  1 
ATOM   520  C CD  . ARG A 1 64  ? -4.691  13.440  -0.418  1.00 28.28 ? 64  ARG A CD  1 
ATOM   521  N NE  . ARG A 1 64  ? -6.062  13.282  0.045   1.00 32.33 ? 64  ARG A NE  1 
ATOM   522  C CZ  . ARG A 1 64  ? -6.432  13.509  1.295   1.00 34.07 ? 64  ARG A CZ  1 
ATOM   523  N NH1 . ARG A 1 64  ? -5.546  13.915  2.190   1.00 35.81 ? 64  ARG A NH1 1 
ATOM   524  N NH2 . ARG A 1 64  ? -7.640  13.151  1.695   1.00 36.88 ? 64  ARG A NH2 1 
ATOM   525  N N   . LYS A 1 65  ? -0.002  13.085  -1.907  1.00 17.10 ? 65  LYS A N   1 
ATOM   526  C CA  . LYS A 1 65  ? 1.278   13.723  -2.147  1.00 19.98 ? 65  LYS A CA  1 
ATOM   527  C C   . LYS A 1 65  ? 0.955   15.191  -2.323  1.00 22.01 ? 65  LYS A C   1 
ATOM   528  O O   . LYS A 1 65  ? 0.106   15.547  -3.138  1.00 21.57 ? 65  LYS A O   1 
ATOM   529  C CB  . LYS A 1 65  ? 1.952   13.140  -3.387  1.00 20.77 ? 65  LYS A CB  1 
ATOM   530  C CG  . LYS A 1 65  ? 2.994   14.052  -4.010  1.00 23.61 ? 65  LYS A CG  1 
ATOM   531  C CD  . LYS A 1 65  ? 4.123   14.401  -3.075  1.00 25.87 ? 65  LYS A CD  1 
ATOM   532  C CE  . LYS A 1 65  ? 4.982   15.545  -3.650  1.00 28.83 ? 65  LYS A CE  1 
ATOM   533  N NZ  . LYS A 1 65  ? 4.929   15.677  -5.156  1.00 31.35 ? 65  LYS A NZ  1 
ATOM   534  N N   . LEU A 1 66  ? 1.541   16.033  -1.482  1.00 24.08 ? 66  LEU A N   1 
ATOM   535  C CA  . LEU A 1 66  ? 1.303   17.466  -1.564  1.00 26.78 ? 66  LEU A CA  1 
ATOM   536  C C   . LEU A 1 66  ? 2.287   18.081  -2.462  1.00 28.48 ? 66  LEU A C   1 
ATOM   537  O O   . LEU A 1 66  ? 3.393   17.581  -2.610  1.00 27.34 ? 66  LEU A O   1 
ATOM   538  C CB  . LEU A 1 66  ? 1.431   18.105  -0.190  1.00 27.19 ? 66  LEU A CB  1 
ATOM   539  C CG  . LEU A 1 66  ? 0.614   17.536  0.967   1.00 28.43 ? 66  LEU A CG  1 
ATOM   540  C CD1 . LEU A 1 66  ? 0.883   18.348  2.242   1.00 27.94 ? 66  LEU A CD1 1 
ATOM   541  C CD2 . LEU A 1 66  ? -0.870  17.553  0.621   1.00 29.15 ? 66  LEU A CD2 1 
ATOM   542  N N   . ASP A 1 67  ? 1.910   19.187  -3.101  1.00 31.39 ? 67  ASP A N   1 
ATOM   543  C CA  . ASP A 1 67  ? 2.847   19.899  -3.982  1.00 33.64 ? 67  ASP A CA  1 
ATOM   544  C C   . ASP A 1 67  ? 3.934   20.359  -3.163  1.00 33.84 ? 67  ASP A C   1 
ATOM   545  O O   . ASP A 1 67  ? 5.073   20.438  -3.614  1.00 34.63 ? 67  ASP A O   1 
ATOM   546  C CB  . ASP A 1 67  ? 2.151   21.063  -4.659  1.00 35.99 ? 67  ASP A CB  1 
ATOM   547  C CG  . ASP A 1 67  ? 0.980   20.601  -5.482  1.00 38.46 ? 67  ASP A CG  1 
ATOM   548  O OD1 . ASP A 1 67  ? -0.140  20.533  -4.927  1.00 40.33 ? 67  ASP A OD1 1 
ATOM   549  O OD2 . ASP A 1 67  ? 1.195   20.224  -6.659  1.00 40.96 ? 67  ASP A OD2 1 
ATOM   550  N N   . SER A 1 68  ? 3.607   20.577  -1.892  1.00 34.04 ? 68  SER A N   1 
ATOM   551  C CA  . SER A 1 68  ? 4.532   21.008  -0.844  1.00 33.68 ? 68  SER A CA  1 
ATOM   552  C C   . SER A 1 68  ? 5.623   19.876  -0.448  1.00 32.43 ? 68  SER A C   1 
ATOM   553  O O   . SER A 1 68  ? 6.458   20.098  0.442   1.00 32.73 ? 68  SER A O   1 
ATOM   554  C CB  . SER A 1 68  ? 3.714   21.397  0.386   1.00 34.53 ? 68  SER A CB  1 
ATOM   555  O OG  . SER A 1 68  ? 2.425   21.825  -0.038  1.00 36.21 ? 68  SER A OG  1 
ATOM   556  N N   . GLY A 1 69  ? 5.517   18.695  -1.072  1.00 30.35 ? 69  GLY A N   1 
ATOM   557  C CA  . GLY A 1 69  ? 6.487   17.625  -0.859  1.00 27.29 ? 69  GLY A CA  1 
ATOM   558  C C   . GLY A 1 69  ? 6.155   16.376  -0.053  1.00 24.12 ? 69  GLY A C   1 
ATOM   559  O O   . GLY A 1 69  ? 6.640   15.282  -0.363  1.00 25.48 ? 69  GLY A O   1 
ATOM   560  N N   . GLY A 1 70  ? 5.332   16.521  0.969   1.00 21.77 ? 70  GLY A N   1 
ATOM   561  C CA  . GLY A 1 70  ? 5.028   15.369  1.790   1.00 17.47 ? 70  GLY A CA  1 
ATOM   562  C C   . GLY A 1 70  ? 4.093   14.323  1.217   1.00 14.99 ? 70  GLY A C   1 
ATOM   563  O O   . GLY A 1 70  ? 3.249   14.603  0.371   1.00 15.80 ? 70  GLY A O   1 
ATOM   564  N N   . PHE A 1 71  ? 4.291   13.100  1.671   1.00 11.24 ? 71  PHE A N   1 
ATOM   565  C CA  . PHE A 1 71  ? 3.478   11.951  1.315   1.00 9.82  ? 71  PHE A CA  1 
ATOM   566  C C   . PHE A 1 71  ? 2.856   11.481  2.626   1.00 8.08  ? 71  PHE A C   1 
ATOM   567  O O   . PHE A 1 71  ? 3.532   11.482  3.660   1.00 6.93  ? 71  PHE A O   1 
ATOM   568  C CB  . PHE A 1 71  ? 4.339   10.794  0.792   1.00 9.79  ? 71  PHE A CB  1 
ATOM   569  C CG  . PHE A 1 71  ? 4.876   11.016  -0.576  1.00 10.40 ? 71  PHE A CG  1 
ATOM   570  C CD1 . PHE A 1 71  ? 6.041   11.758  -0.759  1.00 10.62 ? 71  PHE A CD1 1 
ATOM   571  C CD2 . PHE A 1 71  ? 4.238   10.463  -1.683  1.00 10.63 ? 71  PHE A CD2 1 
ATOM   572  C CE1 . PHE A 1 71  ? 6.549   11.940  -2.017  1.00 12.07 ? 71  PHE A CE1 1 
ATOM   573  C CE2 . PHE A 1 71  ? 4.750   10.650  -2.945  1.00 11.16 ? 71  PHE A CE2 1 
ATOM   574  C CZ  . PHE A 1 71  ? 5.906   11.386  -3.105  1.00 11.29 ? 71  PHE A CZ  1 
ATOM   575  N N   . TYR A 1 72  ? 1.589   11.068  2.590   1.00 7.56  ? 72  TYR A N   1 
ATOM   576  C CA  . TYR A 1 72  ? 0.957   10.569  3.809   1.00 7.34  ? 72  TYR A CA  1 
ATOM   577  C C   . TYR A 1 72  ? -0.348  9.859   3.561   1.00 6.01  ? 72  TYR A C   1 
ATOM   578  O O   . TYR A 1 72  ? -0.944  10.011  2.503   1.00 5.45  ? 72  TYR A O   1 
ATOM   579  C CB  . TYR A 1 72  ? 0.695   11.724  4.794   1.00 9.20  ? 72  TYR A CB  1 
ATOM   580  C CG  . TYR A 1 72  ? -0.236  12.782  4.266   1.00 10.53 ? 72  TYR A CG  1 
ATOM   581  C CD1 . TYR A 1 72  ? -1.626  12.610  4.293   1.00 11.09 ? 72  TYR A CD1 1 
ATOM   582  C CD2 . TYR A 1 72  ? 0.273   13.978  3.767   1.00 12.48 ? 72  TYR A CD2 1 
ATOM   583  C CE1 . TYR A 1 72  ? -2.482  13.611  3.842   1.00 12.57 ? 72  TYR A CE1 1 
ATOM   584  C CE2 . TYR A 1 72  ? -0.568  14.991  3.319   1.00 15.29 ? 72  TYR A CE2 1 
ATOM   585  C CZ  . TYR A 1 72  ? -1.944  14.792  3.354   1.00 14.88 ? 72  TYR A CZ  1 
ATOM   586  O OH  . TYR A 1 72  ? -2.768  15.790  2.883   1.00 18.84 ? 72  TYR A OH  1 
ATOM   587  N N   . ILE A 1 73  ? -0.743  9.043   4.532   1.00 5.46  ? 73  ILE A N   1 
ATOM   588  C CA  . ILE A 1 73  ? -2.026  8.376   4.541   1.00 5.74  ? 73  ILE A CA  1 
ATOM   589  C C   . ILE A 1 73  ? -2.838  9.332   5.502   1.00 6.56  ? 73  ILE A C   1 
ATOM   590  O O   . ILE A 1 73  ? -3.944  9.731   5.190   1.00 7.41  ? 73  ILE A O   1 
ATOM   591  C CB  . ILE A 1 73  ? -1.964  6.959   5.107   1.00 6.01  ? 73  ILE A CB  1 
ATOM   592  C CG1 . ILE A 1 73  ? -1.130  6.093   4.158   1.00 6.47  ? 73  ILE A CG1 1 
ATOM   593  C CG2 . ILE A 1 73  ? -3.385  6.368   5.235   1.00 6.40  ? 73  ILE A CG2 1 
ATOM   594  C CD1 . ILE A 1 73  ? -0.834  4.716   4.696   1.00 6.78  ? 73  ILE A CD1 1 
ATOM   595  N N   . THR A 1 74  ? -2.258  9.674   6.645   1.00 7.17  ? 74  THR A N   1 
ATOM   596  C CA  . THR A 1 74  ? -2.908  10.614  7.555   1.00 8.04  ? 74  THR A CA  1 
ATOM   597  C C   . THR A 1 74  ? -2.027  11.894  7.579   1.00 7.82  ? 74  THR A C   1 
ATOM   598  O O   . THR A 1 74  ? -0.813  11.818  7.721   1.00 7.05  ? 74  THR A O   1 
ATOM   599  C CB  . THR A 1 74  ? -3.140  10.037  8.998   1.00 8.76  ? 74  THR A CB  1 
ATOM   600  O OG1 . THR A 1 74  ? -3.676  11.078  9.836   1.00 9.59  ? 74  THR A OG1 1 
ATOM   601  C CG2 . THR A 1 74  ? -1.868  9.467   9.631   1.00 8.64  ? 74  THR A CG2 1 
ATOM   602  N N   . SER A 1 75  ? -2.657  13.057  7.453   1.00 7.31  ? 75  SER A N   1 
ATOM   603  C CA  . SER A 1 75  ? -1.939  14.330  7.440   1.00 8.42  ? 75  SER A CA  1 
ATOM   604  C C   . SER A 1 75  ? -1.110  14.573  8.683   1.00 7.40  ? 75  SER A C   1 
ATOM   605  O O   . SER A 1 75  ? -0.180  15.385  8.662   1.00 8.84  ? 75  SER A O   1 
ATOM   606  C CB  . SER A 1 75  ? -2.924  15.493  7.227   1.00 9.48  ? 75  SER A CB  1 
ATOM   607  O OG  . SER A 1 75  ? -3.777  15.647  8.352   1.00 10.61 ? 75  SER A OG  1 
ATOM   608  N N   . ARG A 1 76  ? -1.429  13.871  9.769   1.00 8.54  ? 76  ARG A N   1 
ATOM   609  C CA  . ARG A 1 76  ? -0.675  14.025  11.016  1.00 9.56  ? 76  ARG A CA  1 
ATOM   610  C C   . ARG A 1 76  ? 0.741   13.371  10.965  1.00 8.95  ? 76  ARG A C   1 
ATOM   611  O O   . ARG A 1 76  ? 1.640   13.756  11.737  1.00 9.82  ? 76  ARG A O   1 
ATOM   612  C CB  . ARG A 1 76  ? -1.454  13.386  12.167  1.00 11.90 ? 76  ARG A CB  1 
ATOM   613  C CG  . ARG A 1 76  ? -2.754  14.118  12.511  1.00 16.63 ? 76  ARG A CG  1 
ATOM   614  C CD  . ARG A 1 76  ? -2.457  15.451  13.178  1.00 20.85 ? 76  ARG A CD  1 
ATOM   615  N NE  . ARG A 1 76  ? -1.630  15.285  14.383  1.00 25.30 ? 76  ARG A NE  1 
ATOM   616  C CZ  . ARG A 1 76  ? -2.099  14.889  15.571  1.00 27.41 ? 76  ARG A CZ  1 
ATOM   617  N NH1 . ARG A 1 76  ? -3.396  14.633  15.725  1.00 28.90 ? 76  ARG A NH1 1 
ATOM   618  N NH2 . ARG A 1 76  ? -1.265  14.675  16.588  1.00 29.14 ? 76  ARG A NH2 1 
ATOM   619  N N   . THR A 1 77  ? 0.911   12.445  10.017  1.00 7.23  ? 77  THR A N   1 
ATOM   620  C CA  . THR A 1 77  ? 2.133   11.628  9.890   1.00 7.34  ? 77  THR A CA  1 
ATOM   621  C C   . THR A 1 77  ? 2.616   11.606  8.446   1.00 6.78  ? 77  THR A C   1 
ATOM   622  O O   . THR A 1 77  ? 2.222   10.754  7.664   1.00 7.37  ? 77  THR A O   1 
ATOM   623  C CB  . THR A 1 77  ? 1.779   10.193  10.383  1.00 7.80  ? 77  THR A CB  1 
ATOM   624  O OG1 . THR A 1 77  ? 1.149   10.296  11.672  1.00 8.67  ? 77  THR A OG1 1 
ATOM   625  C CG2 . THR A 1 77  ? 2.995   9.258   10.446  1.00 7.96  ? 77  THR A CG2 1 
ATOM   626  N N   . GLN A 1 78  ? 3.524   12.525  8.136   1.00 6.47  ? 78  GLN A N   1 
ATOM   627  C CA  . GLN A 1 78  ? 4.043   12.697  6.788   1.00 5.91  ? 78  GLN A CA  1 
ATOM   628  C C   . GLN A 1 78  ? 5.459   12.309  6.611   1.00 5.63  ? 78  GLN A C   1 
ATOM   629  O O   . GLN A 1 78  ? 6.244   12.248  7.594   1.00 5.44  ? 78  GLN A O   1 
ATOM   630  C CB  . GLN A 1 78  ? 3.880   14.150  6.378   1.00 5.70  ? 78  GLN A CB  1 
ATOM   631  C CG  . GLN A 1 78  ? 2.466   14.633  6.640   1.00 8.25  ? 78  GLN A CG  1 
ATOM   632  C CD  . GLN A 1 78  ? 2.184   15.995  6.032   1.00 11.30 ? 78  GLN A CD  1 
ATOM   633  O OE1 . GLN A 1 78  ? 1.201   16.652  6.402   1.00 12.94 ? 78  GLN A OE1 1 
ATOM   634  N NE2 . GLN A 1 78  ? 3.012   16.418  5.084   1.00 10.41 ? 78  GLN A NE2 1 
ATOM   635  N N   . PHE A 1 79  ? 5.810   12.103  5.337   1.00 5.95  ? 79  PHE A N   1 
ATOM   636  C CA  . PHE A 1 79  ? 7.145   11.677  4.928   1.00 6.42  ? 79  PHE A CA  1 
ATOM   637  C C   . PHE A 1 79  ? 7.688   12.449  3.756   1.00 7.31  ? 79  PHE A C   1 
ATOM   638  O O   . PHE A 1 79  ? 6.927   12.996  2.954   1.00 8.19  ? 79  PHE A O   1 
ATOM   639  C CB  . PHE A 1 79  ? 7.140   10.171  4.637   1.00 6.54  ? 79  PHE A CB  1 
ATOM   640  C CG  . PHE A 1 79  ? 6.643   9.367   5.794   1.00 5.88  ? 79  PHE A CG  1 
ATOM   641  C CD1 . PHE A 1 79  ? 5.275   9.066   5.916   1.00 5.83  ? 79  PHE A CD1 1 
ATOM   642  C CD2 . PHE A 1 79  ? 7.500   9.033   6.843   1.00 5.29  ? 79  PHE A CD2 1 
ATOM   643  C CE1 . PHE A 1 79  ? 4.777   8.458   7.067   1.00 6.09  ? 79  PHE A CE1 1 
ATOM   644  C CE2 . PHE A 1 79  ? 7.014   8.423   8.004   1.00 5.84  ? 79  PHE A CE2 1 
ATOM   645  C CZ  . PHE A 1 79  ? 5.642   8.131   8.125   1.00 5.31  ? 79  PHE A CZ  1 
ATOM   646  N N   . ASN A 1 80  ? 9.011   12.473  3.641   1.00 8.46  ? 80  ASN A N   1 
ATOM   647  C CA  . ASN A 1 80  ? 9.674   13.204  2.571   1.00 9.83  ? 80  ASN A CA  1 
ATOM   648  C C   . ASN A 1 80  ? 9.663   12.471  1.219   1.00 10.76 ? 80  ASN A C   1 
ATOM   649  O O   . ASN A 1 80  ? 9.925   13.078  0.164   1.00 10.80 ? 80  ASN A O   1 
ATOM   650  C CB  . ASN A 1 80  ? 11.100  13.565  2.974   1.00 10.87 ? 80  ASN A CB  1 
ATOM   651  C CG  . ASN A 1 80  ? 11.144  14.607  4.072   1.00 12.02 ? 80  ASN A CG  1 
ATOM   652  O OD1 . ASN A 1 80  ? 10.186  15.367  4.279   1.00 11.93 ? 80  ASN A OD1 1 
ATOM   653  N ND2 . ASN A 1 80  ? 12.262  14.657  4.783   1.00 12.37 ? 80  ASN A ND2 1 
ATOM   654  N N   . SER A 1 81  ? 9.310   11.187  1.260   1.00 9.68  ? 81  SER A N   1 
ATOM   655  C CA  . SER A 1 81  ? 9.236   10.370  0.058   1.00 9.44  ? 81  SER A CA  1 
ATOM   656  C C   . SER A 1 81  ? 8.291   9.181   0.283   1.00 9.94  ? 81  SER A C   1 
ATOM   657  O O   . SER A 1 81  ? 8.001   8.792   1.426   1.00 9.79  ? 81  SER A O   1 
ATOM   658  C CB  . SER A 1 81  ? 10.616  9.831   -0.293  1.00 8.50  ? 81  SER A CB  1 
ATOM   659  O OG  . SER A 1 81  ? 11.075  8.946   0.724   1.00 7.99  ? 81  SER A OG  1 
ATOM   660  N N   . LEU A 1 82  ? 7.882   8.557   -0.814  1.00 9.15  ? 82  LEU A N   1 
ATOM   661  C CA  . LEU A 1 82  ? 7.010   7.398   -0.730  1.00 9.61  ? 82  LEU A CA  1 
ATOM   662  C C   . LEU A 1 82  ? 7.818   6.227   -0.102  1.00 8.95  ? 82  LEU A C   1 
ATOM   663  O O   . LEU A 1 82  ? 7.291   5.389   0.642   1.00 8.98  ? 82  LEU A O   1 
ATOM   664  C CB  . LEU A 1 82  ? 6.513   7.043   -2.124  1.00 10.44 ? 82  LEU A CB  1 
ATOM   665  C CG  . LEU A 1 82  ? 5.379   6.041   -2.277  1.00 11.96 ? 82  LEU A CG  1 
ATOM   666  C CD1 . LEU A 1 82  ? 4.146   6.421   -1.420  1.00 12.58 ? 82  LEU A CD1 1 
ATOM   667  C CD2 . LEU A 1 82  ? 5.040   5.952   -3.773  1.00 12.49 ? 82  LEU A CD2 1 
ATOM   668  N N   . GLN A 1 83  ? 9.099   6.186   -0.431  1.00 8.29  ? 83  GLN A N   1 
ATOM   669  C CA  . GLN A 1 83  ? 10.000  5.173   0.090   1.00 8.57  ? 83  GLN A CA  1 
ATOM   670  C C   . GLN A 1 83  ? 10.041  5.238   1.627   1.00 7.58  ? 83  GLN A C   1 
ATOM   671  O O   . GLN A 1 83  ? 9.984   4.209   2.297   1.00 7.42  ? 83  GLN A O   1 
ATOM   672  C CB  . GLN A 1 83  ? 11.424  5.400   -0.462  1.00 9.61  ? 83  GLN A CB  1 
ATOM   673  C CG  . GLN A 1 83  ? 11.610  5.091   -1.982  1.00 12.84 ? 83  GLN A CG  1 
ATOM   674  C CD  . GLN A 1 83  ? 11.256  6.238   -2.971  1.00 15.08 ? 83  GLN A CD  1 
ATOM   675  O OE1 . GLN A 1 83  ? 11.655  6.198   -4.151  1.00 18.24 ? 83  GLN A OE1 1 
ATOM   676  N NE2 . GLN A 1 83  ? 10.566  7.259   -2.495  1.00 12.29 ? 83  GLN A NE2 1 
ATOM   677  N N   . GLN A 1 84  ? 10.135  6.452   2.175   1.00 6.97  ? 84  GLN A N   1 
ATOM   678  C CA  . GLN A 1 84  ? 10.212  6.623   3.637   1.00 7.01  ? 84  GLN A CA  1 
ATOM   679  C C   . GLN A 1 84  ? 8.898   6.266   4.286   1.00 6.27  ? 84  GLN A C   1 
ATOM   680  O O   . GLN A 1 84  ? 8.870   5.770   5.408   1.00 6.47  ? 84  GLN A O   1 
ATOM   681  C CB  . GLN A 1 84  ? 10.657  8.049   3.984   1.00 7.84  ? 84  GLN A CB  1 
ATOM   682  C CG  . GLN A 1 84  ? 12.150  8.285   3.676   1.00 7.73  ? 84  GLN A CG  1 
ATOM   683  C CD  . GLN A 1 84  ? 12.533  9.764   3.598   1.00 7.90  ? 84  GLN A CD  1 
ATOM   684  O OE1 . GLN A 1 84  ? 11.997  10.511  2.773   1.00 9.99  ? 84  GLN A OE1 1 
ATOM   685  N NE2 . GLN A 1 84  ? 13.483  10.179  4.423   1.00 7.57  ? 84  GLN A NE2 1 
ATOM   686  N N   . LEU A 1 85  ? 7.807   6.532   3.585   1.00 5.35  ? 85  LEU A N   1 
ATOM   687  C CA  . LEU A 1 85  ? 6.473   6.184   4.080   1.00 5.16  ? 85  LEU A CA  1 
ATOM   688  C C   . LEU A 1 85  ? 6.376   4.656   4.164   1.00 4.64  ? 85  LEU A C   1 
ATOM   689  O O   . LEU A 1 85  ? 5.967   4.103   5.181   1.00 4.82  ? 85  LEU A O   1 
ATOM   690  C CB  . LEU A 1 85  ? 5.396   6.743   3.145   1.00 4.68  ? 85  LEU A CB  1 
ATOM   691  C CG  . LEU A 1 85  ? 3.913   6.488   3.500   1.00 5.28  ? 85  LEU A CG  1 
ATOM   692  C CD1 . LEU A 1 85  ? 2.992   7.544   2.916   1.00 4.94  ? 85  LEU A CD1 1 
ATOM   693  C CD2 . LEU A 1 85  ? 3.473   5.101   3.014   1.00 6.41  ? 85  LEU A CD2 1 
ATOM   694  N N   . VAL A 1 86  ? 6.794   3.971   3.102   1.00 5.73  ? 86  VAL A N   1 
ATOM   695  C CA  . VAL A 1 86  ? 6.757   2.504   3.113   1.00 5.51  ? 86  VAL A CA  1 
ATOM   696  C C   . VAL A 1 86  ? 7.663   1.934   4.252   1.00 4.98  ? 86  VAL A C   1 
ATOM   697  O O   . VAL A 1 86  ? 7.266   1.006   4.963   1.00 5.57  ? 86  VAL A O   1 
ATOM   698  C CB  . VAL A 1 86  ? 7.173   1.904   1.719   1.00 5.43  ? 86  VAL A CB  1 
ATOM   699  C CG1 . VAL A 1 86  ? 7.404   0.391   1.819   1.00 5.87  ? 86  VAL A CG1 1 
ATOM   700  C CG2 . VAL A 1 86  ? 6.081   2.197   0.676   1.00 6.00  ? 86  VAL A CG2 1 
ATOM   701  N N   . ALA A 1 87  ? 8.864   2.496   4.404   1.00 5.21  ? 87  ALA A N   1 
ATOM   702  C CA  . ALA A 1 87  ? 9.767   2.023   5.439   1.00 5.25  ? 87  ALA A CA  1 
ATOM   703  C C   . ALA A 1 87  ? 9.123   2.218   6.825   1.00 6.08  ? 87  ALA A C   1 
ATOM   704  O O   . ALA A 1 87  ? 9.163   1.323   7.677   1.00 6.29  ? 87  ALA A O   1 
ATOM   705  C CB  . ALA A 1 87  ? 11.086  2.759   5.367   1.00 6.29  ? 87  ALA A CB  1 
ATOM   706  N N   . TYR A 1 88  ? 8.501   3.382   7.036   1.00 5.39  ? 88  TYR A N   1 
ATOM   707  C CA  . TYR A 1 88  ? 7.857   3.639   8.328   1.00 6.05  ? 88  TYR A CA  1 
ATOM   708  C C   . TYR A 1 88  ? 6.715   2.597   8.606   1.00 5.42  ? 88  TYR A C   1 
ATOM   709  O O   . TYR A 1 88  ? 6.657   1.989   9.684   1.00 6.14  ? 88  TYR A O   1 
ATOM   710  C CB  . TYR A 1 88  ? 7.289   5.069   8.365   1.00 5.59  ? 88  TYR A CB  1 
ATOM   711  C CG  . TYR A 1 88  ? 6.525   5.357   9.642   1.00 6.16  ? 88  TYR A CG  1 
ATOM   712  C CD1 . TYR A 1 88  ? 7.155   5.938   10.758  1.00 7.21  ? 88  TYR A CD1 1 
ATOM   713  C CD2 . TYR A 1 88  ? 5.168   5.065   9.733   1.00 6.54  ? 88  TYR A CD2 1 
ATOM   714  C CE1 . TYR A 1 88  ? 6.419   6.219   11.941  1.00 7.26  ? 88  TYR A CE1 1 
ATOM   715  C CE2 . TYR A 1 88  ? 4.445   5.335   10.898  1.00 7.36  ? 88  TYR A CE2 1 
ATOM   716  C CZ  . TYR A 1 88  ? 5.068   5.915   11.990  1.00 8.19  ? 88  TYR A CZ  1 
ATOM   717  O OH  . TYR A 1 88  ? 4.328   6.172   13.140  1.00 10.09 ? 88  TYR A OH  1 
ATOM   718  N N   . TYR A 1 89  ? 5.823   2.413   7.635   1.00 5.88  ? 89  TYR A N   1 
ATOM   719  C CA  . TYR A 1 89  ? 4.715   1.466   7.813   1.00 5.86  ? 89  TYR A CA  1 
ATOM   720  C C   . TYR A 1 89  ? 5.104   -0.029  7.806   1.00 6.20  ? 89  TYR A C   1 
ATOM   721  O O   . TYR A 1 89  ? 4.283   -0.893  8.080   1.00 6.37  ? 89  TYR A O   1 
ATOM   722  C CB  . TYR A 1 89  ? 3.558   1.797   6.878   1.00 5.61  ? 89  TYR A CB  1 
ATOM   723  C CG  . TYR A 1 89  ? 2.868   3.086   7.317   1.00 5.26  ? 89  TYR A CG  1 
ATOM   724  C CD1 . TYR A 1 89  ? 2.946   4.254   6.551   1.00 4.92  ? 89  TYR A CD1 1 
ATOM   725  C CD2 . TYR A 1 89  ? 2.131   3.117   8.504   1.00 6.09  ? 89  TYR A CD2 1 
ATOM   726  C CE1 . TYR A 1 89  ? 2.303   5.419   6.950   1.00 5.90  ? 89  TYR A CE1 1 
ATOM   727  C CE2 . TYR A 1 89  ? 1.481   4.281   8.921   1.00 5.68  ? 89  TYR A CE2 1 
ATOM   728  C CZ  . TYR A 1 89  ? 1.572   5.417   8.142   1.00 7.16  ? 89  TYR A CZ  1 
ATOM   729  O OH  . TYR A 1 89  ? 0.943   6.574   8.559   1.00 8.04  ? 89  TYR A OH  1 
ATOM   730  N N   . SER A 1 90  ? 6.369   -0.316  7.503   1.00 6.80  ? 90  SER A N   1 
ATOM   731  C CA  . SER A 1 90  ? 6.878   -1.682  7.574   1.00 7.83  ? 90  SER A CA  1 
ATOM   732  C C   . SER A 1 90  ? 7.307   -1.931  9.028   1.00 9.08  ? 90  SER A C   1 
ATOM   733  O O   . SER A 1 90  ? 7.568   -3.080  9.402   1.00 10.93 ? 90  SER A O   1 
ATOM   734  C CB  . SER A 1 90  ? 8.088   -1.843  6.652   1.00 7.24  ? 90  SER A CB  1 
ATOM   735  O OG  . SER A 1 90  ? 7.683   -1.642  5.315   1.00 7.83  ? 90  SER A OG  1 
ATOM   736  N N   . LYS A 1 91  ? 7.364   -0.873  9.847   1.00 7.70  ? 91  LYS A N   1 
ATOM   737  C CA  . LYS A 1 91  ? 7.742   -1.020  11.245  1.00 9.41  ? 91  LYS A CA  1 
ATOM   738  C C   . LYS A 1 91  ? 6.634   -0.670  12.239  1.00 8.86  ? 91  LYS A C   1 
ATOM   739  O O   . LYS A 1 91  ? 6.711   -1.039  13.389  1.00 10.32 ? 91  LYS A O   1 
ATOM   740  C CB  . LYS A 1 91  ? 8.981   -0.173  11.576  1.00 10.72 ? 91  LYS A CB  1 
ATOM   741  C CG  . LYS A 1 91  ? 10.193  -0.510  10.720  1.00 14.87 ? 91  LYS A CG  1 
ATOM   742  C CD  . LYS A 1 91  ? 11.357  -1.018  11.536  1.00 17.87 ? 91  LYS A CD  1 
ATOM   743  C CE  . LYS A 1 91  ? 12.563  -1.347  10.646  1.00 17.79 ? 91  LYS A CE  1 
ATOM   744  N NZ  . LYS A 1 91  ? 13.353  -0.165  10.195  1.00 19.41 ? 91  LYS A NZ  1 
ATOM   745  N N   . HIS A 1 92  ? 5.664   0.131   11.823  1.00 9.20  ? 92  HIS A N   1 
ATOM   746  C CA  . HIS A 1 92  ? 4.545   0.522   12.692  1.00 8.70  ? 92  HIS A CA  1 
ATOM   747  C C   . HIS A 1 92  ? 3.290   0.168   12.027  1.00 7.76  ? 92  HIS A C   1 
ATOM   748  O O   . HIS A 1 92  ? 3.066   0.537   10.862  1.00 8.41  ? 92  HIS A O   1 
ATOM   749  C CB  . HIS A 1 92  ? 4.490   2.045   12.877  1.00 9.61  ? 92  HIS A CB  1 
ATOM   750  C CG  . HIS A 1 92  ? 5.807   2.664   13.206  1.00 12.27 ? 92  HIS A CG  1 
ATOM   751  N ND1 . HIS A 1 92  ? 6.081   3.239   14.427  1.00 13.39 ? 92  HIS A ND1 1 
ATOM   752  C CD2 . HIS A 1 92  ? 6.952   2.758   12.485  1.00 11.43 ? 92  HIS A CD2 1 
ATOM   753  C CE1 . HIS A 1 92  ? 7.335   3.657   14.445  1.00 11.64 ? 92  HIS A CE1 1 
ATOM   754  N NE2 . HIS A 1 92  ? 7.883   3.373   13.278  1.00 13.37 ? 92  HIS A NE2 1 
ATOM   755  N N   . ALA A 1 93  ? 2.393   -0.500  12.732  1.00 6.93  ? 93  ALA A N   1 
ATOM   756  C CA  . ALA A 1 93  ? 1.107   -0.822  12.109  1.00 6.63  ? 93  ALA A CA  1 
ATOM   757  C C   . ALA A 1 93  ? 0.235   0.495   12.118  1.00 6.31  ? 93  ALA A C   1 
ATOM   758  O O   . ALA A 1 93  ? -0.449  0.796   11.142  1.00 6.84  ? 93  ALA A O   1 
ATOM   759  C CB  . ALA A 1 93  ? 0.368   -1.930  12.899  1.00 6.00  ? 93  ALA A CB  1 
ATOM   760  N N   . ASP A 1 94  ? 0.270   1.201   13.260  1.00 6.95  ? 94  ASP A N   1 
ATOM   761  C CA  . ASP A 1 94  ? -0.503  2.412   13.473  1.00 6.08  ? 94  ASP A CA  1 
ATOM   762  C C   . ASP A 1 94  ? -1.961  2.112   13.098  1.00 5.87  ? 94  ASP A C   1 
ATOM   763  O O   . ASP A 1 94  ? -2.571  1.235   13.727  1.00 5.94  ? 94  ASP A O   1 
ATOM   764  C CB  . ASP A 1 94  ? 0.091   3.603   12.718  1.00 7.14  ? 94  ASP A CB  1 
ATOM   765  C CG  . ASP A 1 94  ? 1.384   4.114   13.360  1.00 6.82  ? 94  ASP A CG  1 
ATOM   766  O OD1 . ASP A 1 94  ? 1.857   3.544   14.367  1.00 9.04  ? 94  ASP A OD1 1 
ATOM   767  O OD2 . ASP A 1 94  ? 1.921   5.107   12.866  1.00 7.59  ? 94  ASP A OD2 1 
ATOM   768  N N   . GLY A 1 95  ? -2.515  2.795   12.107  1.00 4.93  ? 95  GLY A N   1 
ATOM   769  C CA  . GLY A 1 95  ? -3.893  2.542   11.723  1.00 6.13  ? 95  GLY A CA  1 
ATOM   770  C C   . GLY A 1 95  ? -4.135  1.508   10.622  1.00 6.36  ? 95  GLY A C   1 
ATOM   771  O O   . GLY A 1 95  ? -5.290  1.280   10.247  1.00 7.18  ? 95  GLY A O   1 
ATOM   772  N N   . LEU A 1 96  ? -3.066  0.904   10.097  1.00 5.53  ? 96  LEU A N   1 
ATOM   773  C CA  . LEU A 1 96  ? -3.186  -0.081  9.023   1.00 6.52  ? 96  LEU A CA  1 
ATOM   774  C C   . LEU A 1 96  ? -3.602  -1.431  9.567   1.00 5.77  ? 96  LEU A C   1 
ATOM   775  O O   . LEU A 1 96  ? -3.367  -1.730  10.730  1.00 6.19  ? 96  LEU A O   1 
ATOM   776  C CB  . LEU A 1 96  ? -1.841  -0.267  8.328   1.00 6.88  ? 96  LEU A CB  1 
ATOM   777  C CG  . LEU A 1 96  ? -1.150  0.961   7.735   1.00 8.36  ? 96  LEU A CG  1 
ATOM   778  C CD1 . LEU A 1 96  ? 0.190   0.545   7.117   1.00 9.17  ? 96  LEU A CD1 1 
ATOM   779  C CD2 . LEU A 1 96  ? -2.029  1.610   6.704   1.00 10.20 ? 96  LEU A CD2 1 
ATOM   780  N N   . CYS A 1 97  ? -4.060  -2.314  8.685   1.00 6.50  ? 97  CYS A N   1 
ATOM   781  C CA  . CYS A 1 97  ? -4.501  -3.658  9.091   1.00 6.41  ? 97  CYS A CA  1 
ATOM   782  C C   . CYS A 1 97  ? -3.338  -4.536  9.592   1.00 6.80  ? 97  CYS A C   1 
ATOM   783  O O   . CYS A 1 97  ? -3.554  -5.491  10.365  1.00 6.89  ? 97  CYS A O   1 
ATOM   784  C CB  . CYS A 1 97  ? -5.224  -4.372  7.943   1.00 7.26  ? 97  CYS A CB  1 
ATOM   785  S SG  . CYS A 1 97  ? -4.313  -4.442  6.382   1.00 8.05  ? 97  CYS A SG  1 
ATOM   786  N N   . HIS A 1 98  ? -2.118  -4.186  9.162   1.00 6.90  ? 98  HIS A N   1 
ATOM   787  C CA  . HIS A 1 98  ? -0.914  -4.906  9.539   1.00 6.03  ? 98  HIS A CA  1 
ATOM   788  C C   . HIS A 1 98  ? 0.249   -4.096  9.046   1.00 5.47  ? 98  HIS A C   1 
ATOM   789  O O   . HIS A 1 98  ? 0.115   -3.326  8.084   1.00 6.38  ? 98  HIS A O   1 
ATOM   790  C CB  . HIS A 1 98  ? -0.875  -6.264  8.842   1.00 5.83  ? 98  HIS A CB  1 
ATOM   791  C CG  . HIS A 1 98  ? 0.110   -7.220  9.432   1.00 6.11  ? 98  HIS A CG  1 
ATOM   792  N ND1 . HIS A 1 98  ? 1.431   -7.275  9.038   1.00 6.25  ? 98  HIS A ND1 1 
ATOM   793  C CD2 . HIS A 1 98  ? -0.028  -8.139  10.419  1.00 5.49  ? 98  HIS A CD2 1 
ATOM   794  C CE1 . HIS A 1 98  ? 2.067   -8.182  9.760   1.00 7.56  ? 98  HIS A CE1 1 
ATOM   795  N NE2 . HIS A 1 98  ? 1.203   -8.722  10.606  1.00 7.24  ? 98  HIS A NE2 1 
ATOM   796  N N   . ARG A 1 99  ? 1.394   -4.204  9.708   1.00 5.39  ? 99  ARG A N   1 
ATOM   797  C CA  . ARG A 1 99  ? 2.577   -3.491  9.212   1.00 5.66  ? 99  ARG A CA  1 
ATOM   798  C C   . ARG A 1 99  ? 2.906   -4.125  7.775   1.00 4.99  ? 99  ARG A C   1 
ATOM   799  O O   . ARG A 1 99  ? 2.547   -5.292  7.507   1.00 4.49  ? 99  ARG A O   1 
ATOM   800  C CB  . ARG A 1 99  ? 3.777   -3.704  10.156  1.00 6.72  ? 99  ARG A CB  1 
ATOM   801  C CG  . ARG A 1 99  ? 4.485   -5.032  9.984   1.00 7.87  ? 99  ARG A CG  1 
ATOM   802  C CD  . ARG A 1 99  ? 5.692   -5.169  10.911  1.00 10.62 ? 99  ARG A CD  1 
ATOM   803  N NE  . ARG A 1 99  ? 6.308   -6.496  10.762  1.00 11.69 ? 99  ARG A NE  1 
ATOM   804  C CZ  . ARG A 1 99  ? 7.238   -6.809  9.859   1.00 11.21 ? 99  ARG A CZ  1 
ATOM   805  N NH1 . ARG A 1 99  ? 7.702   -5.899  9.002   1.00 11.82 ? 99  ARG A NH1 1 
ATOM   806  N NH2 . ARG A 1 99  ? 7.673   -8.061  9.789   1.00 12.58 ? 99  ARG A NH2 1 
ATOM   807  N N   . LEU A 1 100 ? 3.546   -3.348  6.900   1.00 5.21  ? 100 LEU A N   1 
ATOM   808  C CA  . LEU A 1 100 ? 3.921   -3.843  5.567   1.00 5.06  ? 100 LEU A CA  1 
ATOM   809  C C   . LEU A 1 100 ? 5.051   -4.828  5.751   1.00 5.58  ? 100 LEU A C   1 
ATOM   810  O O   . LEU A 1 100 ? 6.012   -4.568  6.493   1.00 5.96  ? 100 LEU A O   1 
ATOM   811  C CB  . LEU A 1 100 ? 4.353   -2.687  4.646   1.00 5.14  ? 100 LEU A CB  1 
ATOM   812  C CG  . LEU A 1 100 ? 3.312   -1.548  4.514   1.00 4.36  ? 100 LEU A CG  1 
ATOM   813  C CD1 . LEU A 1 100 ? 3.856   -0.475  3.562   1.00 4.85  ? 100 LEU A CD1 1 
ATOM   814  C CD2 . LEU A 1 100 ? 1.940   -2.071  4.077   1.00 4.52  ? 100 LEU A CD2 1 
ATOM   815  N N   . THR A 1 101 ? 4.906   -5.991  5.117   1.00 5.38  ? 101 THR A N   1 
ATOM   816  C CA  . THR A 1 101 ? 5.911   -7.036  5.229   1.00 6.70  ? 101 THR A CA  1 
ATOM   817  C C   . THR A 1 101 ? 6.698   -7.226  3.923   1.00 7.83  ? 101 THR A C   1 
ATOM   818  O O   . THR A 1 101 ? 7.794   -6.633  3.761   1.00 9.31  ? 101 THR A O   1 
ATOM   819  C CB  . THR A 1 101 ? 5.282   -8.364  5.745   1.00 6.05  ? 101 THR A CB  1 
ATOM   820  O OG1 . THR A 1 101 ? 4.199   -8.766  4.900   1.00 5.61  ? 101 THR A OG1 1 
ATOM   821  C CG2 . THR A 1 101 ? 4.770   -8.188  7.174   1.00 5.83  ? 101 THR A CG2 1 
ATOM   822  N N   . THR A 1 102 ? 6.116   -7.939  2.958   1.00 7.69  ? 102 THR A N   1 
ATOM   823  C CA  . THR A 1 102 ? 6.808   -8.164  1.690   1.00 8.07  ? 102 THR A CA  1 
ATOM   824  C C   . THR A 1 102 ? 5.984   -7.800  0.462   1.00 7.21  ? 102 THR A C   1 
ATOM   825  O O   . THR A 1 102 ? 4.751   -7.809  0.476   1.00 6.16  ? 102 THR A O   1 
ATOM   826  C CB  . THR A 1 102 ? 7.377   -9.618  1.572   1.00 9.20  ? 102 THR A CB  1 
ATOM   827  O OG1 . THR A 1 102 ? 6.305   -10.566 1.564   1.00 11.68 ? 102 THR A OG1 1 
ATOM   828  C CG2 . THR A 1 102 ? 8.328   -9.938  2.755   1.00 8.95  ? 102 THR A CG2 1 
ATOM   829  N N   . VAL A 1 103 ? 6.697   -7.466  -0.609  1.00 7.68  ? 103 VAL A N   1 
ATOM   830  C CA  . VAL A 1 103 ? 6.068   -7.091  -1.860  1.00 7.97  ? 103 VAL A CA  1 
ATOM   831  C C   . VAL A 1 103 ? 5.238   -8.264  -2.490  1.00 8.12  ? 103 VAL A C   1 
ATOM   832  O O   . VAL A 1 103 ? 5.637   -9.426  -2.468  1.00 7.65  ? 103 VAL A O   1 
ATOM   833  C CB  . VAL A 1 103 ? 7.097   -6.560  -2.844  1.00 7.56  ? 103 VAL A CB  1 
ATOM   834  C CG1 . VAL A 1 103 ? 6.429   -6.129  -4.107  1.00 8.76  ? 103 VAL A CG1 1 
ATOM   835  C CG2 . VAL A 1 103 ? 7.853   -5.405  -2.203  1.00 12.21 ? 103 VAL A CG2 1 
ATOM   836  N N   . CYS A 1 104 ? 4.060   -7.918  -2.983  1.00 8.10  ? 104 CYS A N   1 
ATOM   837  C CA  . CYS A 1 104 ? 3.180   -8.873  -3.607  1.00 9.07  ? 104 CYS A CA  1 
ATOM   838  C C   . CYS A 1 104 ? 3.805   -9.533  -4.852  1.00 11.59 ? 104 CYS A C   1 
ATOM   839  O O   . CYS A 1 104 ? 4.474   -8.874  -5.623  1.00 10.77 ? 104 CYS A O   1 
ATOM   840  C CB  . CYS A 1 104 ? 1.892   -8.188  -4.071  1.00 8.76  ? 104 CYS A CB  1 
ATOM   841  S SG  . CYS A 1 104 ? 0.569   -9.340  -4.403  1.00 9.87  ? 104 CYS A SG  1 
ATOM   842  N N   . PRO A 1 105 ? 3.622   -10.850 -5.009  1.00 14.21 ? 105 PRO A N   1 
ATOM   843  C CA  . PRO A 1 105 ? 4.146   -11.579 -6.168  1.00 17.80 ? 105 PRO A CA  1 
ATOM   844  C C   . PRO A 1 105 ? 3.167   -11.278 -7.317  1.00 20.74 ? 105 PRO A C   1 
ATOM   845  O O   . PRO A 1 105 ? 2.011   -10.946 -7.062  1.00 20.45 ? 105 PRO A O   1 
ATOM   846  C CB  . PRO A 1 105 ? 3.969   -13.049 -5.757  1.00 16.81 ? 105 PRO A CB  1 
ATOM   847  C CG  . PRO A 1 105 ? 3.977   -13.023 -4.251  1.00 17.27 ? 105 PRO A CG  1 
ATOM   848  C CD  . PRO A 1 105 ? 3.159   -11.781 -3.958  1.00 15.67 ? 105 PRO A CD  1 
ATOM   849  N N   . THR A 1 106 ? 3.623   -11.421 -8.567  1.00 24.38 ? 106 THR A N   1 
ATOM   850  C CA  . THR A 1 106 ? 2.830   -11.229 -9.794  1.00 28.31 ? 106 THR A CA  1 
ATOM   851  C C   . THR A 1 106 ? 2.207   -12.710 -10.178 1.00 29.62 ? 106 THR A C   1 
ATOM   852  O O   . THR A 1 106 ? 1.226   -12.805 -10.967 1.00 31.01 ? 106 THR A O   1 
ATOM   853  C CB  . THR A 1 106 ? 3.767   -10.737 -10.966 1.00 29.56 ? 106 THR A CB  1 
ATOM   854  O OG1 . THR A 1 106 ? 4.335   -9.461  -10.644 1.00 32.43 ? 106 THR A OG1 1 
ATOM   855  C CG2 . THR A 1 106 ? 3.036   -10.645 -12.299 1.00 31.73 ? 106 THR A CG2 1 
HETATM 856  C C1  A 853 B 2 .   ? -9.774  4.157   -0.834  0.50 15.00 ? 300 853 A C1  1 
HETATM 857  C C1  B 853 B 2 .   ? -9.738  4.221   -0.695  0.50 19.39 ? 300 853 A C1  1 
HETATM 858  C C2  A 853 B 2 .   ? -8.564  3.558   -1.280  0.50 14.27 ? 300 853 A C2  1 
HETATM 859  C C2  B 853 B 2 .   ? -8.610  3.550   -1.234  0.50 19.75 ? 300 853 A C2  1 
HETATM 860  C C3  A 853 B 2 .   ? -8.249  3.539   -2.656  0.50 13.58 ? 300 853 A C3  1 
HETATM 861  C C3  B 853 B 2 .   ? -8.357  3.622   -2.620  0.50 20.55 ? 300 853 A C3  1 
HETATM 862  C C4  A 853 B 2 .   ? -9.110  4.238   -3.575  0.50 12.86 ? 300 853 A C4  1 
HETATM 863  C C4  B 853 B 2 .   ? -9.202  4.440   -3.446  0.50 20.70 ? 300 853 A C4  1 
HETATM 864  C C5  A 853 B 2 .   ? -10.290 4.966   -3.129  0.50 14.25 ? 300 853 A C5  1 
HETATM 865  C C5  B 853 B 2 .   ? -10.284 5.229   -2.881  0.50 20.41 ? 300 853 A C5  1 
HETATM 866  C C6  A 853 B 2 .   ? -10.641 4.862   -1.737  0.50 15.22 ? 300 853 A C6  1 
HETATM 867  C C6  B 853 B 2 .   ? -10.565 5.070   -1.493  0.50 20.06 ? 300 853 A C6  1 
HETATM 868  C C10 A 853 B 2 .   ? -10.154 4.014   0.662   0.50 16.16 ? 300 853 A C10 1 
HETATM 869  C C10 B 853 B 2 .   ? -10.084 4.004   0.788   0.50 18.60 ? 300 853 A C10 1 
HETATM 870  C C11 A 853 B 2 .   ? -10.839 2.657   0.896   0.50 17.25 ? 300 853 A C11 1 
HETATM 871  C C11 B 853 B 2 .   ? -10.807 2.659   0.955   0.50 18.08 ? 300 853 A C11 1 
HETATM 872  C C14 A 853 B 2 .   ? -11.100 2.446   2.379   0.50 17.64 ? 300 853 A C14 1 
HETATM 873  C C14 B 853 B 2 .   ? -11.108 2.416   2.412   0.50 17.59 ? 300 853 A C14 1 
HETATM 874  N N15 A 853 B 2 .   ? -10.097 1.912   3.051   0.50 17.40 ? 300 853 A N15 1 
HETATM 875  N N15 B 853 B 2 .   ? -10.101 1.899   3.089   0.50 16.67 ? 300 853 A N15 1 
HETATM 876  O O16 A 853 B 2 .   ? -12.179 2.759   2.881   0.50 18.10 ? 300 853 A O16 1 
HETATM 877  O O16 B 853 B 2 .   ? -12.207 2.702   2.885   0.50 17.75 ? 300 853 A O16 1 
HETATM 878  N N17 A 853 B 2 .   ? -12.077 2.597   0.086   0.50 18.40 ? 300 853 A N17 1 
HETATM 879  N N17 B 853 B 2 .   ? -12.031 2.638   0.120   0.50 18.96 ? 300 853 A N17 1 
HETATM 880  C C18 A 853 B 2 .   ? -12.492 1.402   -0.396  0.50 19.35 ? 300 853 A C18 1 
HETATM 881  C C18 B 853 B 2 .   ? -12.433 1.456   -0.397  0.50 19.47 ? 300 853 A C18 1 
HETATM 882  O O19 A 853 B 2 .   ? -11.854 0.356   -0.233  0.50 19.81 ? 300 853 A O19 1 
HETATM 883  O O19 B 853 B 2 .   ? -11.774 0.417   -0.277  0.50 19.55 ? 300 853 A O19 1 
HETATM 884  C C20 A 853 B 2 .   ? -13.846 1.453   -1.170  0.50 18.52 ? 300 853 A C20 1 
HETATM 885  C C20 B 853 B 2 .   ? -13.792 1.508   -1.162  0.50 18.36 ? 300 853 A C20 1 
HETATM 886  C C24 A 853 B 2 .   ? -10.171 1.901   4.503   0.50 17.65 ? 300 853 A C24 1 
HETATM 887  C C24 B 853 B 2 .   ? -10.178 1.914   4.541   0.50 16.86 ? 300 853 A C24 1 
HETATM 888  C C25 A 853 B 2 .   ? -10.071 3.363   5.105   0.50 17.44 ? 300 853 A C25 1 
HETATM 889  C C25 B 853 B 2 .   ? -10.067 3.385   5.116   0.50 16.52 ? 300 853 A C25 1 
HETATM 890  N N26 A 853 B 2 .   ? -10.270 3.476   6.471   0.50 17.31 ? 300 853 A N26 1 
HETATM 891  N N26 B 853 B 2 .   ? -10.256 3.519   6.481   0.50 16.49 ? 300 853 A N26 1 
HETATM 892  O O27 A 853 B 2 .   ? -9.837  4.337   4.372   0.50 17.97 ? 300 853 A O27 1 
HETATM 893  O O27 B 853 B 2 .   ? -9.838  4.347   4.366   0.50 16.51 ? 300 853 A O27 1 
HETATM 894  C C28 A 853 B 2 .   ? -10.452 2.344   7.392   0.50 16.76 ? 300 853 A C28 1 
HETATM 895  C C28 B 853 B 2 .   ? -10.442 2.407   7.424   0.50 16.59 ? 300 853 A C28 1 
HETATM 896  C C29 A 853 B 2 .   ? -9.244  1.443   7.504   0.50 16.85 ? 300 853 A C29 1 
HETATM 897  C C29 B 853 B 2 .   ? -9.245  1.491   7.545   0.50 16.28 ? 300 853 A C29 1 
HETATM 898  C C32 A 853 B 2 .   ? -10.147 4.797   7.170   0.50 16.51 ? 300 853 A C32 1 
HETATM 899  C C32 B 853 B 2 .   ? -10.119 4.849   7.157   0.50 15.80 ? 300 853 A C32 1 
HETATM 900  C C33 A 853 B 2 .   ? -8.724  4.935   7.733   0.50 16.73 ? 300 853 A C33 1 
HETATM 901  C C33 B 853 B 2 .   ? -8.695  4.976   7.717   0.50 16.20 ? 300 853 A C33 1 
HETATM 902  C C36 A 853 B 2 .   ? -9.172  0.419   6.378   0.50 17.00 ? 300 853 A C36 1 
HETATM 903  C C36 B 853 B 2 .   ? -9.189  0.451   6.435   0.50 16.68 ? 300 853 A C36 1 
HETATM 904  C C39 A 853 B 2 .   ? -9.015  1.018   4.969   0.50 17.32 ? 300 853 A C39 1 
HETATM 905  C C39 B 853 B 2 .   ? -9.028  1.030   5.020   0.50 16.66 ? 300 853 A C39 1 
HETATM 906  C C46 A 853 B 2 .   ? -7.640  4.940   6.765   0.50 16.48 ? 300 853 A C46 1 
HETATM 907  C C46 B 853 B 2 .   ? -7.613  4.974   6.745   0.50 16.38 ? 300 853 A C46 1 
HETATM 908  C C47 A 853 B 2 .   ? -6.322  4.932   7.230   0.50 15.80 ? 300 853 A C47 1 
HETATM 909  C C47 B 853 B 2 .   ? -6.294  4.951   7.209   0.50 16.05 ? 300 853 A C47 1 
HETATM 910  C C48 A 853 B 2 .   ? -6.107  5.048   8.657   0.50 16.20 ? 300 853 A C48 1 
HETATM 911  C C48 B 853 B 2 .   ? -6.076  5.068   8.636   0.50 16.27 ? 300 853 A C48 1 
HETATM 912  C C49 A 853 B 2 .   ? -7.182  5.105   9.634   0.50 15.14 ? 300 853 A C49 1 
HETATM 913  C C49 B 853 B 2 .   ? -7.149  5.131   9.616   0.50 15.04 ? 300 853 A C49 1 
HETATM 914  C C50 A 853 B 2 .   ? -8.499  4.985   9.154   0.50 15.87 ? 300 853 A C50 1 
HETATM 915  C C50 B 853 B 2 .   ? -8.468  5.017   9.138   0.50 15.40 ? 300 853 A C50 1 
HETATM 916  C C55 A 853 B 2 .   ? -4.669  5.156   9.091   0.50 15.87 ? 300 853 A C55 1 
HETATM 917  C C55 B 853 B 2 .   ? -4.635  5.172   9.063   0.50 16.10 ? 300 853 A C55 1 
HETATM 918  C C56 A 853 B 2 .   ? -3.632  4.459   8.369   0.50 16.10 ? 300 853 A C56 1 
HETATM 919  C C56 B 853 B 2 .   ? -3.603  4.454   8.353   0.50 16.41 ? 300 853 A C56 1 
HETATM 920  C C57 A 853 B 2 .   ? -2.314  4.564   8.826   0.50 16.26 ? 300 853 A C57 1 
HETATM 921  C C57 B 853 B 2 .   ? -2.288  4.536   8.823   0.50 16.69 ? 300 853 A C57 1 
HETATM 922  C C58 A 853 B 2 .   ? -2.003  5.297   10.007  0.50 15.27 ? 300 853 A C58 1 
HETATM 923  C C58 B 853 B 2 .   ? -1.977  5.271   10.001  0.50 15.67 ? 300 853 A C58 1 
HETATM 924  C C59 A 853 B 2 .   ? -3.005  5.984   10.701  0.50 15.35 ? 300 853 A C59 1 
HETATM 925  C C59 B 853 B 2 .   ? -2.972  5.989   10.673  0.50 15.68 ? 300 853 A C59 1 
HETATM 926  C C60 A 853 B 2 .   ? -4.341  5.973   10.223  0.50 16.90 ? 300 853 A C60 1 
HETATM 927  C C60 B 853 B 2 .   ? -4.298  6.007   10.175  0.50 16.75 ? 300 853 A C60 1 
HETATM 928  C C68 A 853 B 2 .   ? -11.048 5.930   -4.022  0.50 14.71 ? 300 853 A C68 1 
HETATM 929  C C68 B 853 B 2 .   ? -11.061 6.259   -3.649  0.50 19.91 ? 300 853 A C68 1 
HETATM 930  O O69 A 853 B 2 .   ? -12.289 5.640   -4.417  0.50 14.65 ? 300 853 A O69 1 
HETATM 931  O O69 B 853 B 2 .   ? -12.339 5.985   -3.934  0.50 19.12 ? 300 853 A O69 1 
HETATM 932  O O70 A 853 B 2 .   ? -10.525 6.946   -4.392  0.50 14.83 ? 300 853 A O70 1 
HETATM 933  O O70 B 853 B 2 .   ? -10.526 7.271   -4.020  0.50 20.54 ? 300 853 A O70 1 
HETATM 934  C C71 A 853 B 2 .   ? -8.659  4.255   -5.038  0.50 9.12  ? 300 853 A C71 1 
HETATM 935  C C71 B 853 B 2 .   ? -8.808  4.419   -4.932  0.50 20.63 ? 300 853 A C71 1 
HETATM 936  C C72 A 853 B 2 .   ? -8.615  2.888   -5.715  0.50 4.72  ? 300 853 A C72 1 
HETATM 937  C C72 B 853 B 2 .   ? -9.882  4.722   -5.959  0.50 20.76 ? 300 853 A C72 1 
HETATM 938  O O75 A 853 B 2 .   ? -8.169  3.015   -6.963  0.50 2.31  ? 300 853 A O75 1 
HETATM 939  O O75 B 853 B 2 .   ? -11.065 4.030   -5.897  0.50 20.61 ? 300 853 A O75 1 
HETATM 940  O O76 A 853 B 2 .   ? -8.940  1.846   -5.233  0.50 2.58  ? 300 853 A O76 1 
HETATM 941  O O76 B 853 B 2 .   ? -9.628  5.547   -6.790  0.50 20.67 ? 300 853 A O76 1 
HETATM 942  O O   . HOH C 3 .   ? 3.037   -11.342 8.223   1.00 7.09  ? 301 HOH A O   1 
HETATM 943  O O   . HOH C 3 .   ? -5.939  -5.765  11.392  1.00 12.17 ? 302 HOH A O   1 
HETATM 944  O O   . HOH C 3 .   ? 0.341   6.653   11.218  1.00 10.21 ? 303 HOH A O   1 
HETATM 945  O O   . HOH C 3 .   ? -4.961  -3.799  -13.917 1.00 10.51 ? 304 HOH A O   1 
HETATM 946  O O   . HOH C 3 .   ? -2.618  -11.697 4.231   1.00 6.84  ? 305 HOH A O   1 
HETATM 947  O O   . HOH C 3 .   ? -2.862  -14.954 4.597   1.00 12.76 ? 306 HOH A O   1 
HETATM 948  O O   . HOH C 3 .   ? 12.431  -1.598  -1.682  1.00 11.28 ? 307 HOH A O   1 
HETATM 949  O O   . HOH C 3 .   ? -12.707 0.327   -8.375  1.00 9.96  ? 308 HOH A O   1 
HETATM 950  O O   . HOH C 3 .   ? -5.302  9.190   2.851   1.00 8.00  ? 309 HOH A O   1 
HETATM 951  O O   . HOH C 3 .   ? -13.140 3.354   -10.578 1.00 6.13  ? 310 HOH A O   1 
HETATM 952  O O   . HOH C 3 .   ? 3.411   11.257  13.601  1.00 19.17 ? 311 HOH A O   1 
HETATM 953  O O   . HOH C 3 .   ? 5.136   8.838   13.850  1.00 18.16 ? 312 HOH A O   1 
HETATM 954  O O   . HOH C 3 .   ? 11.362  -0.289  7.569   1.00 12.62 ? 313 HOH A O   1 
HETATM 955  O O   . HOH C 3 .   ? -0.609  8.692   12.833  1.00 9.98  ? 314 HOH A O   1 
HETATM 956  O O   . HOH C 3 .   ? -6.929  -1.061  11.394  1.00 11.28 ? 315 HOH A O   1 
HETATM 957  O O   . HOH C 3 .   ? -6.884  -14.207 -6.471  1.00 21.86 ? 316 HOH A O   1 
HETATM 958  O O   . HOH C 3 .   ? 9.314   -3.488  3.802   1.00 22.64 ? 317 HOH A O   1 
HETATM 959  O O   . HOH C 3 .   ? -11.064 -8.167  -0.538  1.00 17.56 ? 318 HOH A O   1 
HETATM 960  O O   . HOH C 3 .   ? -11.779 -8.400  -6.536  1.00 17.44 ? 319 HOH A O   1 
HETATM 961  O O   . HOH C 3 .   ? -9.901  -9.955  -7.719  1.00 28.06 ? 320 HOH A O   1 
HETATM 962  O O   . HOH C 3 .   ? -5.481  2.002   -10.183 1.00 16.44 ? 321 HOH A O   1 
HETATM 963  O O   . HOH C 3 .   ? 8.755   -5.193  6.075   1.00 16.65 ? 322 HOH A O   1 
HETATM 964  O O   . HOH C 3 .   ? 13.121  5.802   6.280   1.00 12.95 ? 323 HOH A O   1 
HETATM 965  O O   . HOH C 3 .   ? -5.478  2.810   -12.858 1.00 20.13 ? 324 HOH A O   1 
HETATM 966  O O   . HOH C 3 .   ? -4.914  5.507   -12.611 1.00 14.48 ? 325 HOH A O   1 
HETATM 967  O O   . HOH C 3 .   ? -7.221  -8.222  10.938  1.00 17.69 ? 326 HOH A O   1 
HETATM 968  O O   . HOH C 3 .   ? -12.753 -3.596  -3.268  1.00 15.45 ? 327 HOH A O   1 
HETATM 969  O O   . HOH C 3 .   ? 11.355  -6.686  -2.238  1.00 18.00 ? 328 HOH A O   1 
HETATM 970  O O   . HOH C 3 .   ? -3.914  9.134   -11.509 1.00 67.48 ? 329 HOH A O   1 
HETATM 971  O O   . HOH C 3 .   ? -7.450  -8.130  -13.138 1.00 17.92 ? 330 HOH A O   1 
HETATM 972  O O   . HOH C 3 .   ? 0.172   -13.010 -6.156  1.00 22.21 ? 331 HOH A O   1 
HETATM 973  O O   . HOH C 3 .   ? -3.268  -14.586 -7.007  1.00 21.36 ? 332 HOH A O   1 
HETATM 974  O O   . HOH C 3 .   ? -11.659 -11.238 0.921   1.00 24.43 ? 333 HOH A O   1 
HETATM 975  O O   . HOH C 3 .   ? 12.322  1.699   -0.999  1.00 18.44 ? 334 HOH A O   1 
HETATM 976  O O   . HOH C 3 .   ? 8.419   -0.901  -11.006 1.00 39.93 ? 335 HOH A O   1 
HETATM 977  O O   . HOH C 3 .   ? 14.517  12.985  4.233   1.00 14.47 ? 336 HOH A O   1 
HETATM 978  O O   . HOH C 3 .   ? -8.596  -6.148  7.088   1.00 17.24 ? 337 HOH A O   1 
HETATM 979  O O   . HOH C 3 .   ? 6.469   -8.967  -7.354  1.00 17.78 ? 338 HOH A O   1 
HETATM 980  O O   . HOH C 3 .   ? 4.113   -7.556  12.593  1.00 13.29 ? 339 HOH A O   1 
HETATM 981  O O   . HOH C 3 .   ? -11.180 -3.370  0.970   1.00 14.93 ? 340 HOH A O   1 
HETATM 982  O O   . HOH C 3 .   ? 3.034   -16.645 -4.630  1.00 50.04 ? 341 HOH A O   1 
HETATM 983  O O   . HOH C 3 .   ? 11.225  1.908   1.442   1.00 16.64 ? 342 HOH A O   1 
HETATM 984  O O   . HOH C 3 .   ? 9.610   -7.558  -0.270  1.00 22.81 ? 343 HOH A O   1 
HETATM 985  O O   . HOH C 3 .   ? -4.845  -19.053 -3.411  1.00 33.10 ? 344 HOH A O   1 
HETATM 986  O O   . HOH C 3 .   ? -11.114 -6.324  3.748   1.00 16.13 ? 345 HOH A O   1 
HETATM 987  O O   . HOH C 3 .   ? 11.421  -7.926  -4.645  1.00 27.47 ? 346 HOH A O   1 
HETATM 988  O O   . HOH C 3 .   ? 7.952   -6.790  -7.978  1.00 17.59 ? 347 HOH A O   1 
HETATM 989  O O   . HOH C 3 .   ? -9.417  -14.655 16.703  1.00 20.24 ? 348 HOH A O   1 
HETATM 990  O O   . HOH C 3 .   ? 6.547   -10.188 11.117  1.00 45.37 ? 349 HOH A O   1 
HETATM 991  O O   . HOH C 3 .   ? 13.577  5.247   3.590   1.00 23.07 ? 350 HOH A O   1 
HETATM 992  O O   . HOH C 3 .   ? -6.295  14.068  16.642  1.00 17.30 ? 351 HOH A O   1 
HETATM 993  O O   . HOH C 3 .   ? 14.062  12.154  1.007   1.00 27.36 ? 352 HOH A O   1 
HETATM 994  O O   . HOH C 3 .   ? 5.538   0.334   -12.347 1.00 26.85 ? 353 HOH A O   1 
HETATM 995  O O   . HOH C 3 .   ? 0.153   -8.181  13.611  1.00 21.85 ? 354 HOH A O   1 
HETATM 996  O O   . HOH C 3 .   ? -2.482  -2.031  -18.310 1.00 68.16 ? 355 HOH A O   1 
HETATM 997  O O   . HOH C 3 .   ? -16.063 1.874   -4.065  1.00 66.24 ? 356 HOH A O   1 
HETATM 998  O O   . HOH C 3 .   ? -5.174  -17.334 -5.571  1.00 33.05 ? 357 HOH A O   1 
HETATM 999  O O   . HOH C 3 .   ? 0.950   17.944  10.123  1.00 55.57 ? 358 HOH A O   1 
HETATM 1000 O O   . HOH C 3 .   ? 1.473   15.602  13.777  1.00 36.52 ? 359 HOH A O   1 
HETATM 1001 O O   . HOH C 3 .   ? 1.025   -14.840 -3.977  1.00 32.98 ? 360 HOH A O   1 
HETATM 1002 O O   . HOH C 3 .   ? 10.337  -8.006  -7.350  1.00 17.40 ? 361 HOH A O   1 
HETATM 1003 O O   . HOH C 3 .   ? -0.254  -7.547  -12.569 1.00 31.43 ? 362 HOH A O   1 
HETATM 1004 O O   . HOH C 3 .   ? -3.164  6.756   -15.571 1.00 32.52 ? 363 HOH A O   1 
HETATM 1005 O O   . HOH C 3 .   ? 1.298   -19.617 -5.594  1.00 55.13 ? 364 HOH A O   1 
HETATM 1006 O O   . HOH C 3 .   ? -9.303  -10.148 -12.455 1.00 26.52 ? 365 HOH A O   1 
HETATM 1007 O O   . HOH C 3 .   ? -14.921 6.612   -7.836  1.00 15.36 ? 366 HOH A O   1 
HETATM 1008 O O   . HOH C 3 .   ? -0.062  5.477   -16.088 1.00 35.49 ? 367 HOH A O   1 
HETATM 1009 O O   . HOH C 3 .   ? -0.263  8.679   -14.790 1.00 71.80 ? 368 HOH A O   1 
HETATM 1010 O O   . HOH C 3 .   ? -1.976  -20.029 -3.646  1.00 27.57 ? 369 HOH A O   1 
HETATM 1011 O O   . HOH C 3 .   ? -19.327 5.508   -8.521  1.00 24.44 ? 370 HOH A O   1 
HETATM 1012 O O   . HOH C 3 .   ? -16.877 -15.930 8.963   1.00 51.46 ? 371 HOH A O   1 
HETATM 1013 O O   . HOH C 3 .   ? 4.067   14.468  10.087  1.00 10.11 ? 372 HOH A O   1 
HETATM 1014 O O   . HOH C 3 .   ? -12.089 -0.826  7.024   1.00 37.78 ? 373 HOH A O   1 
HETATM 1015 O O   . HOH C 3 .   ? -6.908  -0.436  8.587   1.00 17.60 ? 374 HOH A O   1 
HETATM 1016 O O   . HOH C 3 .   ? 3.651   2.874   16.101  1.00 44.78 ? 375 HOH A O   1 
HETATM 1017 O O   . HOH C 3 .   ? -3.793  -17.382 3.568   1.00 20.52 ? 376 HOH A O   1 
HETATM 1018 O O   . HOH C 3 .   ? 4.707   -15.503 -1.900  1.00 33.73 ? 377 HOH A O   1 
HETATM 1019 O O   . HOH C 3 .   ? -5.857  -15.396 -11.117 1.00 52.57 ? 378 HOH A O   1 
HETATM 1020 O O   . HOH C 3 .   ? -7.472  5.293   3.073   1.00 11.67 ? 379 HOH A O   1 
HETATM 1021 O O   . HOH C 3 .   ? 1.406   -10.910 12.169  1.00 17.42 ? 380 HOH A O   1 
HETATM 1022 O O   . HOH C 3 .   ? 2.054   1.454   -14.863 1.00 29.00 ? 381 HOH A O   1 
HETATM 1023 O O   . HOH C 3 .   ? 2.499   5.249   -12.477 1.00 19.62 ? 382 HOH A O   1 
HETATM 1024 O O   . HOH C 3 .   ? -4.362  1.198   -18.850 1.00 24.56 ? 383 HOH A O   1 
HETATM 1025 O O   . HOH C 3 .   ? -8.924  -17.237 3.772   1.00 17.95 ? 384 HOH A O   1 
HETATM 1026 O O   . HOH C 3 .   ? 8.989   11.835  8.076   1.00 5.82  ? 385 HOH A O   1 
HETATM 1027 O O   . HOH C 3 .   ? -0.659  -14.533 -8.352  1.00 42.05 ? 386 HOH A O   1 
HETATM 1028 O O   . HOH C 3 .   ? 4.103   -17.981 2.067   1.00 10.47 ? 387 HOH A O   1 
HETATM 1029 O O   . HOH C 3 .   ? -8.345  -13.877 14.248  1.00 14.84 ? 388 HOH A O   1 
HETATM 1030 O O   . HOH C 3 .   ? -10.261 -1.041  1.681   1.00 10.09 ? 389 HOH A O   1 
HETATM 1031 O O   . HOH C 3 .   ? 0.562   8.799   7.066   1.00 5.74  ? 390 HOH A O   1 
HETATM 1032 O O   . HOH C 3 .   ? 8.994   9.323   -3.333  1.00 12.10 ? 391 HOH A O   1 
HETATM 1033 O O   . HOH C 3 .   ? 14.444  8.231   6.377   1.00 13.67 ? 392 HOH A O   1 
HETATM 1034 O O   . HOH C 3 .   ? -4.426  -0.634  12.972  1.00 6.75  ? 393 HOH A O   1 
HETATM 1035 O O   . HOH C 3 .   ? 1.690   10.437  -10.382 1.00 37.52 ? 394 HOH A O   1 
HETATM 1036 O O   . HOH C 3 .   ? 2.077   -6.384  -12.678 1.00 58.41 ? 395 HOH A O   1 
HETATM 1037 O O   . HOH C 3 .   ? 1.507   -1.780  -15.719 1.00 74.59 ? 396 HOH A O   1 
HETATM 1038 O O   . HOH C 3 .   ? -10.030 -11.507 -10.154 1.00 36.12 ? 397 HOH A O   1 
HETATM 1039 O O   . HOH C 3 .   ? -7.274  -17.499 -1.394  1.00 53.73 ? 398 HOH A O   1 
HETATM 1040 O O   . HOH C 3 .   ? 1.337   -23.525 -1.285  1.00 51.41 ? 399 HOH A O   1 
HETATM 1041 O O   . HOH C 3 .   ? -1.269  8.747   -10.153 1.00 33.16 ? 400 HOH A O   1 
HETATM 1042 O O   . HOH C 3 .   ? -1.967  13.155  -4.028  1.00 19.53 ? 401 HOH A O   1 
HETATM 1043 O O   . HOH C 3 .   ? -13.335 -11.466 3.557   1.00 21.91 ? 402 HOH A O   1 
HETATM 1044 O O   . HOH C 3 .   ? 10.534  11.700  5.753   1.00 8.25  ? 403 HOH A O   1 
HETATM 1045 O O   . HOH C 3 .   ? -0.600  -11.354 13.960  1.00 28.02 ? 404 HOH A O   1 
HETATM 1046 O O   . HOH C 3 .   ? 13.886  9.483   -3.062  1.00 37.39 ? 405 HOH A O   1 
HETATM 1047 O O   . HOH C 3 .   ? -7.305  9.498   -11.987 1.00 48.03 ? 406 HOH A O   1 
HETATM 1048 O O   . HOH C 3 .   ? 3.924   -10.605 13.379  1.00 40.04 ? 407 HOH A O   1 
HETATM 1049 O O   . HOH C 3 .   ? -14.149 8.109   -9.765  1.00 27.61 ? 408 HOH A O   1 
HETATM 1050 O O   . HOH C 3 .   ? -1.763  -0.286  -20.415 1.00 54.03 ? 409 HOH A O   1 
HETATM 1051 O O   . HOH C 3 .   ? -11.150 -14.875 -3.148  1.00 61.86 ? 410 HOH A O   1 
HETATM 1052 O O   . HOH C 3 .   ? -5.669  10.515  -13.757 1.00 47.29 ? 411 HOH A O   1 
HETATM 1053 O O   . HOH C 3 .   ? 5.724   -4.145  -10.491 1.00 43.07 ? 412 HOH A O   1 
HETATM 1054 O O   . HOH C 3 .   ? 4.830   2.257   -14.180 1.00 94.79 ? 413 HOH A O   1 
HETATM 1055 O O   . HOH C 3 .   ? -11.097 -15.323 1.570   1.00 37.61 ? 414 HOH A O   1 
HETATM 1056 O O   . HOH C 3 .   ? -10.639 -12.871 -6.620  1.00 46.27 ? 415 HOH A O   1 
HETATM 1057 O O   . HOH C 3 .   ? -12.582 -11.036 -4.584  1.00 42.75 ? 416 HOH A O   1 
HETATM 1058 O O   . HOH C 3 .   ? 14.998  16.827  3.118   1.00 38.36 ? 417 HOH A O   1 
HETATM 1059 O O   . HOH C 3 .   ? -8.613  -12.578 -13.768 1.00 53.85 ? 418 HOH A O   1 
HETATM 1060 O O   . HOH C 3 .   ? -1.171  -22.815 -2.951  1.00 66.34 ? 419 HOH A O   1 
HETATM 1061 O O   . HOH C 3 .   ? -19.559 -10.056 8.010   1.00 74.73 ? 420 HOH A O   1 
HETATM 1062 O O   . HOH C 3 .   ? -12.172 -0.583  4.012   1.00 51.79 ? 421 HOH A O   1 
HETATM 1063 O O   . HOH C 3 .   ? -3.040  16.271  -1.395  1.00 56.51 ? 422 HOH A O   1 
HETATM 1064 O O   . HOH C 3 .   ? 13.680  8.125   0.202   1.00 30.13 ? 423 HOH A O   1 
HETATM 1065 O O   . HOH C 3 .   ? -1.764  -10.661 16.251  1.00 14.70 ? 424 HOH A O   1 
HETATM 1066 O O   . HOH C 3 .   ? -4.007  -13.922 11.698  1.00 17.80 ? 425 HOH A O   1 
HETATM 1067 O O   . HOH C 3 .   ? -1.237  -13.156 12.067  1.00 20.74 ? 426 HOH A O   1 
HETATM 1068 O O   . HOH C 3 .   ? -13.604 -16.775 16.233  1.00 20.02 ? 427 HOH A O   1 
HETATM 1069 O O   . HOH C 3 .   ? -0.840  -8.130  16.554  1.00 30.47 ? 428 HOH A O   1 
HETATM 1070 O O   . HOH C 3 .   ? -18.895 -17.698 10.191  1.00 30.78 ? 429 HOH A O   1 
HETATM 1071 O O   . HOH C 3 .   ? -5.809  13.506  -3.453  1.00 39.31 ? 430 HOH A O   1 
HETATM 1072 O O   . HOH C 3 .   ? -7.832  7.645   -4.225  1.00 22.22 ? 431 HOH A O   1 
HETATM 1073 O O   . HOH C 3 .   ? -13.255 -3.356  -0.702  1.00 30.98 ? 432 HOH A O   1 
HETATM 1074 O O   . HOH C 3 .   ? -10.711 -16.903 16.858  1.00 26.15 ? 433 HOH A O   1 
HETATM 1075 O O   . HOH C 3 .   ? -16.042 -12.833 -6.142  1.00 39.99 ? 434 HOH A O   1 
HETATM 1076 O O   . HOH C 3 .   ? -19.936 -15.734 7.691   1.00 45.02 ? 435 HOH A O   1 
HETATM 1077 O O   . HOH C 3 .   ? -0.704  19.030  5.817   1.00 49.43 ? 436 HOH A O   1 
HETATM 1078 O O   . HOH C 3 .   ? -18.486 1.943   -6.402  1.00 39.38 ? 437 HOH A O   1 
HETATM 1079 O O   . HOH C 3 .   ? -5.385  7.926   -3.402  1.00 36.95 ? 438 HOH A O   1 
HETATM 1080 O O   . HOH C 3 .   ? -8.634  17.912  -2.714  1.00 55.36 ? 439 HOH A O   1 
HETATM 1081 O O   . HOH C 3 .   ? 15.427  10.389  -0.466  1.00 46.08 ? 440 HOH A O   1 
HETATM 1082 O O   . HOH C 3 .   ? -12.376 9.486   -1.310  1.00 37.21 ? 441 HOH A O   1 
HETATM 1083 O O   . HOH C 3 .   ? -2.642  19.570  8.628   1.00 44.45 ? 442 HOH A O   1 
HETATM 1084 O O   . HOH C 3 .   ? -6.923  10.364  -3.608  1.00 56.67 ? 443 HOH A O   1 
HETATM 1085 O O   . HOH C 3 .   ? -6.217  -17.762 -14.229 1.00 49.94 ? 444 HOH A O   1 
HETATM 1086 O O   . HOH C 3 .   ? -1.355  21.280  3.105   1.00 52.28 ? 445 HOH A O   1 
HETATM 1087 O O   . HOH C 3 .   ? 4.847   7.966   -10.616 1.00 52.09 ? 446 HOH A O   1 
HETATM 1088 O O   . HOH C 3 .   ? -1.207  20.036  -2.711  1.00 28.53 ? 447 HOH A O   1 
HETATM 1089 O O   . HOH C 3 .   ? -17.246 -6.497  2.986   1.00 50.64 ? 448 HOH A O   1 
HETATM 1090 O O   . HOH C 3 .   ? -13.569 -3.705  3.176   1.00 45.79 ? 449 HOH A O   1 
HETATM 1091 O O   . HOH C 3 .   ? 14.416  14.800  1.264   1.00 64.88 ? 450 HOH A O   1 
HETATM 1092 O O   . HOH C 3 .   ? -7.271  -18.431 1.709   1.00 36.18 ? 451 HOH A O   1 
HETATM 1093 O O   . HOH C 3 .   ? -15.837 10.058  -8.681  1.00 38.30 ? 452 HOH A O   1 
HETATM 1094 O O   . HOH C 3 .   ? -9.072  -17.110 -5.541  1.00 55.38 ? 453 HOH A O   1 
HETATM 1095 O O   . HOH C 3 .   ? 8.092   13.667  -5.548  1.00 52.71 ? 454 HOH A O   1 
HETATM 1096 O O   . HOH C 3 .   ? 14.837  6.515   -2.921  1.00 56.91 ? 455 HOH A O   1 
HETATM 1097 O O   . HOH C 3 .   ? -9.201  11.796  -2.635  1.00 53.96 ? 456 HOH A O   1 
HETATM 1098 O O   . HOH C 3 .   ? -11.306 10.038  -3.789  1.00 46.48 ? 457 HOH A O   1 
HETATM 1099 O O   . HOH C 3 .   ? -0.100  22.078  -1.269  1.00 70.38 ? 458 HOH A O   1 
HETATM 1100 O O   . HOH C 3 .   ? -3.191  24.000  -0.571  1.00 54.59 ? 459 HOH A O   1 
HETATM 1101 O O   . HOH C 3 .   ? -13.905 7.457   -5.432  1.00 22.60 ? 460 HOH A O   1 
HETATM 1102 O O   . HOH C 3 .   ? 2.620   -3.385  -13.090 1.00 37.29 ? 461 HOH A O   1 
HETATM 1103 O O   . HOH C 3 .   ? -3.537  0.055   -16.667 1.00 47.18 ? 462 HOH A O   1 
HETATM 1104 O O   . HOH C 3 .   ? 4.745   -11.072 3.274   1.00 26.16 ? 463 HOH A O   1 
HETATM 1105 O O   . HOH C 3 .   ? -8.721  -9.206  8.452   1.00 26.43 ? 464 HOH A O   1 
HETATM 1106 O O   . HOH C 3 .   ? -12.556 -4.440  7.689   1.00 28.80 ? 465 HOH A O   1 
HETATM 1107 O O   . HOH C 3 .   ? 4.081   -10.564 10.505  1.00 41.79 ? 466 HOH A O   1 
HETATM 1108 O O   . HOH C 3 .   ? -16.068 -1.175  -3.218  1.00 35.69 ? 467 HOH A O   1 
HETATM 1109 O O   . HOH C 3 .   ? -6.419  -13.897 -14.849 1.00 48.00 ? 468 HOH A O   1 
HETATM 1110 O O   . HOH C 3 .   ? -17.322 7.445   -8.435  1.00 39.59 ? 469 HOH A O   1 
HETATM 1111 O O   . HOH C 3 .   ? -13.695 3.752   -3.394  1.00 46.24 ? 470 HOH A O   1 
HETATM 1112 O O   . HOH C 3 .   ? -9.321  -15.544 -1.300  1.00 33.05 ? 471 HOH A O   1 
HETATM 1113 O O   . HOH C 3 .   ? -9.242  11.466  0.570   1.00 43.30 ? 472 HOH A O   1 
HETATM 1114 O O   . HOH C 3 .   ? -15.475 -1.755  -0.274  1.00 40.37 ? 473 HOH A O   1 
HETATM 1115 O O   . HOH C 3 .   ? 3.828   11.952  -6.294  1.00 46.64 ? 474 HOH A O   1 
HETATM 1116 O O   . HOH C 3 .   ? -20.955 1.722   -4.103  1.00 53.68 ? 475 HOH A O   1 
HETATM 1117 O O   . HOH C 3 .   ? 11.325  3.504   9.335   1.00 21.30 ? 476 HOH A O   1 
HETATM 1118 O O   . HOH C 3 .   ? -6.322  10.779  1.191   1.00 31.57 ? 477 HOH A O   1 
HETATM 1119 O O   . HOH C 3 .   ? -5.095  10.833  -1.735  1.00 33.38 ? 478 HOH A O   1 
HETATM 1120 O O   . HOH C 3 .   ? -6.053  -15.181 12.981  1.00 36.57 ? 479 HOH A O   1 
HETATM 1121 O O   . HOH C 3 .   ? -12.988 13.912  -2.094  1.00 34.01 ? 480 HOH A O   1 
HETATM 1122 O O   . HOH C 3 .   ? -2.608  17.520  10.575  1.00 39.25 ? 481 HOH A O   1 
HETATM 1123 O O   . HOH C 3 .   ? -17.802 7.919   -5.295  1.00 41.94 ? 482 HOH A O   1 
HETATM 1124 O O   . HOH C 3 .   ? -12.599 -12.843 -1.078  1.00 44.53 ? 483 HOH A O   1 
HETATM 1125 O O   . HOH C 3 .   ? -16.724 -9.832  8.425   1.00 40.37 ? 484 HOH A O   1 
HETATM 1126 O O   . HOH C 3 .   ? -22.071 -5.708  5.731   1.00 44.93 ? 485 HOH A O   1 
HETATM 1127 O O   . HOH C 3 .   ? 1.001   15.496  -6.218  1.00 42.41 ? 486 HOH A O   1 
# 
loop_
_pdbx_poly_seq_scheme.asym_id 
_pdbx_poly_seq_scheme.entity_id 
_pdbx_poly_seq_scheme.seq_id 
_pdbx_poly_seq_scheme.mon_id 
_pdbx_poly_seq_scheme.ndb_seq_num 
_pdbx_poly_seq_scheme.pdb_seq_num 
_pdbx_poly_seq_scheme.auth_seq_num 
_pdbx_poly_seq_scheme.pdb_mon_id 
_pdbx_poly_seq_scheme.auth_mon_id 
_pdbx_poly_seq_scheme.pdb_strand_id 
_pdbx_poly_seq_scheme.pdb_ins_code 
_pdbx_poly_seq_scheme.hetero 
A 1 1   SER 1   1   1   SER SER A . n 
A 1 2   ILE 2   2   2   ILE ILE A . n 
A 1 3   GLN 3   3   3   GLN GLN A . n 
A 1 4   ALA 4   4   4   ALA ALA A . n 
A 1 5   GLU 5   5   5   GLU GLU A . n 
A 1 6   GLU 6   6   6   GLU GLU A . n 
A 1 7   TRP 7   7   7   TRP TRP A . n 
A 1 8   TYR 8   8   8   TYR TYR A . n 
A 1 9   PHE 9   9   9   PHE PHE A . n 
A 1 10  GLY 10  10  10  GLY GLY A . n 
A 1 11  LYS 11  11  11  LYS LYS A . n 
A 1 12  ILE 12  12  12  ILE ILE A . n 
A 1 13  THR 13  13  13  THR THR A . n 
A 1 14  ARG 14  14  14  ARG ARG A . n 
A 1 15  ARG 15  15  15  ARG ARG A . n 
A 1 16  GLU 16  16  16  GLU GLU A . n 
A 1 17  SER 17  17  17  SER SER A . n 
A 1 18  GLU 18  18  18  GLU GLU A . n 
A 1 19  ARG 19  19  19  ARG ARG A . n 
A 1 20  LEU 20  20  20  LEU LEU A . n 
A 1 21  LEU 21  21  21  LEU LEU A . n 
A 1 22  LEU 22  22  22  LEU LEU A . n 
A 1 23  ASN 23  23  23  ASN ASN A . n 
A 1 24  ALA 24  24  24  ALA ALA A . n 
A 1 25  GLU 25  25  25  GLU GLU A . n 
A 1 26  ASN 26  26  26  ASN ASN A . n 
A 1 27  PRO 27  27  27  PRO PRO A . n 
A 1 28  ARG 28  28  28  ARG ARG A . n 
A 1 29  GLY 29  29  29  GLY GLY A . n 
A 1 30  THR 30  30  30  THR THR A . n 
A 1 31  PHE 31  31  31  PHE PHE A . n 
A 1 32  LEU 32  32  32  LEU LEU A . n 
A 1 33  VAL 33  33  33  VAL VAL A . n 
A 1 34  ARG 34  34  34  ARG ARG A . n 
A 1 35  GLU 35  35  35  GLU GLU A . n 
A 1 36  SER 36  36  36  SER SER A . n 
A 1 37  GLU 37  37  37  GLU GLU A . n 
A 1 38  THR 38  38  38  THR THR A . n 
A 1 39  THR 39  39  39  THR THR A . n 
A 1 40  LYS 40  40  40  LYS LYS A . n 
A 1 41  GLY 41  41  41  GLY GLY A . n 
A 1 42  ALA 42  42  42  ALA ALA A . n 
A 1 43  TYR 43  43  43  TYR TYR A . n 
A 1 44  CYS 44  44  44  CYS CYS A . n 
A 1 45  LEU 45  45  45  LEU LEU A . n 
A 1 46  SER 46  46  46  SER SER A . n 
A 1 47  VAL 47  47  47  VAL VAL A . n 
A 1 48  SER 48  48  48  SER SER A . n 
A 1 49  ASP 49  49  49  ASP ASP A . n 
A 1 50  PHE 50  50  50  PHE PHE A . n 
A 1 51  ASP 51  51  51  ASP ASP A . n 
A 1 52  ASN 52  52  52  ASN ASN A . n 
A 1 53  ALA 53  53  53  ALA ALA A . n 
A 1 54  LYS 54  54  54  LYS LYS A . n 
A 1 55  GLY 55  55  55  GLY GLY A . n 
A 1 56  LEU 56  56  56  LEU LEU A . n 
A 1 57  ASN 57  57  57  ASN ASN A . n 
A 1 58  VAL 58  58  58  VAL VAL A . n 
A 1 59  LYS 59  59  59  LYS LYS A . n 
A 1 60  HIS 60  60  60  HIS HIS A . n 
A 1 61  TYR 61  61  61  TYR TYR A . n 
A 1 62  LYS 62  62  62  LYS LYS A . n 
A 1 63  ILE 63  63  63  ILE ILE A . n 
A 1 64  ARG 64  64  64  ARG ARG A . n 
A 1 65  LYS 65  65  65  LYS LYS A . n 
A 1 66  LEU 66  66  66  LEU LEU A . n 
A 1 67  ASP 67  67  67  ASP ASP A . n 
A 1 68  SER 68  68  68  SER SER A . n 
A 1 69  GLY 69  69  69  GLY GLY A . n 
A 1 70  GLY 70  70  70  GLY GLY A . n 
A 1 71  PHE 71  71  71  PHE PHE A . n 
A 1 72  TYR 72  72  72  TYR TYR A . n 
A 1 73  ILE 73  73  73  ILE ILE A . n 
A 1 74  THR 74  74  74  THR THR A . n 
A 1 75  SER 75  75  75  SER SER A . n 
A 1 76  ARG 76  76  76  ARG ARG A . n 
A 1 77  THR 77  77  77  THR THR A . n 
A 1 78  GLN 78  78  78  GLN GLN A . n 
A 1 79  PHE 79  79  79  PHE PHE A . n 
A 1 80  ASN 80  80  80  ASN ASN A . n 
A 1 81  SER 81  81  81  SER SER A . n 
A 1 82  LEU 82  82  82  LEU LEU A . n 
A 1 83  GLN 83  83  83  GLN GLN A . n 
A 1 84  GLN 84  84  84  GLN GLN A . n 
A 1 85  LEU 85  85  85  LEU LEU A . n 
A 1 86  VAL 86  86  86  VAL VAL A . n 
A 1 87  ALA 87  87  87  ALA ALA A . n 
A 1 88  TYR 88  88  88  TYR TYR A . n 
A 1 89  TYR 89  89  89  TYR TYR A . n 
A 1 90  SER 90  90  90  SER SER A . n 
A 1 91  LYS 91  91  91  LYS LYS A . n 
A 1 92  HIS 92  92  92  HIS HIS A . n 
A 1 93  ALA 93  93  93  ALA ALA A . n 
A 1 94  ASP 94  94  94  ASP ASP A . n 
A 1 95  GLY 95  95  95  GLY GLY A . n 
A 1 96  LEU 96  96  96  LEU LEU A . n 
A 1 97  CYS 97  97  97  CYS CYS A . n 
A 1 98  HIS 98  98  98  HIS HIS A . n 
A 1 99  ARG 99  99  99  ARG ARG A . n 
A 1 100 LEU 100 100 100 LEU LEU A . n 
A 1 101 THR 101 101 101 THR THR A . n 
A 1 102 THR 102 102 102 THR THR A . n 
A 1 103 VAL 103 103 103 VAL VAL A . n 
A 1 104 CYS 104 104 104 CYS CYS A . n 
A 1 105 PRO 105 105 105 PRO PRO A . n 
A 1 106 THR 106 106 106 THR THR A . n 
A 1 107 SER 107 107 ?   ?   ?   A . n 
A 1 108 LYS 108 108 ?   ?   ?   A . n 
# 
loop_
_pdbx_nonpoly_scheme.asym_id 
_pdbx_nonpoly_scheme.entity_id 
_pdbx_nonpoly_scheme.mon_id 
_pdbx_nonpoly_scheme.ndb_seq_num 
_pdbx_nonpoly_scheme.pdb_seq_num 
_pdbx_nonpoly_scheme.auth_seq_num 
_pdbx_nonpoly_scheme.pdb_mon_id 
_pdbx_nonpoly_scheme.auth_mon_id 
_pdbx_nonpoly_scheme.pdb_strand_id 
_pdbx_nonpoly_scheme.pdb_ins_code 
B 2 853 1   300 1   853 INH A . 
C 3 HOH 1   301 1   HOH HOH A . 
C 3 HOH 2   302 2   HOH HOH A . 
C 3 HOH 3   303 3   HOH HOH A . 
C 3 HOH 4   304 4   HOH HOH A . 
C 3 HOH 5   305 5   HOH HOH A . 
C 3 HOH 6   306 6   HOH HOH A . 
C 3 HOH 7   307 7   HOH HOH A . 
C 3 HOH 8   308 8   HOH HOH A . 
C 3 HOH 9   309 9   HOH HOH A . 
C 3 HOH 10  310 10  HOH HOH A . 
C 3 HOH 11  311 11  HOH HOH A . 
C 3 HOH 12  312 12  HOH HOH A . 
C 3 HOH 13  313 13  HOH HOH A . 
C 3 HOH 14  314 14  HOH HOH A . 
C 3 HOH 15  315 15  HOH HOH A . 
C 3 HOH 16  316 16  HOH HOH A . 
C 3 HOH 17  317 17  HOH HOH A . 
C 3 HOH 18  318 18  HOH HOH A . 
C 3 HOH 19  319 19  HOH HOH A . 
C 3 HOH 20  320 20  HOH HOH A . 
C 3 HOH 21  321 21  HOH HOH A . 
C 3 HOH 22  322 22  HOH HOH A . 
C 3 HOH 23  323 23  HOH HOH A . 
C 3 HOH 24  324 24  HOH HOH A . 
C 3 HOH 25  325 25  HOH HOH A . 
C 3 HOH 26  326 26  HOH HOH A . 
C 3 HOH 27  327 27  HOH HOH A . 
C 3 HOH 28  328 28  HOH HOH A . 
C 3 HOH 29  329 29  HOH HOH A . 
C 3 HOH 30  330 30  HOH HOH A . 
C 3 HOH 31  331 31  HOH HOH A . 
C 3 HOH 32  332 32  HOH HOH A . 
C 3 HOH 33  333 33  HOH HOH A . 
C 3 HOH 34  334 34  HOH HOH A . 
C 3 HOH 35  335 35  HOH HOH A . 
C 3 HOH 36  336 36  HOH HOH A . 
C 3 HOH 37  337 37  HOH HOH A . 
C 3 HOH 38  338 38  HOH HOH A . 
C 3 HOH 39  339 39  HOH HOH A . 
C 3 HOH 40  340 41  HOH HOH A . 
C 3 HOH 41  341 42  HOH HOH A . 
C 3 HOH 42  342 43  HOH HOH A . 
C 3 HOH 43  343 45  HOH HOH A . 
C 3 HOH 44  344 46  HOH HOH A . 
C 3 HOH 45  345 47  HOH HOH A . 
C 3 HOH 46  346 48  HOH HOH A . 
C 3 HOH 47  347 49  HOH HOH A . 
C 3 HOH 48  348 50  HOH HOH A . 
C 3 HOH 49  349 51  HOH HOH A . 
C 3 HOH 50  350 52  HOH HOH A . 
C 3 HOH 51  351 55  HOH HOH A . 
C 3 HOH 52  352 57  HOH HOH A . 
C 3 HOH 53  353 59  HOH HOH A . 
C 3 HOH 54  354 60  HOH HOH A . 
C 3 HOH 55  355 62  HOH HOH A . 
C 3 HOH 56  356 63  HOH HOH A . 
C 3 HOH 57  357 64  HOH HOH A . 
C 3 HOH 58  358 66  HOH HOH A . 
C 3 HOH 59  359 68  HOH HOH A . 
C 3 HOH 60  360 70  HOH HOH A . 
C 3 HOH 61  361 71  HOH HOH A . 
C 3 HOH 62  362 72  HOH HOH A . 
C 3 HOH 63  363 74  HOH HOH A . 
C 3 HOH 64  364 75  HOH HOH A . 
C 3 HOH 65  365 78  HOH HOH A . 
C 3 HOH 66  366 79  HOH HOH A . 
C 3 HOH 67  367 82  HOH HOH A . 
C 3 HOH 68  368 83  HOH HOH A . 
C 3 HOH 69  369 85  HOH HOH A . 
C 3 HOH 70  370 86  HOH HOH A . 
C 3 HOH 71  371 87  HOH HOH A . 
C 3 HOH 72  372 89  HOH HOH A . 
C 3 HOH 73  373 91  HOH HOH A . 
C 3 HOH 74  374 92  HOH HOH A . 
C 3 HOH 75  375 93  HOH HOH A . 
C 3 HOH 76  376 94  HOH HOH A . 
C 3 HOH 77  377 96  HOH HOH A . 
C 3 HOH 78  378 98  HOH HOH A . 
C 3 HOH 79  379 99  HOH HOH A . 
C 3 HOH 80  380 100 HOH HOH A . 
C 3 HOH 81  381 101 HOH HOH A . 
C 3 HOH 82  382 102 HOH HOH A . 
C 3 HOH 83  383 103 HOH HOH A . 
C 3 HOH 84  384 104 HOH HOH A . 
C 3 HOH 85  385 105 HOH HOH A . 
C 3 HOH 86  386 106 HOH HOH A . 
C 3 HOH 87  387 107 HOH HOH A . 
C 3 HOH 88  388 109 HOH HOH A . 
C 3 HOH 89  389 110 HOH HOH A . 
C 3 HOH 90  390 111 HOH HOH A . 
C 3 HOH 91  391 112 HOH HOH A . 
C 3 HOH 92  392 113 HOH HOH A . 
C 3 HOH 93  393 114 HOH HOH A . 
C 3 HOH 94  394 115 HOH HOH A . 
C 3 HOH 95  395 116 HOH HOH A . 
C 3 HOH 96  396 117 HOH HOH A . 
C 3 HOH 97  397 118 HOH HOH A . 
C 3 HOH 98  398 119 HOH HOH A . 
C 3 HOH 99  399 120 HOH HOH A . 
C 3 HOH 100 400 122 HOH HOH A . 
C 3 HOH 101 401 123 HOH HOH A . 
C 3 HOH 102 402 124 HOH HOH A . 
C 3 HOH 103 403 128 HOH HOH A . 
C 3 HOH 104 404 132 HOH HOH A . 
C 3 HOH 105 405 141 HOH HOH A . 
C 3 HOH 106 406 149 HOH HOH A . 
C 3 HOH 107 407 150 HOH HOH A . 
C 3 HOH 108 408 154 HOH HOH A . 
C 3 HOH 109 409 155 HOH HOH A . 
C 3 HOH 110 410 156 HOH HOH A . 
C 3 HOH 111 411 160 HOH HOH A . 
C 3 HOH 112 412 161 HOH HOH A . 
C 3 HOH 113 413 165 HOH HOH A . 
C 3 HOH 114 414 167 HOH HOH A . 
C 3 HOH 115 415 171 HOH HOH A . 
C 3 HOH 116 416 172 HOH HOH A . 
C 3 HOH 117 417 173 HOH HOH A . 
C 3 HOH 118 418 174 HOH HOH A . 
C 3 HOH 119 419 177 HOH HOH A . 
C 3 HOH 120 420 178 HOH HOH A . 
C 3 HOH 121 421 180 HOH HOH A . 
C 3 HOH 122 422 181 HOH HOH A . 
C 3 HOH 123 423 185 HOH HOH A . 
C 3 HOH 124 424 186 HOH HOH A . 
C 3 HOH 125 425 187 HOH HOH A . 
C 3 HOH 126 426 188 HOH HOH A . 
C 3 HOH 127 427 189 HOH HOH A . 
C 3 HOH 128 428 190 HOH HOH A . 
C 3 HOH 129 429 191 HOH HOH A . 
C 3 HOH 130 430 192 HOH HOH A . 
C 3 HOH 131 431 193 HOH HOH A . 
C 3 HOH 132 432 194 HOH HOH A . 
C 3 HOH 133 433 196 HOH HOH A . 
C 3 HOH 134 434 197 HOH HOH A . 
C 3 HOH 135 435 198 HOH HOH A . 
C 3 HOH 136 436 199 HOH HOH A . 
C 3 HOH 137 437 200 HOH HOH A . 
C 3 HOH 138 438 202 HOH HOH A . 
C 3 HOH 139 439 203 HOH HOH A . 
C 3 HOH 140 440 205 HOH HOH A . 
C 3 HOH 141 441 206 HOH HOH A . 
C 3 HOH 142 442 208 HOH HOH A . 
C 3 HOH 143 443 209 HOH HOH A . 
C 3 HOH 144 444 212 HOH HOH A . 
C 3 HOH 145 445 213 HOH HOH A . 
C 3 HOH 146 446 214 HOH HOH A . 
C 3 HOH 147 447 216 HOH HOH A . 
C 3 HOH 148 448 221 HOH HOH A . 
C 3 HOH 149 449 224 HOH HOH A . 
C 3 HOH 150 450 225 HOH HOH A . 
C 3 HOH 151 451 227 HOH HOH A . 
C 3 HOH 152 452 228 HOH HOH A . 
C 3 HOH 153 453 234 HOH HOH A . 
C 3 HOH 154 454 235 HOH HOH A . 
C 3 HOH 155 455 236 HOH HOH A . 
C 3 HOH 156 456 238 HOH HOH A . 
C 3 HOH 157 457 239 HOH HOH A . 
C 3 HOH 158 458 240 HOH HOH A . 
C 3 HOH 159 459 241 HOH HOH A . 
C 3 HOH 160 460 244 HOH HOH A . 
C 3 HOH 161 461 247 HOH HOH A . 
C 3 HOH 162 462 248 HOH HOH A . 
C 3 HOH 163 463 249 HOH HOH A . 
C 3 HOH 164 464 250 HOH HOH A . 
C 3 HOH 165 465 251 HOH HOH A . 
C 3 HOH 166 466 252 HOH HOH A . 
C 3 HOH 167 467 253 HOH HOH A . 
C 3 HOH 168 468 254 HOH HOH A . 
C 3 HOH 169 469 255 HOH HOH A . 
C 3 HOH 170 470 256 HOH HOH A . 
C 3 HOH 171 471 257 HOH HOH A . 
C 3 HOH 172 472 258 HOH HOH A . 
C 3 HOH 173 473 259 HOH HOH A . 
C 3 HOH 174 474 260 HOH HOH A . 
C 3 HOH 175 475 261 HOH HOH A . 
C 3 HOH 176 476 262 HOH HOH A . 
C 3 HOH 177 477 263 HOH HOH A . 
C 3 HOH 178 478 264 HOH HOH A . 
C 3 HOH 179 479 265 HOH HOH A . 
C 3 HOH 180 480 266 HOH HOH A . 
C 3 HOH 181 481 267 HOH HOH A . 
C 3 HOH 182 482 268 HOH HOH A . 
C 3 HOH 183 483 269 HOH HOH A . 
C 3 HOH 184 484 270 HOH HOH A . 
C 3 HOH 185 485 271 HOH HOH A . 
C 3 HOH 186 486 272 HOH HOH A . 
# 
_pdbx_struct_assembly.id                   1 
_pdbx_struct_assembly.details              author_defined_assembly 
_pdbx_struct_assembly.method_details       ? 
_pdbx_struct_assembly.oligomeric_details   monomeric 
_pdbx_struct_assembly.oligomeric_count     1 
# 
_pdbx_struct_assembly_gen.assembly_id       1 
_pdbx_struct_assembly_gen.oper_expression   1 
_pdbx_struct_assembly_gen.asym_id_list      A,B,C 
# 
_pdbx_struct_oper_list.id                   1 
_pdbx_struct_oper_list.type                 'identity operation' 
_pdbx_struct_oper_list.name                 1_555 
_pdbx_struct_oper_list.symmetry_operation   x,y,z 
_pdbx_struct_oper_list.matrix[1][1]         1.0000000000 
_pdbx_struct_oper_list.matrix[1][2]         0.0000000000 
_pdbx_struct_oper_list.matrix[1][3]         0.0000000000 
_pdbx_struct_oper_list.vector[1]            0.0000000000 
_pdbx_struct_oper_list.matrix[2][1]         0.0000000000 
_pdbx_struct_oper_list.matrix[2][2]         1.0000000000 
_pdbx_struct_oper_list.matrix[2][3]         0.0000000000 
_pdbx_struct_oper_list.vector[2]            0.0000000000 
_pdbx_struct_oper_list.matrix[3][1]         0.0000000000 
_pdbx_struct_oper_list.matrix[3][2]         0.0000000000 
_pdbx_struct_oper_list.matrix[3][3]         1.0000000000 
_pdbx_struct_oper_list.vector[3]            0.0000000000 
# 
loop_
_pdbx_audit_revision_history.ordinal 
_pdbx_audit_revision_history.data_content_type 
_pdbx_audit_revision_history.major_revision 
_pdbx_audit_revision_history.minor_revision 
_pdbx_audit_revision_history.revision_date 
1 'Structure model' 1 0 2004-02-17 
2 'Structure model' 1 1 2008-04-26 
3 'Structure model' 1 2 2011-07-13 
4 'Structure model' 1 3 2023-08-16 
# 
_pdbx_audit_revision_details.ordinal             1 
_pdbx_audit_revision_details.revision_ordinal    1 
_pdbx_audit_revision_details.data_content_type   'Structure model' 
_pdbx_audit_revision_details.provider            repository 
_pdbx_audit_revision_details.type                'Initial release' 
_pdbx_audit_revision_details.description         ? 
_pdbx_audit_revision_details.details             ? 
# 
loop_
_pdbx_audit_revision_group.ordinal 
_pdbx_audit_revision_group.revision_ordinal 
_pdbx_audit_revision_group.data_content_type 
_pdbx_audit_revision_group.group 
1 2 'Structure model' 'Version format compliance' 
2 3 'Structure model' 'Version format compliance' 
3 4 'Structure model' 'Data collection'           
4 4 'Structure model' 'Database references'       
5 4 'Structure model' 'Derived calculations'      
6 4 'Structure model' 'Refinement description'    
# 
loop_
_pdbx_audit_revision_category.ordinal 
_pdbx_audit_revision_category.revision_ordinal 
_pdbx_audit_revision_category.data_content_type 
_pdbx_audit_revision_category.category 
1 4 'Structure model' chem_comp_atom                
2 4 'Structure model' chem_comp_bond                
3 4 'Structure model' database_2                    
4 4 'Structure model' pdbx_initial_refinement_model 
5 4 'Structure model' struct_site                   
# 
loop_
_pdbx_audit_revision_item.ordinal 
_pdbx_audit_revision_item.revision_ordinal 
_pdbx_audit_revision_item.data_content_type 
_pdbx_audit_revision_item.item 
1 4 'Structure model' '_database_2.pdbx_DOI'                
2 4 'Structure model' '_database_2.pdbx_database_accession' 
3 4 'Structure model' '_struct_site.pdbx_auth_asym_id'      
4 4 'Structure model' '_struct_site.pdbx_auth_comp_id'      
5 4 'Structure model' '_struct_site.pdbx_auth_seq_id'       
# 
loop_
_software.name 
_software.classification 
_software.version 
_software.citation_id 
_software.pdbx_ordinal 
XDS    'data scaling'   .     ? 1 
XDS    'data reduction' .     ? 2 
X-PLOR 'model building' 3.851 ? 3 
X-PLOR refinement       3.851 ? 4 
X-PLOR phasing          3.851 ? 5 
# 
loop_
_pdbx_validate_torsion.id 
_pdbx_validate_torsion.PDB_model_num 
_pdbx_validate_torsion.auth_comp_id 
_pdbx_validate_torsion.auth_asym_id 
_pdbx_validate_torsion.auth_seq_id 
_pdbx_validate_torsion.PDB_ins_code 
_pdbx_validate_torsion.label_alt_id 
_pdbx_validate_torsion.phi 
_pdbx_validate_torsion.psi 
1 1 LEU A 22  ? ? -81.79  37.79   
2 1 ASP A 94  ? ? 50.69   -118.28 
3 1 THR A 101 ? ? -109.34 -79.76  
# 
loop_
_pdbx_unobs_or_zero_occ_residues.id 
_pdbx_unobs_or_zero_occ_residues.PDB_model_num 
_pdbx_unobs_or_zero_occ_residues.polymer_flag 
_pdbx_unobs_or_zero_occ_residues.occupancy_flag 
_pdbx_unobs_or_zero_occ_residues.auth_asym_id 
_pdbx_unobs_or_zero_occ_residues.auth_comp_id 
_pdbx_unobs_or_zero_occ_residues.auth_seq_id 
_pdbx_unobs_or_zero_occ_residues.PDB_ins_code 
_pdbx_unobs_or_zero_occ_residues.label_asym_id 
_pdbx_unobs_or_zero_occ_residues.label_comp_id 
_pdbx_unobs_or_zero_occ_residues.label_seq_id 
1 1 Y 1 A SER 107 ? A SER 107 
2 1 Y 1 A LYS 108 ? A LYS 108 
# 
loop_
_chem_comp_atom.comp_id 
_chem_comp_atom.atom_id 
_chem_comp_atom.type_symbol 
_chem_comp_atom.pdbx_aromatic_flag 
_chem_comp_atom.pdbx_stereo_config 
_chem_comp_atom.pdbx_ordinal 
853 C1   C Y N 1   
853 C2   C Y N 2   
853 C3   C Y N 3   
853 C4   C Y N 4   
853 C5   C Y N 5   
853 C6   C Y N 6   
853 C10  C N N 7   
853 C11  C N S 8   
853 C14  C N N 9   
853 N15  N N N 10  
853 O16  O N N 11  
853 N17  N N N 12  
853 C18  C N N 13  
853 O19  O N N 14  
853 C20  C N N 15  
853 C24  C N S 16  
853 C25  C N N 17  
853 N26  N N N 18  
853 O27  O N N 19  
853 C28  C N N 20  
853 C29  C N N 21  
853 C32  C N N 22  
853 C33  C Y N 23  
853 C36  C N N 24  
853 C39  C N N 25  
853 C46  C Y N 26  
853 C47  C Y N 27  
853 C48  C Y N 28  
853 C49  C Y N 29  
853 C50  C Y N 30  
853 C55  C Y N 31  
853 C56  C Y N 32  
853 C57  C Y N 33  
853 C58  C Y N 34  
853 C59  C Y N 35  
853 C60  C Y N 36  
853 C68  C N N 37  
853 O69  O N N 38  
853 O70  O N N 39  
853 C71  C N N 40  
853 C72  C N N 41  
853 O75  O N N 42  
853 O76  O N N 43  
853 H2   H N N 44  
853 H3   H N N 45  
853 H6   H N N 46  
853 H101 H N N 47  
853 H102 H N N 48  
853 H11  H N N 49  
853 H15  H N N 50  
853 H17  H N N 51  
853 H201 H N N 52  
853 H202 H N N 53  
853 H203 H N N 54  
853 H24  H N N 55  
853 H281 H N N 56  
853 H282 H N N 57  
853 H291 H N N 58  
853 H292 H N N 59  
853 H321 H N N 60  
853 H322 H N N 61  
853 H361 H N N 62  
853 H362 H N N 63  
853 H391 H N N 64  
853 H392 H N N 65  
853 H46  H N N 66  
853 H47  H N N 67  
853 H49  H N N 68  
853 H50  H N N 69  
853 H56  H N N 70  
853 H57  H N N 71  
853 H58  H N N 72  
853 H59  H N N 73  
853 H60  H N N 74  
853 H69  H N N 75  
853 H711 H N N 76  
853 H712 H N N 77  
853 H75  H N N 78  
ALA N    N N N 79  
ALA CA   C N S 80  
ALA C    C N N 81  
ALA O    O N N 82  
ALA CB   C N N 83  
ALA OXT  O N N 84  
ALA H    H N N 85  
ALA H2   H N N 86  
ALA HA   H N N 87  
ALA HB1  H N N 88  
ALA HB2  H N N 89  
ALA HB3  H N N 90  
ALA HXT  H N N 91  
ARG N    N N N 92  
ARG CA   C N S 93  
ARG C    C N N 94  
ARG O    O N N 95  
ARG CB   C N N 96  
ARG CG   C N N 97  
ARG CD   C N N 98  
ARG NE   N N N 99  
ARG CZ   C N N 100 
ARG NH1  N N N 101 
ARG NH2  N N N 102 
ARG OXT  O N N 103 
ARG H    H N N 104 
ARG H2   H N N 105 
ARG HA   H N N 106 
ARG HB2  H N N 107 
ARG HB3  H N N 108 
ARG HG2  H N N 109 
ARG HG3  H N N 110 
ARG HD2  H N N 111 
ARG HD3  H N N 112 
ARG HE   H N N 113 
ARG HH11 H N N 114 
ARG HH12 H N N 115 
ARG HH21 H N N 116 
ARG HH22 H N N 117 
ARG HXT  H N N 118 
ASN N    N N N 119 
ASN CA   C N S 120 
ASN C    C N N 121 
ASN O    O N N 122 
ASN CB   C N N 123 
ASN CG   C N N 124 
ASN OD1  O N N 125 
ASN ND2  N N N 126 
ASN OXT  O N N 127 
ASN H    H N N 128 
ASN H2   H N N 129 
ASN HA   H N N 130 
ASN HB2  H N N 131 
ASN HB3  H N N 132 
ASN HD21 H N N 133 
ASN HD22 H N N 134 
ASN HXT  H N N 135 
ASP N    N N N 136 
ASP CA   C N S 137 
ASP C    C N N 138 
ASP O    O N N 139 
ASP CB   C N N 140 
ASP CG   C N N 141 
ASP OD1  O N N 142 
ASP OD2  O N N 143 
ASP OXT  O N N 144 
ASP H    H N N 145 
ASP H2   H N N 146 
ASP HA   H N N 147 
ASP HB2  H N N 148 
ASP HB3  H N N 149 
ASP HD2  H N N 150 
ASP HXT  H N N 151 
CYS N    N N N 152 
CYS CA   C N R 153 
CYS C    C N N 154 
CYS O    O N N 155 
CYS CB   C N N 156 
CYS SG   S N N 157 
CYS OXT  O N N 158 
CYS H    H N N 159 
CYS H2   H N N 160 
CYS HA   H N N 161 
CYS HB2  H N N 162 
CYS HB3  H N N 163 
CYS HG   H N N 164 
CYS HXT  H N N 165 
GLN N    N N N 166 
GLN CA   C N S 167 
GLN C    C N N 168 
GLN O    O N N 169 
GLN CB   C N N 170 
GLN CG   C N N 171 
GLN CD   C N N 172 
GLN OE1  O N N 173 
GLN NE2  N N N 174 
GLN OXT  O N N 175 
GLN H    H N N 176 
GLN H2   H N N 177 
GLN HA   H N N 178 
GLN HB2  H N N 179 
GLN HB3  H N N 180 
GLN HG2  H N N 181 
GLN HG3  H N N 182 
GLN HE21 H N N 183 
GLN HE22 H N N 184 
GLN HXT  H N N 185 
GLU N    N N N 186 
GLU CA   C N S 187 
GLU C    C N N 188 
GLU O    O N N 189 
GLU CB   C N N 190 
GLU CG   C N N 191 
GLU CD   C N N 192 
GLU OE1  O N N 193 
GLU OE2  O N N 194 
GLU OXT  O N N 195 
GLU H    H N N 196 
GLU H2   H N N 197 
GLU HA   H N N 198 
GLU HB2  H N N 199 
GLU HB3  H N N 200 
GLU HG2  H N N 201 
GLU HG3  H N N 202 
GLU HE2  H N N 203 
GLU HXT  H N N 204 
GLY N    N N N 205 
GLY CA   C N N 206 
GLY C    C N N 207 
GLY O    O N N 208 
GLY OXT  O N N 209 
GLY H    H N N 210 
GLY H2   H N N 211 
GLY HA2  H N N 212 
GLY HA3  H N N 213 
GLY HXT  H N N 214 
HIS N    N N N 215 
HIS CA   C N S 216 
HIS C    C N N 217 
HIS O    O N N 218 
HIS CB   C N N 219 
HIS CG   C Y N 220 
HIS ND1  N Y N 221 
HIS CD2  C Y N 222 
HIS CE1  C Y N 223 
HIS NE2  N Y N 224 
HIS OXT  O N N 225 
HIS H    H N N 226 
HIS H2   H N N 227 
HIS HA   H N N 228 
HIS HB2  H N N 229 
HIS HB3  H N N 230 
HIS HD1  H N N 231 
HIS HD2  H N N 232 
HIS HE1  H N N 233 
HIS HE2  H N N 234 
HIS HXT  H N N 235 
HOH O    O N N 236 
HOH H1   H N N 237 
HOH H2   H N N 238 
ILE N    N N N 239 
ILE CA   C N S 240 
ILE C    C N N 241 
ILE O    O N N 242 
ILE CB   C N S 243 
ILE CG1  C N N 244 
ILE CG2  C N N 245 
ILE CD1  C N N 246 
ILE OXT  O N N 247 
ILE H    H N N 248 
ILE H2   H N N 249 
ILE HA   H N N 250 
ILE HB   H N N 251 
ILE HG12 H N N 252 
ILE HG13 H N N 253 
ILE HG21 H N N 254 
ILE HG22 H N N 255 
ILE HG23 H N N 256 
ILE HD11 H N N 257 
ILE HD12 H N N 258 
ILE HD13 H N N 259 
ILE HXT  H N N 260 
LEU N    N N N 261 
LEU CA   C N S 262 
LEU C    C N N 263 
LEU O    O N N 264 
LEU CB   C N N 265 
LEU CG   C N N 266 
LEU CD1  C N N 267 
LEU CD2  C N N 268 
LEU OXT  O N N 269 
LEU H    H N N 270 
LEU H2   H N N 271 
LEU HA   H N N 272 
LEU HB2  H N N 273 
LEU HB3  H N N 274 
LEU HG   H N N 275 
LEU HD11 H N N 276 
LEU HD12 H N N 277 
LEU HD13 H N N 278 
LEU HD21 H N N 279 
LEU HD22 H N N 280 
LEU HD23 H N N 281 
LEU HXT  H N N 282 
LYS N    N N N 283 
LYS CA   C N S 284 
LYS C    C N N 285 
LYS O    O N N 286 
LYS CB   C N N 287 
LYS CG   C N N 288 
LYS CD   C N N 289 
LYS CE   C N N 290 
LYS NZ   N N N 291 
LYS OXT  O N N 292 
LYS H    H N N 293 
LYS H2   H N N 294 
LYS HA   H N N 295 
LYS HB2  H N N 296 
LYS HB3  H N N 297 
LYS HG2  H N N 298 
LYS HG3  H N N 299 
LYS HD2  H N N 300 
LYS HD3  H N N 301 
LYS HE2  H N N 302 
LYS HE3  H N N 303 
LYS HZ1  H N N 304 
LYS HZ2  H N N 305 
LYS HZ3  H N N 306 
LYS HXT  H N N 307 
PHE N    N N N 308 
PHE CA   C N S 309 
PHE C    C N N 310 
PHE O    O N N 311 
PHE CB   C N N 312 
PHE CG   C Y N 313 
PHE CD1  C Y N 314 
PHE CD2  C Y N 315 
PHE CE1  C Y N 316 
PHE CE2  C Y N 317 
PHE CZ   C Y N 318 
PHE OXT  O N N 319 
PHE H    H N N 320 
PHE H2   H N N 321 
PHE HA   H N N 322 
PHE HB2  H N N 323 
PHE HB3  H N N 324 
PHE HD1  H N N 325 
PHE HD2  H N N 326 
PHE HE1  H N N 327 
PHE HE2  H N N 328 
PHE HZ   H N N 329 
PHE HXT  H N N 330 
PRO N    N N N 331 
PRO CA   C N S 332 
PRO C    C N N 333 
PRO O    O N N 334 
PRO CB   C N N 335 
PRO CG   C N N 336 
PRO CD   C N N 337 
PRO OXT  O N N 338 
PRO H    H N N 339 
PRO HA   H N N 340 
PRO HB2  H N N 341 
PRO HB3  H N N 342 
PRO HG2  H N N 343 
PRO HG3  H N N 344 
PRO HD2  H N N 345 
PRO HD3  H N N 346 
PRO HXT  H N N 347 
SER N    N N N 348 
SER CA   C N S 349 
SER C    C N N 350 
SER O    O N N 351 
SER CB   C N N 352 
SER OG   O N N 353 
SER OXT  O N N 354 
SER H    H N N 355 
SER H2   H N N 356 
SER HA   H N N 357 
SER HB2  H N N 358 
SER HB3  H N N 359 
SER HG   H N N 360 
SER HXT  H N N 361 
THR N    N N N 362 
THR CA   C N S 363 
THR C    C N N 364 
THR O    O N N 365 
THR CB   C N R 366 
THR OG1  O N N 367 
THR CG2  C N N 368 
THR OXT  O N N 369 
THR H    H N N 370 
THR H2   H N N 371 
THR HA   H N N 372 
THR HB   H N N 373 
THR HG1  H N N 374 
THR HG21 H N N 375 
THR HG22 H N N 376 
THR HG23 H N N 377 
THR HXT  H N N 378 
TRP N    N N N 379 
TRP CA   C N S 380 
TRP C    C N N 381 
TRP O    O N N 382 
TRP CB   C N N 383 
TRP CG   C Y N 384 
TRP CD1  C Y N 385 
TRP CD2  C Y N 386 
TRP NE1  N Y N 387 
TRP CE2  C Y N 388 
TRP CE3  C Y N 389 
TRP CZ2  C Y N 390 
TRP CZ3  C Y N 391 
TRP CH2  C Y N 392 
TRP OXT  O N N 393 
TRP H    H N N 394 
TRP H2   H N N 395 
TRP HA   H N N 396 
TRP HB2  H N N 397 
TRP HB3  H N N 398 
TRP HD1  H N N 399 
TRP HE1  H N N 400 
TRP HE3  H N N 401 
TRP HZ2  H N N 402 
TRP HZ3  H N N 403 
TRP HH2  H N N 404 
TRP HXT  H N N 405 
TYR N    N N N 406 
TYR CA   C N S 407 
TYR C    C N N 408 
TYR O    O N N 409 
TYR CB   C N N 410 
TYR CG   C Y N 411 
TYR CD1  C Y N 412 
TYR CD2  C Y N 413 
TYR CE1  C Y N 414 
TYR CE2  C Y N 415 
TYR CZ   C Y N 416 
TYR OH   O N N 417 
TYR OXT  O N N 418 
TYR H    H N N 419 
TYR H2   H N N 420 
TYR HA   H N N 421 
TYR HB2  H N N 422 
TYR HB3  H N N 423 
TYR HD1  H N N 424 
TYR HD2  H N N 425 
TYR HE1  H N N 426 
TYR HE2  H N N 427 
TYR HH   H N N 428 
TYR HXT  H N N 429 
VAL N    N N N 430 
VAL CA   C N S 431 
VAL C    C N N 432 
VAL O    O N N 433 
VAL CB   C N N 434 
VAL CG1  C N N 435 
VAL CG2  C N N 436 
VAL OXT  O N N 437 
VAL H    H N N 438 
VAL H2   H N N 439 
VAL HA   H N N 440 
VAL HB   H N N 441 
VAL HG11 H N N 442 
VAL HG12 H N N 443 
VAL HG13 H N N 444 
VAL HG21 H N N 445 
VAL HG22 H N N 446 
VAL HG23 H N N 447 
VAL HXT  H N N 448 
# 
loop_
_chem_comp_bond.comp_id 
_chem_comp_bond.atom_id_1 
_chem_comp_bond.atom_id_2 
_chem_comp_bond.value_order 
_chem_comp_bond.pdbx_aromatic_flag 
_chem_comp_bond.pdbx_stereo_config 
_chem_comp_bond.pdbx_ordinal 
853 C1  C2   doub Y N 1   
853 C1  C6   sing Y N 2   
853 C1  C10  sing N N 3   
853 C2  C3   sing Y N 4   
853 C2  H2   sing N N 5   
853 C3  C4   doub Y N 6   
853 C3  H3   sing N N 7   
853 C4  C5   sing Y N 8   
853 C4  C71  sing N N 9   
853 C5  C6   doub Y N 10  
853 C5  C68  sing N N 11  
853 C6  H6   sing N N 12  
853 C10 C11  sing N N 13  
853 C10 H101 sing N N 14  
853 C10 H102 sing N N 15  
853 C11 C14  sing N N 16  
853 C11 N17  sing N N 17  
853 C11 H11  sing N N 18  
853 C14 N15  sing N N 19  
853 C14 O16  doub N N 20  
853 N15 C24  sing N N 21  
853 N15 H15  sing N N 22  
853 N17 C18  sing N N 23  
853 N17 H17  sing N N 24  
853 C18 O19  doub N N 25  
853 C18 C20  sing N N 26  
853 C20 H201 sing N N 27  
853 C20 H202 sing N N 28  
853 C20 H203 sing N N 29  
853 C24 C25  sing N N 30  
853 C24 C39  sing N N 31  
853 C24 H24  sing N N 32  
853 C25 N26  sing N N 33  
853 C25 O27  doub N N 34  
853 N26 C28  sing N N 35  
853 N26 C32  sing N N 36  
853 C28 C29  sing N N 37  
853 C28 H281 sing N N 38  
853 C28 H282 sing N N 39  
853 C29 C36  sing N N 40  
853 C29 H291 sing N N 41  
853 C29 H292 sing N N 42  
853 C32 C33  sing N N 43  
853 C32 H321 sing N N 44  
853 C32 H322 sing N N 45  
853 C33 C46  sing Y N 46  
853 C33 C50  doub Y N 47  
853 C36 C39  sing N N 48  
853 C36 H361 sing N N 49  
853 C36 H362 sing N N 50  
853 C39 H391 sing N N 51  
853 C39 H392 sing N N 52  
853 C46 C47  doub Y N 53  
853 C46 H46  sing N N 54  
853 C47 C48  sing Y N 55  
853 C47 H47  sing N N 56  
853 C48 C49  doub Y N 57  
853 C48 C55  sing Y N 58  
853 C49 C50  sing Y N 59  
853 C49 H49  sing N N 60  
853 C50 H50  sing N N 61  
853 C55 C56  sing Y N 62  
853 C55 C60  doub Y N 63  
853 C56 C57  doub Y N 64  
853 C56 H56  sing N N 65  
853 C57 C58  sing Y N 66  
853 C57 H57  sing N N 67  
853 C58 C59  doub Y N 68  
853 C58 H58  sing N N 69  
853 C59 C60  sing Y N 70  
853 C59 H59  sing N N 71  
853 C60 H60  sing N N 72  
853 C68 O69  sing N N 73  
853 C68 O70  doub N N 74  
853 O69 H69  sing N N 75  
853 C71 C72  sing N N 76  
853 C71 H711 sing N N 77  
853 C71 H712 sing N N 78  
853 C72 O75  sing N N 79  
853 C72 O76  doub N N 80  
853 O75 H75  sing N N 81  
ALA N   CA   sing N N 82  
ALA N   H    sing N N 83  
ALA N   H2   sing N N 84  
ALA CA  C    sing N N 85  
ALA CA  CB   sing N N 86  
ALA CA  HA   sing N N 87  
ALA C   O    doub N N 88  
ALA C   OXT  sing N N 89  
ALA CB  HB1  sing N N 90  
ALA CB  HB2  sing N N 91  
ALA CB  HB3  sing N N 92  
ALA OXT HXT  sing N N 93  
ARG N   CA   sing N N 94  
ARG N   H    sing N N 95  
ARG N   H2   sing N N 96  
ARG CA  C    sing N N 97  
ARG CA  CB   sing N N 98  
ARG CA  HA   sing N N 99  
ARG C   O    doub N N 100 
ARG C   OXT  sing N N 101 
ARG CB  CG   sing N N 102 
ARG CB  HB2  sing N N 103 
ARG CB  HB3  sing N N 104 
ARG CG  CD   sing N N 105 
ARG CG  HG2  sing N N 106 
ARG CG  HG3  sing N N 107 
ARG CD  NE   sing N N 108 
ARG CD  HD2  sing N N 109 
ARG CD  HD3  sing N N 110 
ARG NE  CZ   sing N N 111 
ARG NE  HE   sing N N 112 
ARG CZ  NH1  sing N N 113 
ARG CZ  NH2  doub N N 114 
ARG NH1 HH11 sing N N 115 
ARG NH1 HH12 sing N N 116 
ARG NH2 HH21 sing N N 117 
ARG NH2 HH22 sing N N 118 
ARG OXT HXT  sing N N 119 
ASN N   CA   sing N N 120 
ASN N   H    sing N N 121 
ASN N   H2   sing N N 122 
ASN CA  C    sing N N 123 
ASN CA  CB   sing N N 124 
ASN CA  HA   sing N N 125 
ASN C   O    doub N N 126 
ASN C   OXT  sing N N 127 
ASN CB  CG   sing N N 128 
ASN CB  HB2  sing N N 129 
ASN CB  HB3  sing N N 130 
ASN CG  OD1  doub N N 131 
ASN CG  ND2  sing N N 132 
ASN ND2 HD21 sing N N 133 
ASN ND2 HD22 sing N N 134 
ASN OXT HXT  sing N N 135 
ASP N   CA   sing N N 136 
ASP N   H    sing N N 137 
ASP N   H2   sing N N 138 
ASP CA  C    sing N N 139 
ASP CA  CB   sing N N 140 
ASP CA  HA   sing N N 141 
ASP C   O    doub N N 142 
ASP C   OXT  sing N N 143 
ASP CB  CG   sing N N 144 
ASP CB  HB2  sing N N 145 
ASP CB  HB3  sing N N 146 
ASP CG  OD1  doub N N 147 
ASP CG  OD2  sing N N 148 
ASP OD2 HD2  sing N N 149 
ASP OXT HXT  sing N N 150 
CYS N   CA   sing N N 151 
CYS N   H    sing N N 152 
CYS N   H2   sing N N 153 
CYS CA  C    sing N N 154 
CYS CA  CB   sing N N 155 
CYS CA  HA   sing N N 156 
CYS C   O    doub N N 157 
CYS C   OXT  sing N N 158 
CYS CB  SG   sing N N 159 
CYS CB  HB2  sing N N 160 
CYS CB  HB3  sing N N 161 
CYS SG  HG   sing N N 162 
CYS OXT HXT  sing N N 163 
GLN N   CA   sing N N 164 
GLN N   H    sing N N 165 
GLN N   H2   sing N N 166 
GLN CA  C    sing N N 167 
GLN CA  CB   sing N N 168 
GLN CA  HA   sing N N 169 
GLN C   O    doub N N 170 
GLN C   OXT  sing N N 171 
GLN CB  CG   sing N N 172 
GLN CB  HB2  sing N N 173 
GLN CB  HB3  sing N N 174 
GLN CG  CD   sing N N 175 
GLN CG  HG2  sing N N 176 
GLN CG  HG3  sing N N 177 
GLN CD  OE1  doub N N 178 
GLN CD  NE2  sing N N 179 
GLN NE2 HE21 sing N N 180 
GLN NE2 HE22 sing N N 181 
GLN OXT HXT  sing N N 182 
GLU N   CA   sing N N 183 
GLU N   H    sing N N 184 
GLU N   H2   sing N N 185 
GLU CA  C    sing N N 186 
GLU CA  CB   sing N N 187 
GLU CA  HA   sing N N 188 
GLU C   O    doub N N 189 
GLU C   OXT  sing N N 190 
GLU CB  CG   sing N N 191 
GLU CB  HB2  sing N N 192 
GLU CB  HB3  sing N N 193 
GLU CG  CD   sing N N 194 
GLU CG  HG2  sing N N 195 
GLU CG  HG3  sing N N 196 
GLU CD  OE1  doub N N 197 
GLU CD  OE2  sing N N 198 
GLU OE2 HE2  sing N N 199 
GLU OXT HXT  sing N N 200 
GLY N   CA   sing N N 201 
GLY N   H    sing N N 202 
GLY N   H2   sing N N 203 
GLY CA  C    sing N N 204 
GLY CA  HA2  sing N N 205 
GLY CA  HA3  sing N N 206 
GLY C   O    doub N N 207 
GLY C   OXT  sing N N 208 
GLY OXT HXT  sing N N 209 
HIS N   CA   sing N N 210 
HIS N   H    sing N N 211 
HIS N   H2   sing N N 212 
HIS CA  C    sing N N 213 
HIS CA  CB   sing N N 214 
HIS CA  HA   sing N N 215 
HIS C   O    doub N N 216 
HIS C   OXT  sing N N 217 
HIS CB  CG   sing N N 218 
HIS CB  HB2  sing N N 219 
HIS CB  HB3  sing N N 220 
HIS CG  ND1  sing Y N 221 
HIS CG  CD2  doub Y N 222 
HIS ND1 CE1  doub Y N 223 
HIS ND1 HD1  sing N N 224 
HIS CD2 NE2  sing Y N 225 
HIS CD2 HD2  sing N N 226 
HIS CE1 NE2  sing Y N 227 
HIS CE1 HE1  sing N N 228 
HIS NE2 HE2  sing N N 229 
HIS OXT HXT  sing N N 230 
HOH O   H1   sing N N 231 
HOH O   H2   sing N N 232 
ILE N   CA   sing N N 233 
ILE N   H    sing N N 234 
ILE N   H2   sing N N 235 
ILE CA  C    sing N N 236 
ILE CA  CB   sing N N 237 
ILE CA  HA   sing N N 238 
ILE C   O    doub N N 239 
ILE C   OXT  sing N N 240 
ILE CB  CG1  sing N N 241 
ILE CB  CG2  sing N N 242 
ILE CB  HB   sing N N 243 
ILE CG1 CD1  sing N N 244 
ILE CG1 HG12 sing N N 245 
ILE CG1 HG13 sing N N 246 
ILE CG2 HG21 sing N N 247 
ILE CG2 HG22 sing N N 248 
ILE CG2 HG23 sing N N 249 
ILE CD1 HD11 sing N N 250 
ILE CD1 HD12 sing N N 251 
ILE CD1 HD13 sing N N 252 
ILE OXT HXT  sing N N 253 
LEU N   CA   sing N N 254 
LEU N   H    sing N N 255 
LEU N   H2   sing N N 256 
LEU CA  C    sing N N 257 
LEU CA  CB   sing N N 258 
LEU CA  HA   sing N N 259 
LEU C   O    doub N N 260 
LEU C   OXT  sing N N 261 
LEU CB  CG   sing N N 262 
LEU CB  HB2  sing N N 263 
LEU CB  HB3  sing N N 264 
LEU CG  CD1  sing N N 265 
LEU CG  CD2  sing N N 266 
LEU CG  HG   sing N N 267 
LEU CD1 HD11 sing N N 268 
LEU CD1 HD12 sing N N 269 
LEU CD1 HD13 sing N N 270 
LEU CD2 HD21 sing N N 271 
LEU CD2 HD22 sing N N 272 
LEU CD2 HD23 sing N N 273 
LEU OXT HXT  sing N N 274 
LYS N   CA   sing N N 275 
LYS N   H    sing N N 276 
LYS N   H2   sing N N 277 
LYS CA  C    sing N N 278 
LYS CA  CB   sing N N 279 
LYS CA  HA   sing N N 280 
LYS C   O    doub N N 281 
LYS C   OXT  sing N N 282 
LYS CB  CG   sing N N 283 
LYS CB  HB2  sing N N 284 
LYS CB  HB3  sing N N 285 
LYS CG  CD   sing N N 286 
LYS CG  HG2  sing N N 287 
LYS CG  HG3  sing N N 288 
LYS CD  CE   sing N N 289 
LYS CD  HD2  sing N N 290 
LYS CD  HD3  sing N N 291 
LYS CE  NZ   sing N N 292 
LYS CE  HE2  sing N N 293 
LYS CE  HE3  sing N N 294 
LYS NZ  HZ1  sing N N 295 
LYS NZ  HZ2  sing N N 296 
LYS NZ  HZ3  sing N N 297 
LYS OXT HXT  sing N N 298 
PHE N   CA   sing N N 299 
PHE N   H    sing N N 300 
PHE N   H2   sing N N 301 
PHE CA  C    sing N N 302 
PHE CA  CB   sing N N 303 
PHE CA  HA   sing N N 304 
PHE C   O    doub N N 305 
PHE C   OXT  sing N N 306 
PHE CB  CG   sing N N 307 
PHE CB  HB2  sing N N 308 
PHE CB  HB3  sing N N 309 
PHE CG  CD1  doub Y N 310 
PHE CG  CD2  sing Y N 311 
PHE CD1 CE1  sing Y N 312 
PHE CD1 HD1  sing N N 313 
PHE CD2 CE2  doub Y N 314 
PHE CD2 HD2  sing N N 315 
PHE CE1 CZ   doub Y N 316 
PHE CE1 HE1  sing N N 317 
PHE CE2 CZ   sing Y N 318 
PHE CE2 HE2  sing N N 319 
PHE CZ  HZ   sing N N 320 
PHE OXT HXT  sing N N 321 
PRO N   CA   sing N N 322 
PRO N   CD   sing N N 323 
PRO N   H    sing N N 324 
PRO CA  C    sing N N 325 
PRO CA  CB   sing N N 326 
PRO CA  HA   sing N N 327 
PRO C   O    doub N N 328 
PRO C   OXT  sing N N 329 
PRO CB  CG   sing N N 330 
PRO CB  HB2  sing N N 331 
PRO CB  HB3  sing N N 332 
PRO CG  CD   sing N N 333 
PRO CG  HG2  sing N N 334 
PRO CG  HG3  sing N N 335 
PRO CD  HD2  sing N N 336 
PRO CD  HD3  sing N N 337 
PRO OXT HXT  sing N N 338 
SER N   CA   sing N N 339 
SER N   H    sing N N 340 
SER N   H2   sing N N 341 
SER CA  C    sing N N 342 
SER CA  CB   sing N N 343 
SER CA  HA   sing N N 344 
SER C   O    doub N N 345 
SER C   OXT  sing N N 346 
SER CB  OG   sing N N 347 
SER CB  HB2  sing N N 348 
SER CB  HB3  sing N N 349 
SER OG  HG   sing N N 350 
SER OXT HXT  sing N N 351 
THR N   CA   sing N N 352 
THR N   H    sing N N 353 
THR N   H2   sing N N 354 
THR CA  C    sing N N 355 
THR CA  CB   sing N N 356 
THR CA  HA   sing N N 357 
THR C   O    doub N N 358 
THR C   OXT  sing N N 359 
THR CB  OG1  sing N N 360 
THR CB  CG2  sing N N 361 
THR CB  HB   sing N N 362 
THR OG1 HG1  sing N N 363 
THR CG2 HG21 sing N N 364 
THR CG2 HG22 sing N N 365 
THR CG2 HG23 sing N N 366 
THR OXT HXT  sing N N 367 
TRP N   CA   sing N N 368 
TRP N   H    sing N N 369 
TRP N   H2   sing N N 370 
TRP CA  C    sing N N 371 
TRP CA  CB   sing N N 372 
TRP CA  HA   sing N N 373 
TRP C   O    doub N N 374 
TRP C   OXT  sing N N 375 
TRP CB  CG   sing N N 376 
TRP CB  HB2  sing N N 377 
TRP CB  HB3  sing N N 378 
TRP CG  CD1  doub Y N 379 
TRP CG  CD2  sing Y N 380 
TRP CD1 NE1  sing Y N 381 
TRP CD1 HD1  sing N N 382 
TRP CD2 CE2  doub Y N 383 
TRP CD2 CE3  sing Y N 384 
TRP NE1 CE2  sing Y N 385 
TRP NE1 HE1  sing N N 386 
TRP CE2 CZ2  sing Y N 387 
TRP CE3 CZ3  doub Y N 388 
TRP CE3 HE3  sing N N 389 
TRP CZ2 CH2  doub Y N 390 
TRP CZ2 HZ2  sing N N 391 
TRP CZ3 CH2  sing Y N 392 
TRP CZ3 HZ3  sing N N 393 
TRP CH2 HH2  sing N N 394 
TRP OXT HXT  sing N N 395 
TYR N   CA   sing N N 396 
TYR N   H    sing N N 397 
TYR N   H2   sing N N 398 
TYR CA  C    sing N N 399 
TYR CA  CB   sing N N 400 
TYR CA  HA   sing N N 401 
TYR C   O    doub N N 402 
TYR C   OXT  sing N N 403 
TYR CB  CG   sing N N 404 
TYR CB  HB2  sing N N 405 
TYR CB  HB3  sing N N 406 
TYR CG  CD1  doub Y N 407 
TYR CG  CD2  sing Y N 408 
TYR CD1 CE1  sing Y N 409 
TYR CD1 HD1  sing N N 410 
TYR CD2 CE2  doub Y N 411 
TYR CD2 HD2  sing N N 412 
TYR CE1 CZ   doub Y N 413 
TYR CE1 HE1  sing N N 414 
TYR CE2 CZ   sing Y N 415 
TYR CE2 HE2  sing N N 416 
TYR CZ  OH   sing N N 417 
TYR OH  HH   sing N N 418 
TYR OXT HXT  sing N N 419 
VAL N   CA   sing N N 420 
VAL N   H    sing N N 421 
VAL N   H2   sing N N 422 
VAL CA  C    sing N N 423 
VAL CA  CB   sing N N 424 
VAL CA  HA   sing N N 425 
VAL C   O    doub N N 426 
VAL C   OXT  sing N N 427 
VAL CB  CG1  sing N N 428 
VAL CB  CG2  sing N N 429 
VAL CB  HB   sing N N 430 
VAL CG1 HG11 sing N N 431 
VAL CG1 HG12 sing N N 432 
VAL CG1 HG13 sing N N 433 
VAL CG2 HG21 sing N N 434 
VAL CG2 HG22 sing N N 435 
VAL CG2 HG23 sing N N 436 
VAL OXT HXT  sing N N 437 
# 
loop_
_pdbx_entity_nonpoly.entity_id 
_pdbx_entity_nonpoly.name 
_pdbx_entity_nonpoly.comp_id 
2 '5-[2-ACETYLAMINO-2-(1-BIPHENYL-4-YLMETHYL-2-OXO-AZEPAN-3-YLCARBAMOYL)-ETHYL]-2-CARBOXYMETHYL-BENZOIC ACID' 853 
3 water                                                                                                       HOH 
# 
_pdbx_initial_refinement_model.id               1 
_pdbx_initial_refinement_model.entity_id_list   ? 
_pdbx_initial_refinement_model.type             'experimental model' 
_pdbx_initial_refinement_model.source_name      PDB 
_pdbx_initial_refinement_model.accession_code   1SHD 
_pdbx_initial_refinement_model.details          ? 
# 
